data_2JAN
#
_entry.id   2JAN
#
_cell.length_a   71.262
_cell.length_b   78.440
_cell.length_c   81.633
_cell.angle_alpha   74.42
_cell.angle_beta   83.19
_cell.angle_gamma   82.95
#
_symmetry.space_group_name_H-M   'P 1'
#
loop_
_entity.id
_entity.type
_entity.pdbx_description
1 polymer 'TYROSYL-TRNA SYNTHETASE'
2 water water
#
_entity_poly.entity_id   1
_entity_poly.type   'polypeptide(L)'
_entity_poly.pdbx_seq_one_letter_code
;MSGMILDELSWRGLIAQSTDLDTLAAEAQRGPMTVYAGFDPTAPSLHAGHLVPLLTLRRFQRAGHRPIVLAGGATGMIGD
PRDVGERSLNEADTVAEWTERIRGQLERFVDFDDSPMGAIVENNLEWTGSLSAIEFLRDIGKHFSVNVMLARDTIRRRLA
GEGISYTEFSYLLLQANDYVELHRRHGCTLQIGGADQWGNIIAGVRLVRQKLGATVHALTVPLVTAADGTKFGKSTGGGS
LWLDPQMTSPYAWYQYFVNTADADVIRYLRWFTFLSADELAELEQATAQRPQQRAAQRRLASELTVLVHGEAATAAVEHA
SRALFGRGELARLDEATLAAALRETTVAELKPGSPDGIVDLLVASGLSASKGAARRTIHEGGVSVNNIRVDNEEWVPQSS
DFLHGRWLVLRRGKRSIAGVERIGLEHHHHHH
;
_entity_poly.pdbx_strand_id   A,B,C,D
#
# COMPACT_ATOMS: atom_id res chain seq x y z
N ILE A 5 16.34 2.48 1.00
CA ILE A 5 16.50 2.79 2.47
C ILE A 5 17.22 1.67 3.23
N LEU A 6 16.82 0.43 2.97
CA LEU A 6 17.51 -0.72 3.54
C LEU A 6 18.88 -0.90 2.87
N ASP A 7 18.98 -0.46 1.62
CA ASP A 7 20.25 -0.44 0.89
C ASP A 7 21.11 0.71 1.34
N GLU A 8 20.50 1.88 1.53
CA GLU A 8 21.18 3.03 2.13
C GLU A 8 21.84 2.62 3.43
N LEU A 9 21.03 2.09 4.35
CA LEU A 9 21.54 1.65 5.64
C LEU A 9 22.56 0.53 5.51
N SER A 10 22.34 -0.33 4.52
CA SER A 10 23.19 -1.50 4.29
C SER A 10 24.62 -1.14 3.93
N TRP A 11 24.79 -0.26 2.96
CA TRP A 11 26.14 0.13 2.51
C TRP A 11 26.83 1.05 3.50
N ARG A 12 26.08 1.94 4.15
CA ARG A 12 26.67 2.80 5.18
C ARG A 12 27.14 1.99 6.39
N GLY A 13 26.63 0.75 6.49
CA GLY A 13 26.98 -0.18 7.57
C GLY A 13 26.23 0.10 8.87
N LEU A 14 24.95 0.43 8.76
CA LEU A 14 24.15 0.85 9.91
C LEU A 14 23.22 -0.22 10.49
N ILE A 15 23.18 -1.41 9.90
CA ILE A 15 22.40 -2.55 10.45
C ILE A 15 23.24 -3.42 11.40
N ALA A 16 23.08 -3.17 12.69
CA ALA A 16 23.77 -3.95 13.74
C ALA A 16 23.14 -5.34 13.90
N GLN A 17 21.81 -5.36 13.94
CA GLN A 17 21.03 -6.62 13.99
C GLN A 17 19.60 -6.33 13.53
N SER A 18 18.92 -7.31 12.97
CA SER A 18 17.54 -7.09 12.54
C SER A 18 16.73 -8.37 12.45
N THR A 19 15.42 -8.18 12.33
CA THR A 19 14.54 -9.25 11.92
C THR A 19 14.63 -9.34 10.39
N ASP A 20 13.99 -10.35 9.81
CA ASP A 20 14.20 -10.65 8.40
C ASP A 20 14.19 -9.39 7.52
N LEU A 21 15.24 -9.22 6.72
CA LEU A 21 15.34 -8.05 5.82
C LEU A 21 14.36 -8.08 4.65
N ASP A 22 14.15 -9.27 4.08
CA ASP A 22 13.24 -9.43 2.92
C ASP A 22 11.83 -8.95 3.24
N THR A 23 11.29 -9.51 4.30
CA THR A 23 9.97 -9.16 4.80
C THR A 23 9.88 -7.66 5.06
N LEU A 24 10.93 -7.14 5.67
CA LEU A 24 11.02 -5.71 6.00
C LEU A 24 11.10 -4.85 4.73
N ALA A 25 11.93 -5.30 3.79
CA ALA A 25 12.04 -4.69 2.46
C ALA A 25 10.66 -4.63 1.78
N ALA A 26 9.98 -5.78 1.77
CA ALA A 26 8.62 -5.92 1.23
C ALA A 26 7.69 -4.82 1.74
N GLU A 27 7.65 -4.68 3.05
CA GLU A 27 6.80 -3.66 3.65
C GLU A 27 7.21 -2.22 3.31
N ALA A 28 8.52 -2.03 3.08
CA ALA A 28 9.06 -0.70 2.72
C ALA A 28 8.51 -0.20 1.38
N GLN A 29 8.50 -1.10 0.39
CA GLN A 29 7.95 -0.81 -0.95
C GLN A 29 6.46 -0.55 -0.87
N ARG A 30 5.74 -1.49 -0.24
CA ARG A 30 4.30 -1.35 0.03
C ARG A 30 3.94 0.10 0.37
N GLY A 31 4.86 0.80 1.03
CA GLY A 31 4.72 2.25 1.22
C GLY A 31 5.05 2.70 2.63
N PRO A 32 4.81 3.99 2.93
CA PRO A 32 5.29 4.61 4.16
C PRO A 32 5.03 3.80 5.42
N MET A 33 6.10 3.26 5.99
CA MET A 33 6.05 2.65 7.30
C MET A 33 6.06 3.72 8.36
N THR A 34 5.60 3.35 9.55
CA THR A 34 5.84 4.14 10.73
C THR A 34 6.92 3.45 11.58
N VAL A 35 8.04 4.14 11.75
CA VAL A 35 9.20 3.60 12.47
C VAL A 35 9.34 4.37 13.74
N TYR A 36 9.62 3.67 14.84
CA TYR A 36 9.83 4.34 16.13
C TYR A 36 11.16 4.03 16.78
N ALA A 37 11.60 4.97 17.60
CA ALA A 37 12.77 4.82 18.42
C ALA A 37 12.48 5.48 19.77
N GLY A 38 12.99 4.89 20.83
CA GLY A 38 12.69 5.33 22.19
C GLY A 38 13.90 5.95 22.84
N PHE A 39 13.65 6.83 23.79
CA PHE A 39 14.72 7.45 24.56
C PHE A 39 14.19 7.69 25.97
N ASP A 40 15.00 7.36 26.96
CA ASP A 40 14.62 7.51 28.37
C ASP A 40 15.74 8.12 29.20
N PRO A 41 16.35 9.24 28.73
CA PRO A 41 17.58 9.74 29.36
C PRO A 41 17.51 10.13 30.85
N THR A 42 18.69 10.09 31.47
CA THR A 42 18.96 10.72 32.75
C THR A 42 18.51 12.20 32.72
N ALA A 43 19.38 13.08 32.23
CA ALA A 43 19.10 14.53 32.24
C ALA A 43 18.02 14.89 31.24
N PRO A 44 17.66 16.19 31.17
CA PRO A 44 16.64 16.61 30.24
C PRO A 44 17.26 17.10 28.91
N SER A 45 18.16 16.29 28.37
CA SER A 45 18.84 16.60 27.11
C SER A 45 19.39 15.32 26.51
N LEU A 46 19.36 15.26 25.18
CA LEU A 46 20.06 14.22 24.45
C LEU A 46 21.57 14.49 24.45
N HIS A 47 22.34 13.43 24.29
CA HIS A 47 23.79 13.53 24.07
C HIS A 47 24.25 12.77 22.80
N ALA A 48 25.55 12.85 22.52
CA ALA A 48 26.17 12.25 21.32
C ALA A 48 25.78 10.78 21.12
N GLY A 49 25.58 10.09 22.24
CA GLY A 49 25.12 8.69 22.26
C GLY A 49 23.84 8.41 21.50
N HIS A 50 22.97 9.40 21.41
CA HIS A 50 21.68 9.24 20.72
C HIS A 50 21.76 9.50 19.21
N LEU A 51 22.87 10.08 18.75
CA LEU A 51 22.97 10.57 17.37
C LEU A 51 22.56 9.55 16.30
N VAL A 52 23.10 8.33 16.43
CA VAL A 52 22.95 7.33 15.38
C VAL A 52 21.49 6.88 15.19
N PRO A 53 20.83 6.41 16.27
CA PRO A 53 19.40 6.14 16.14
C PRO A 53 18.59 7.32 15.58
N LEU A 54 18.88 8.53 16.07
CA LEU A 54 18.13 9.72 15.66
C LEU A 54 18.39 10.08 14.20
N LEU A 55 19.65 10.20 13.83
CA LEU A 55 19.99 10.45 12.43
C LEU A 55 19.48 9.29 11.57
N THR A 56 19.43 8.09 12.13
CA THR A 56 18.88 6.96 11.38
C THR A 56 17.38 7.16 11.16
N LEU A 57 16.67 7.59 12.20
CA LEU A 57 15.27 8.00 12.05
C LEU A 57 15.15 9.03 10.94
N ARG A 58 16.06 10.00 10.92
CA ARG A 58 16.05 11.04 9.90
C ARG A 58 16.12 10.44 8.50
N ARG A 59 16.92 9.38 8.35
CA ARG A 59 17.06 8.72 7.05
C ARG A 59 15.73 8.12 6.60
N PHE A 60 15.03 7.52 7.54
CA PHE A 60 13.74 6.94 7.23
C PHE A 60 12.78 8.00 6.68
N GLN A 61 12.78 9.17 7.31
CA GLN A 61 11.91 10.26 6.88
C GLN A 61 12.30 10.71 5.49
N ARG A 62 13.61 10.91 5.29
CA ARG A 62 14.13 11.33 4.01
C ARG A 62 13.79 10.30 2.95
N ALA A 63 13.69 9.04 3.35
CA ALA A 63 13.29 7.95 2.46
C ALA A 63 11.78 7.77 2.28
N GLY A 64 10.99 8.69 2.85
CA GLY A 64 9.52 8.67 2.69
C GLY A 64 8.66 8.15 3.84
N HIS A 65 9.28 7.63 4.89
CA HIS A 65 8.55 7.02 6.01
C HIS A 65 8.33 8.00 7.18
N ARG A 66 7.53 7.58 8.16
CA ARG A 66 7.18 8.46 9.30
C ARG A 66 7.88 8.08 10.60
N PRO A 67 8.77 8.94 11.10
CA PRO A 67 9.39 8.67 12.39
C PRO A 67 8.56 9.07 13.63
N ILE A 68 8.70 8.28 14.68
CA ILE A 68 8.18 8.61 16.00
C ILE A 68 9.31 8.53 17.04
N VAL A 69 9.47 9.61 17.78
CA VAL A 69 10.36 9.60 18.93
C VAL A 69 9.48 9.36 20.16
N LEU A 70 9.67 8.21 20.81
CA LEU A 70 8.90 7.84 22.00
C LEU A 70 9.70 8.18 23.22
N ALA A 71 9.26 9.20 23.96
CA ALA A 71 9.83 9.53 25.26
C ALA A 71 9.30 8.52 26.24
N GLY A 72 10.21 7.78 26.86
CA GLY A 72 9.83 6.75 27.83
C GLY A 72 9.59 7.32 29.21
N GLY A 73 8.58 8.18 29.32
CA GLY A 73 8.28 8.88 30.57
C GLY A 73 7.98 7.99 31.77
N ALA A 74 7.35 6.85 31.51
CA ALA A 74 6.94 5.90 32.56
C ALA A 74 8.10 5.44 33.46
N THR A 75 9.25 5.15 32.86
CA THR A 75 10.37 4.57 33.60
C THR A 75 10.89 5.50 34.69
N GLY A 76 11.07 6.76 34.32
CA GLY A 76 11.53 7.78 35.26
C GLY A 76 10.55 8.04 36.38
N MET A 77 9.26 8.03 36.06
CA MET A 77 8.18 8.19 37.05
C MET A 77 8.12 7.01 38.03
N ILE A 78 8.59 5.84 37.63
CA ILE A 78 8.67 4.68 38.50
C ILE A 78 10.00 4.63 39.27
N GLY A 79 11.05 5.21 38.69
CA GLY A 79 12.43 4.98 39.15
C GLY A 79 12.85 5.61 40.46
N ASP A 80 12.24 6.75 40.80
CA ASP A 80 12.57 7.49 42.03
C ASP A 80 11.93 6.88 43.29
N PRO A 81 12.77 6.40 44.24
CA PRO A 81 12.22 5.89 45.52
C PRO A 81 11.59 6.97 46.40
N ARG A 82 11.79 8.24 46.04
CA ARG A 82 11.16 9.38 46.72
C ARG A 82 9.67 9.15 46.94
N ASP A 83 9.14 9.86 47.91
CA ASP A 83 7.88 9.52 48.53
C ASP A 83 6.98 10.72 48.37
N VAL A 84 5.67 10.52 48.53
CA VAL A 84 4.69 11.55 48.10
C VAL A 84 4.96 12.88 48.77
N GLY A 85 5.65 12.84 49.90
CA GLY A 85 6.02 14.06 50.59
C GLY A 85 6.50 15.11 49.58
N GLU A 86 6.98 14.62 48.46
CA GLU A 86 8.14 15.22 47.82
C GLU A 86 8.23 14.83 46.36
N ARG A 87 7.79 13.63 46.05
CA ARG A 87 7.45 13.25 44.69
C ARG A 87 6.43 14.23 44.12
N SER A 88 5.26 14.28 44.76
CA SER A 88 4.04 14.80 44.15
C SER A 88 4.19 16.16 43.50
N LEU A 89 4.54 17.16 44.33
CA LEU A 89 4.39 18.60 43.95
C LEU A 89 4.92 18.98 42.54
N ASN A 90 5.66 18.06 41.95
CA ASN A 90 6.62 18.35 40.92
C ASN A 90 6.57 17.34 39.79
N GLU A 91 6.05 16.15 40.09
CA GLU A 91 6.31 14.96 39.29
C GLU A 91 5.93 15.15 37.83
N ALA A 92 4.71 15.64 37.60
CA ALA A 92 4.09 15.61 36.28
C ALA A 92 4.49 16.83 35.48
N ASP A 93 4.89 17.87 36.19
CA ASP A 93 5.32 19.08 35.54
C ASP A 93 6.74 18.95 35.04
N THR A 94 7.64 18.35 35.83
CA THR A 94 9.01 18.13 35.35
C THR A 94 9.08 17.08 34.22
N VAL A 95 8.13 16.16 34.19
CA VAL A 95 8.06 15.19 33.09
C VAL A 95 7.66 15.89 31.80
N ALA A 96 6.71 16.82 31.91
CA ALA A 96 6.28 17.61 30.75
C ALA A 96 7.34 18.62 30.31
N GLU A 97 8.21 19.05 31.22
CA GLU A 97 9.33 19.92 30.88
C GLU A 97 10.41 19.14 30.12
N TRP A 98 10.74 17.97 30.65
CA TRP A 98 11.71 17.03 30.06
C TRP A 98 11.35 16.68 28.60
N THR A 99 10.06 16.52 28.31
CA THR A 99 9.64 16.16 26.95
C THR A 99 9.78 17.31 25.95
N GLU A 100 9.52 18.55 26.39
CA GLU A 100 9.55 19.71 25.48
C GLU A 100 10.99 20.09 25.09
N ARG A 101 11.86 20.17 26.10
CA ARG A 101 13.30 20.29 25.85
C ARG A 101 13.80 19.31 24.82
N ILE A 102 13.47 18.02 24.99
CA ILE A 102 13.83 16.99 24.02
C ILE A 102 13.13 17.17 22.68
N ARG A 103 11.86 17.55 22.70
CA ARG A 103 11.16 17.84 21.46
C ARG A 103 11.78 19.02 20.70
N GLY A 104 12.39 19.96 21.42
CA GLY A 104 13.01 21.11 20.77
C GLY A 104 14.22 20.71 19.95
N GLN A 105 15.05 19.86 20.57
CA GLN A 105 16.20 19.23 19.95
C GLN A 105 15.79 18.28 18.81
N LEU A 106 14.73 17.51 19.02
CA LEU A 106 14.24 16.58 17.99
C LEU A 106 13.90 17.30 16.67
N GLU A 107 13.48 18.57 16.75
CA GLU A 107 13.10 19.35 15.57
C GLU A 107 14.28 19.57 14.63
N ARG A 108 15.49 19.41 15.15
CA ARG A 108 16.70 19.53 14.37
C ARG A 108 16.90 18.33 13.44
N PHE A 109 16.49 17.15 13.90
CA PHE A 109 16.79 15.87 13.24
C PHE A 109 15.69 15.34 12.34
N VAL A 110 14.48 15.86 12.52
CA VAL A 110 13.29 15.25 11.93
C VAL A 110 12.21 16.31 11.81
N ASP A 111 11.56 16.36 10.65
CA ASP A 111 10.63 17.44 10.33
C ASP A 111 9.22 17.16 10.83
N PHE A 112 8.76 18.00 11.74
CA PHE A 112 7.37 17.99 12.23
C PHE A 112 6.51 18.92 11.40
N ASP A 113 5.47 18.34 10.83
CA ASP A 113 4.45 19.11 10.11
C ASP A 113 3.30 18.18 9.80
N ASP A 114 2.10 18.73 9.71
CA ASP A 114 0.93 17.94 9.38
C ASP A 114 1.02 17.48 7.93
N SER A 115 0.94 16.16 7.77
CA SER A 115 1.55 15.44 6.65
C SER A 115 1.63 13.97 7.07
N PRO A 116 1.63 13.04 6.11
CA PRO A 116 1.71 11.62 6.48
C PRO A 116 3.07 11.23 7.06
N MET A 117 4.12 11.85 6.55
CA MET A 117 5.51 11.60 6.99
C MET A 117 5.90 12.52 8.14
N GLY A 118 4.92 13.27 8.65
CA GLY A 118 5.15 14.19 9.75
C GLY A 118 5.51 13.46 11.01
N ALA A 119 6.62 13.86 11.61
CA ALA A 119 7.11 13.25 12.84
C ALA A 119 6.10 13.44 13.95
N ILE A 120 6.12 12.51 14.90
CA ILE A 120 5.33 12.61 16.11
C ILE A 120 6.29 12.39 17.24
N VAL A 121 6.16 13.18 18.30
CA VAL A 121 6.85 12.90 19.54
C VAL A 121 5.82 12.61 20.60
N GLU A 122 5.77 11.36 21.02
CA GLU A 122 4.85 10.95 22.08
C GLU A 122 5.58 10.60 23.38
N ASN A 123 4.84 10.64 24.48
CA ASN A 123 5.32 10.19 25.78
C ASN A 123 4.53 8.96 26.17
N ASN A 124 5.20 7.87 26.50
CA ASN A 124 4.48 6.60 26.80
C ASN A 124 3.59 6.67 28.06
N LEU A 125 3.58 7.82 28.73
CA LEU A 125 2.61 8.11 29.80
C LEU A 125 1.19 8.29 29.27
N GLU A 126 1.04 8.62 28.00
CA GLU A 126 -0.29 8.69 27.41
C GLU A 126 -1.05 7.37 27.41
N TRP A 127 -0.39 6.28 27.78
CA TRP A 127 -1.10 5.00 28.01
C TRP A 127 -0.79 4.36 29.36
N THR A 128 0.45 4.47 29.81
CA THR A 128 0.86 3.83 31.06
C THR A 128 0.35 4.60 32.27
N GLY A 129 0.19 5.90 32.10
CA GLY A 129 -0.30 6.78 33.17
C GLY A 129 -1.67 6.35 33.69
N SER A 130 -2.54 5.92 32.80
CA SER A 130 -3.91 5.48 33.15
C SER A 130 -4.04 3.96 33.22
N LEU A 131 -2.98 3.23 32.89
CA LEU A 131 -2.96 1.76 33.04
C LEU A 131 -3.06 1.34 34.51
N SER A 132 -4.00 0.45 34.81
CA SER A 132 -4.21 -0.04 36.17
C SER A 132 -3.46 -1.34 36.47
N ALA A 133 -3.08 -1.51 37.72
CA ALA A 133 -2.44 -2.74 38.18
C ALA A 133 -3.17 -3.99 37.65
N ILE A 134 -4.49 -3.97 37.69
CA ILE A 134 -5.27 -5.11 37.19
C ILE A 134 -5.11 -5.28 35.68
N GLU A 135 -5.34 -4.21 34.92
CA GLU A 135 -5.12 -4.22 33.45
C GLU A 135 -3.73 -4.78 33.11
N PHE A 136 -2.74 -4.19 33.78
CA PHE A 136 -1.33 -4.57 33.63
C PHE A 136 -1.11 -6.07 33.77
N LEU A 137 -1.46 -6.62 34.92
CA LEU A 137 -1.24 -8.05 35.21
C LEU A 137 -2.11 -8.95 34.31
N ARG A 138 -3.33 -8.50 34.02
CA ARG A 138 -4.28 -9.29 33.23
C ARG A 138 -3.91 -9.29 31.75
N ASP A 139 -3.82 -8.11 31.18
CA ASP A 139 -3.68 -7.94 29.72
C ASP A 139 -2.24 -8.08 29.21
N ILE A 140 -1.26 -7.63 29.99
CA ILE A 140 0.16 -7.73 29.60
C ILE A 140 0.95 -8.83 30.35
N GLY A 141 0.79 -8.90 31.66
CA GLY A 141 1.61 -9.80 32.47
C GLY A 141 1.48 -11.28 32.14
N LYS A 142 0.31 -11.66 31.65
CA LYS A 142 0.00 -13.06 31.35
C LYS A 142 0.83 -13.61 30.21
N HIS A 143 1.33 -12.73 29.36
CA HIS A 143 2.10 -13.15 28.19
C HIS A 143 3.57 -13.35 28.44
N PHE A 144 4.00 -13.27 29.69
CA PHE A 144 5.42 -13.42 30.02
C PHE A 144 5.66 -14.59 30.92
N SER A 145 6.64 -15.40 30.53
CA SER A 145 7.18 -16.47 31.37
C SER A 145 8.29 -15.91 32.26
N VAL A 146 8.17 -16.14 33.56
CA VAL A 146 9.22 -15.76 34.52
C VAL A 146 10.52 -16.48 34.17
N ASN A 147 10.41 -17.79 33.93
CA ASN A 147 11.55 -18.60 33.46
C ASN A 147 12.28 -17.96 32.28
N VAL A 148 11.51 -17.60 31.24
CA VAL A 148 12.07 -16.95 30.06
C VAL A 148 12.77 -15.62 30.39
N MET A 149 12.12 -14.80 31.22
CA MET A 149 12.66 -13.47 31.61
C MET A 149 13.98 -13.59 32.38
N LEU A 150 14.05 -14.59 33.26
CA LEU A 150 15.28 -14.86 34.03
C LEU A 150 16.45 -15.28 33.12
N ALA A 151 16.13 -15.97 32.04
CA ALA A 151 17.12 -16.46 31.07
C ALA A 151 17.85 -15.31 30.37
N ARG A 152 17.07 -14.34 29.89
CA ARG A 152 17.59 -13.13 29.23
C ARG A 152 18.83 -12.63 29.97
N ASP A 153 19.96 -12.56 29.27
CA ASP A 153 21.27 -12.45 29.95
C ASP A 153 21.63 -11.06 30.52
N THR A 154 20.98 -10.00 30.06
CA THR A 154 21.12 -8.70 30.75
C THR A 154 20.68 -8.95 32.19
N ILE A 155 19.53 -9.61 32.32
CA ILE A 155 18.93 -9.97 33.62
C ILE A 155 19.67 -11.12 34.31
N ARG A 156 20.00 -12.17 33.57
CA ARG A 156 20.72 -13.33 34.12
C ARG A 156 21.96 -12.91 34.94
N ARG A 157 22.77 -12.02 34.37
CA ARG A 157 24.00 -11.50 35.02
C ARG A 157 23.72 -10.51 36.16
N ARG A 158 22.75 -9.63 35.93
CA ARG A 158 22.35 -8.62 36.92
C ARG A 158 21.54 -9.19 38.10
N LEU A 159 21.11 -10.45 37.97
CA LEU A 159 20.34 -11.14 39.02
C LEU A 159 21.23 -11.99 39.93
N ALA A 160 22.54 -11.79 39.83
CA ALA A 160 23.49 -12.47 40.70
C ALA A 160 23.80 -11.59 41.90
N GLY A 161 23.74 -12.16 43.10
CA GLY A 161 24.03 -11.42 44.34
C GLY A 161 22.75 -10.93 44.97
N GLU A 162 22.73 -9.69 45.46
CA GLU A 162 21.49 -9.07 45.95
C GLU A 162 20.38 -9.14 44.89
N GLY A 163 20.79 -9.06 43.63
CA GLY A 163 19.88 -9.19 42.52
C GLY A 163 19.04 -7.94 42.36
N ILE A 164 17.76 -8.13 42.08
CA ILE A 164 16.95 -7.07 41.53
C ILE A 164 15.58 -6.96 42.18
N SER A 165 15.05 -5.74 42.20
CA SER A 165 13.70 -5.50 42.69
C SER A 165 12.68 -5.96 41.65
N TYR A 166 11.47 -6.25 42.13
CA TYR A 166 10.33 -6.60 41.27
C TYR A 166 10.09 -5.52 40.19
N THR A 167 10.31 -4.28 40.56
CA THR A 167 10.17 -3.14 39.63
C THR A 167 11.14 -3.18 38.43
N GLU A 168 12.43 -3.33 38.72
CA GLU A 168 13.46 -3.43 37.66
C GLU A 168 13.25 -4.63 36.74
N PHE A 169 12.72 -5.68 37.33
CA PHE A 169 12.40 -6.93 36.64
C PHE A 169 11.20 -6.74 35.68
N SER A 170 10.42 -5.70 35.91
CA SER A 170 9.17 -5.46 35.21
C SER A 170 9.29 -4.58 33.98
N TYR A 171 10.25 -3.66 34.01
CA TYR A 171 10.40 -2.68 32.91
C TYR A 171 10.24 -3.31 31.53
N LEU A 172 10.81 -4.49 31.35
CA LEU A 172 10.70 -5.27 30.10
C LEU A 172 9.23 -5.28 29.61
N LEU A 173 8.32 -5.71 30.47
CA LEU A 173 6.88 -5.78 30.11
C LEU A 173 6.35 -4.43 29.61
N LEU A 174 6.72 -3.36 30.29
CA LEU A 174 6.26 -2.02 29.89
C LEU A 174 6.89 -1.56 28.59
N GLN A 175 8.17 -1.87 28.43
CA GLN A 175 8.89 -1.59 27.18
C GLN A 175 8.18 -2.30 26.02
N ALA A 176 7.96 -3.59 26.18
CA ALA A 176 7.29 -4.42 25.20
C ALA A 176 5.94 -3.82 24.85
N ASN A 177 5.24 -3.40 25.89
CA ASN A 177 3.89 -2.88 25.72
C ASN A 177 3.82 -1.60 24.88
N ASP A 178 4.84 -0.77 24.97
CA ASP A 178 4.92 0.45 24.15
C ASP A 178 4.80 0.12 22.66
N TYR A 179 5.41 -0.99 22.25
CA TYR A 179 5.31 -1.43 20.86
C TYR A 179 3.86 -1.77 20.50
N VAL A 180 3.20 -2.55 21.38
CA VAL A 180 1.79 -2.95 21.16
C VAL A 180 0.94 -1.71 20.99
N GLU A 181 1.09 -0.81 21.94
CA GLU A 181 0.27 0.38 22.01
C GLU A 181 0.52 1.29 20.79
N LEU A 182 1.77 1.42 20.37
CA LEU A 182 2.11 2.26 19.20
C LEU A 182 1.65 1.64 17.86
N HIS A 183 1.56 0.33 17.80
CA HIS A 183 1.00 -0.35 16.62
C HIS A 183 -0.53 -0.17 16.56
N ARG A 184 -1.16 -0.13 17.72
CA ARG A 184 -2.59 0.15 17.81
C ARG A 184 -2.86 1.58 17.34
N ARG A 185 -2.11 2.53 17.90
CA ARG A 185 -2.42 3.96 17.73
C ARG A 185 -1.94 4.58 16.42
N HIS A 186 -0.84 4.07 15.87
CA HIS A 186 -0.25 4.66 14.66
C HIS A 186 0.14 3.64 13.58
N GLY A 187 -0.34 2.40 13.72
CA GLY A 187 0.00 1.33 12.78
C GLY A 187 1.49 1.12 12.67
N CYS A 188 2.19 1.50 13.73
CA CYS A 188 3.65 1.45 13.80
C CYS A 188 4.16 0.03 13.60
N THR A 189 5.12 -0.11 12.70
CA THR A 189 5.45 -1.42 12.15
C THR A 189 6.94 -1.82 12.25
N LEU A 190 7.76 -0.90 12.78
CA LEU A 190 9.18 -1.13 13.00
C LEU A 190 9.71 -0.27 14.14
N GLN A 191 10.52 -0.87 15.00
CA GLN A 191 11.18 -0.11 16.05
C GLN A 191 12.66 -0.21 15.81
N ILE A 192 13.37 0.89 16.08
CA ILE A 192 14.83 0.90 15.98
C ILE A 192 15.44 1.42 17.26
N GLY A 193 16.67 0.96 17.51
CA GLY A 193 17.43 1.39 18.67
C GLY A 193 18.92 1.12 18.55
N GLY A 194 19.58 1.23 19.69
CA GLY A 194 21.00 0.89 19.77
C GLY A 194 21.15 -0.61 19.74
N ALA A 195 22.38 -1.07 19.61
CA ALA A 195 22.66 -2.49 19.48
C ALA A 195 22.35 -3.18 20.79
N ASP A 196 22.68 -2.53 21.90
CA ASP A 196 22.42 -3.08 23.24
C ASP A 196 20.94 -3.28 23.51
N GLN A 197 20.10 -2.46 22.90
CA GLN A 197 18.65 -2.50 23.14
C GLN A 197 17.90 -3.65 22.48
N TRP A 198 18.56 -4.40 21.61
CA TRP A 198 17.90 -5.51 20.88
C TRP A 198 16.99 -6.34 21.77
N GLY A 199 17.52 -6.77 22.90
CA GLY A 199 16.81 -7.70 23.78
C GLY A 199 15.36 -7.35 24.06
N ASN A 200 15.13 -6.13 24.53
CA ASN A 200 13.77 -5.75 24.83
C ASN A 200 13.00 -5.17 23.65
N ILE A 201 13.68 -4.84 22.55
CA ILE A 201 12.96 -4.48 21.30
C ILE A 201 12.25 -5.71 20.70
N ILE A 202 12.94 -6.83 20.68
CA ILE A 202 12.34 -8.08 20.22
C ILE A 202 11.26 -8.59 21.21
N ALA A 203 11.43 -8.21 22.48
CA ALA A 203 10.41 -8.47 23.50
C ALA A 203 9.07 -7.91 23.04
N GLY A 204 9.13 -6.70 22.48
CA GLY A 204 7.96 -6.01 21.92
C GLY A 204 7.44 -6.68 20.67
N VAL A 205 8.31 -6.88 19.69
CA VAL A 205 7.93 -7.61 18.48
C VAL A 205 7.11 -8.84 18.88
N ARG A 206 7.69 -9.65 19.75
CA ARG A 206 7.04 -10.88 20.23
C ARG A 206 5.64 -10.62 20.84
N LEU A 207 5.58 -9.71 21.80
CA LEU A 207 4.33 -9.36 22.48
C LEU A 207 3.29 -8.83 21.52
N VAL A 208 3.71 -8.10 20.49
CA VAL A 208 2.78 -7.59 19.49
C VAL A 208 2.11 -8.74 18.71
N ARG A 209 2.84 -9.83 18.50
CA ARG A 209 2.28 -10.97 17.79
C ARG A 209 1.28 -11.71 18.68
N GLN A 210 1.73 -12.09 19.87
CA GLN A 210 0.85 -12.71 20.86
C GLN A 210 -0.43 -11.94 21.06
N LYS A 211 -0.30 -10.70 21.53
CA LYS A 211 -1.48 -9.87 21.82
C LYS A 211 -2.31 -9.53 20.59
N LEU A 212 -1.64 -8.98 19.58
CA LEU A 212 -2.32 -8.34 18.43
C LEU A 212 -2.33 -9.15 17.15
N GLY A 213 -1.57 -10.24 17.12
CA GLY A 213 -1.52 -11.14 15.94
C GLY A 213 -0.67 -10.68 14.75
N ALA A 214 -0.31 -9.40 14.73
CA ALA A 214 0.47 -8.81 13.64
C ALA A 214 1.94 -9.21 13.73
N THR A 215 2.58 -9.41 12.57
CA THR A 215 4.02 -9.51 12.52
C THR A 215 4.59 -8.12 12.28
N VAL A 216 5.43 -7.67 13.22
CA VAL A 216 6.11 -6.38 13.10
C VAL A 216 7.61 -6.63 13.13
N HIS A 217 8.40 -5.58 12.97
CA HIS A 217 9.86 -5.75 12.78
C HIS A 217 10.73 -4.99 13.76
N ALA A 218 12.02 -5.31 13.71
CA ALA A 218 13.05 -4.71 14.56
C ALA A 218 14.35 -4.54 13.80
N LEU A 219 15.01 -3.40 14.02
CA LEU A 219 16.33 -3.13 13.41
C LEU A 219 17.14 -2.31 14.37
N THR A 220 18.26 -2.83 14.82
CA THR A 220 19.16 -2.05 15.65
C THR A 220 20.31 -1.48 14.86
N VAL A 221 20.89 -0.45 15.45
CA VAL A 221 21.90 0.36 14.81
C VAL A 221 23.19 0.17 15.64
N PRO A 222 24.37 0.40 15.04
CA PRO A 222 25.59 0.10 15.82
C PRO A 222 25.87 1.05 16.99
N LEU A 223 26.47 0.52 18.04
CA LEU A 223 27.07 1.36 19.08
C LEU A 223 28.37 1.86 18.49
N VAL A 224 28.69 3.12 18.73
CA VAL A 224 29.84 3.74 18.10
C VAL A 224 31.09 3.63 18.96
N THR A 225 32.10 2.92 18.47
CA THR A 225 33.38 2.81 19.14
C THR A 225 34.52 3.32 18.26
N ALA A 226 35.42 4.10 18.85
CA ALA A 226 36.59 4.60 18.14
C ALA A 226 37.47 3.41 17.74
N ALA A 227 38.30 3.63 16.72
CA ALA A 227 39.23 2.59 16.28
C ALA A 227 40.24 2.22 17.40
N ASP A 228 40.55 3.20 18.26
CA ASP A 228 41.43 2.97 19.40
C ASP A 228 40.73 2.28 20.58
N GLY A 229 39.52 1.78 20.35
CA GLY A 229 38.77 1.03 21.36
C GLY A 229 37.91 1.87 22.29
N THR A 230 38.18 3.17 22.34
CA THR A 230 37.46 4.06 23.25
C THR A 230 36.02 4.27 22.83
N LYS A 231 35.18 4.57 23.83
CA LYS A 231 33.76 4.78 23.60
C LYS A 231 33.53 6.17 23.03
N PHE A 232 32.58 6.27 22.09
CA PHE A 232 32.26 7.54 21.42
C PHE A 232 31.38 8.40 22.33
N GLY A 233 31.52 9.70 22.20
CA GLY A 233 30.63 10.64 22.88
C GLY A 233 30.87 10.87 24.37
N LYS A 234 32.10 10.62 24.82
CA LYS A 234 32.51 10.93 26.19
C LYS A 234 33.54 12.07 26.16
N SER A 235 33.53 12.91 27.18
CA SER A 235 34.49 14.02 27.28
C SER A 235 35.91 13.52 27.60
N THR A 236 36.91 14.28 27.12
CA THR A 236 38.36 13.99 27.28
C THR A 236 38.70 13.15 28.52
N GLY A 237 38.12 13.58 29.63
CA GLY A 237 38.09 12.79 30.86
C GLY A 237 36.80 13.16 31.56
N GLY A 238 35.86 12.23 31.62
CA GLY A 238 34.55 12.48 32.23
C GLY A 238 33.41 11.89 31.44
N GLY A 239 32.40 12.72 31.19
CA GLY A 239 31.10 12.24 30.72
C GLY A 239 30.60 12.84 29.42
N SER A 240 29.29 13.05 29.36
CA SER A 240 28.56 13.22 28.11
C SER A 240 28.75 14.54 27.40
N LEU A 241 28.56 14.51 26.07
CA LEU A 241 28.47 15.71 25.25
C LEU A 241 27.01 15.99 24.95
N TRP A 242 26.51 17.12 25.44
CA TRP A 242 25.09 17.40 25.41
C TRP A 242 24.71 18.20 24.19
N LEU A 243 23.49 18.00 23.73
CA LEU A 243 22.97 18.76 22.61
C LEU A 243 22.56 20.16 23.03
N ASP A 244 22.31 20.35 24.32
CA ASP A 244 21.97 21.67 24.85
C ASP A 244 23.19 22.60 24.98
N PRO A 245 23.12 23.80 24.36
CA PRO A 245 24.27 24.69 24.30
C PRO A 245 24.79 25.14 25.66
N GLN A 246 23.89 25.31 26.61
CA GLN A 246 24.30 25.79 27.93
C GLN A 246 24.77 24.66 28.85
N MET A 247 24.76 23.43 28.35
CA MET A 247 25.46 22.30 29.02
C MET A 247 26.80 22.00 28.33
N THR A 248 26.79 21.97 26.99
CA THR A 248 27.99 21.86 26.16
C THR A 248 27.95 22.98 25.16
N SER A 249 28.90 23.88 25.22
CA SER A 249 28.90 25.01 24.31
C SER A 249 28.98 24.47 22.88
N PRO A 250 28.42 25.21 21.90
CA PRO A 250 28.62 24.90 20.49
C PRO A 250 30.09 24.69 20.15
N TYR A 251 30.96 25.52 20.73
CA TYR A 251 32.41 25.41 20.52
C TYR A 251 32.90 24.01 20.91
N ALA A 252 32.50 23.57 22.09
CA ALA A 252 32.91 22.24 22.59
C ALA A 252 32.34 21.13 21.73
N TRP A 253 31.15 21.37 21.17
CA TRP A 253 30.52 20.42 20.28
C TRP A 253 31.37 20.31 19.02
N TYR A 254 31.57 21.43 18.34
CA TYR A 254 32.46 21.50 17.16
C TYR A 254 33.81 20.81 17.42
N GLN A 255 34.50 21.27 18.45
CA GLN A 255 35.86 20.80 18.76
C GLN A 255 35.92 19.31 19.06
N TYR A 256 34.85 18.77 19.64
CA TYR A 256 34.81 17.33 19.87
C TYR A 256 34.95 16.60 18.55
N PHE A 257 34.14 17.02 17.58
CA PHE A 257 34.11 16.39 16.26
C PHE A 257 35.28 16.78 15.37
N VAL A 258 35.83 17.99 15.55
CA VAL A 258 37.03 18.40 14.80
C VAL A 258 38.26 17.56 15.22
N ASN A 259 38.21 16.97 16.42
CA ASN A 259 39.29 16.14 16.93
C ASN A 259 39.08 14.63 16.77
N THR A 260 38.07 14.26 16.00
CA THR A 260 37.90 12.87 15.59
C THR A 260 39.21 12.38 14.95
N ALA A 261 39.69 11.23 15.41
CA ALA A 261 40.89 10.62 14.84
C ALA A 261 40.70 10.46 13.35
N ASP A 262 41.80 10.52 12.61
CA ASP A 262 41.80 10.16 11.19
C ASP A 262 41.22 8.77 10.97
N ALA A 263 41.53 7.82 11.86
CA ALA A 263 41.04 6.44 11.72
C ALA A 263 39.51 6.31 11.68
N ASP A 264 38.81 7.23 12.34
CA ASP A 264 37.34 7.14 12.45
C ASP A 264 36.58 8.07 11.53
N VAL A 265 37.21 9.18 11.12
CA VAL A 265 36.51 10.35 10.53
C VAL A 265 35.61 10.03 9.34
N ILE A 266 36.02 9.11 8.46
CA ILE A 266 35.19 8.73 7.31
C ILE A 266 33.98 7.88 7.72
N ARG A 267 34.19 6.97 8.67
CA ARG A 267 33.12 6.11 9.17
C ARG A 267 32.06 6.95 9.83
N TYR A 268 32.51 7.87 10.67
CA TYR A 268 31.60 8.77 11.37
C TYR A 268 30.88 9.65 10.35
N LEU A 269 31.61 10.21 9.39
CA LEU A 269 30.97 10.96 8.30
C LEU A 269 29.88 10.12 7.65
N ARG A 270 30.19 8.85 7.45
CA ARG A 270 29.26 7.91 6.81
C ARG A 270 28.03 7.64 7.68
N TRP A 271 28.19 7.59 9.00
CA TRP A 271 27.08 7.27 9.90
C TRP A 271 26.27 8.50 10.34
N PHE A 272 26.93 9.65 10.46
CA PHE A 272 26.31 10.84 11.05
C PHE A 272 25.80 11.86 10.03
N THR A 273 26.12 11.67 8.76
CA THR A 273 25.83 12.68 7.74
C THR A 273 25.22 12.07 6.51
N PHE A 274 24.83 12.91 5.55
CA PHE A 274 24.14 12.47 4.33
C PHE A 274 25.01 12.51 3.05
N LEU A 275 26.31 12.70 3.22
CA LEU A 275 27.25 12.65 2.11
C LEU A 275 27.13 11.34 1.31
N SER A 276 27.26 11.45 0.01
CA SER A 276 27.23 10.30 -0.91
C SER A 276 28.47 9.43 -0.77
N ALA A 277 28.42 8.24 -1.36
CA ALA A 277 29.57 7.31 -1.36
C ALA A 277 30.78 7.95 -2.03
N ASP A 278 30.51 8.70 -3.10
CA ASP A 278 31.54 9.40 -3.84
C ASP A 278 32.12 10.53 -3.03
N GLU A 279 31.26 11.43 -2.55
CA GLU A 279 31.71 12.51 -1.64
C GLU A 279 32.62 12.02 -0.50
N LEU A 280 32.28 10.88 0.07
CA LEU A 280 33.06 10.25 1.13
C LEU A 280 34.41 9.82 0.58
N ALA A 281 34.37 9.11 -0.55
CA ALA A 281 35.58 8.71 -1.26
C ALA A 281 36.56 9.88 -1.45
N GLU A 282 36.04 11.05 -1.79
CA GLU A 282 36.86 12.25 -2.00
C GLU A 282 37.60 12.64 -0.75
N LEU A 283 36.86 12.74 0.34
CA LEU A 283 37.42 13.07 1.66
C LEU A 283 38.35 11.99 2.21
N GLU A 284 38.06 10.74 1.89
CA GLU A 284 38.92 9.63 2.30
C GLU A 284 40.31 9.79 1.71
N GLN A 285 40.35 10.06 0.41
CA GLN A 285 41.60 10.37 -0.27
C GLN A 285 42.26 11.60 0.33
N ALA A 286 41.47 12.65 0.53
CA ALA A 286 41.91 13.88 1.20
C ALA A 286 42.60 13.57 2.53
N THR A 287 41.98 12.73 3.36
CA THR A 287 42.57 12.37 4.66
C THR A 287 43.88 11.57 4.52
N ALA A 288 43.90 10.63 3.58
CA ALA A 288 45.11 9.87 3.32
C ALA A 288 46.21 10.81 2.81
N GLN A 289 45.88 11.63 1.83
CA GLN A 289 46.86 12.48 1.16
C GLN A 289 47.32 13.71 1.97
N ARG A 290 46.38 14.38 2.60
CA ARG A 290 46.65 15.63 3.29
C ARG A 290 46.06 15.65 4.71
N PRO A 291 46.51 14.70 5.55
CA PRO A 291 46.02 14.49 6.92
C PRO A 291 46.13 15.73 7.80
N GLN A 292 47.14 16.54 7.52
CA GLN A 292 47.42 17.78 8.26
C GLN A 292 46.33 18.84 8.07
N GLN A 293 45.67 18.77 6.92
CA GLN A 293 44.69 19.78 6.53
C GLN A 293 43.32 19.58 7.21
N ARG A 294 43.09 18.35 7.69
CA ARG A 294 41.87 18.00 8.45
C ARG A 294 40.55 18.33 7.75
N ALA A 295 40.54 18.19 6.43
CA ALA A 295 39.31 18.41 5.64
C ALA A 295 38.13 17.59 6.16
N ALA A 296 38.36 16.30 6.39
CA ALA A 296 37.29 15.38 6.78
C ALA A 296 36.68 15.77 8.11
N GLN A 297 37.55 16.02 9.09
CA GLN A 297 37.12 16.42 10.44
C GLN A 297 36.40 17.77 10.46
N ARG A 298 36.84 18.69 9.61
CA ARG A 298 36.21 20.01 9.59
C ARG A 298 34.82 19.90 8.98
N ARG A 299 34.66 18.97 8.06
CA ARG A 299 33.35 18.74 7.45
C ARG A 299 32.39 18.12 8.47
N LEU A 300 32.87 17.10 9.17
CA LEU A 300 32.12 16.45 10.25
C LEU A 300 31.67 17.46 11.28
N ALA A 301 32.63 18.23 11.79
CA ALA A 301 32.36 19.26 12.79
C ALA A 301 31.32 20.25 12.26
N SER A 302 31.54 20.72 11.03
CA SER A 302 30.62 21.63 10.37
C SER A 302 29.22 21.03 10.21
N GLU A 303 29.13 19.80 9.68
CA GLU A 303 27.84 19.15 9.43
C GLU A 303 27.05 18.92 10.72
N LEU A 304 27.74 18.46 11.75
CA LEU A 304 27.09 18.13 13.03
C LEU A 304 26.79 19.36 13.93
N THR A 305 27.56 20.43 13.79
CA THR A 305 27.27 21.69 14.51
C THR A 305 26.09 22.44 13.88
N VAL A 306 25.96 22.36 12.57
CA VAL A 306 24.80 22.93 11.87
C VAL A 306 23.55 22.12 12.25
N LEU A 307 23.67 20.80 12.18
CA LEU A 307 22.55 19.94 12.53
C LEU A 307 21.96 20.38 13.88
N VAL A 308 22.82 20.56 14.87
CA VAL A 308 22.36 20.76 16.26
C VAL A 308 22.13 22.24 16.61
N HIS A 309 23.08 23.11 16.26
CA HIS A 309 23.06 24.51 16.68
C HIS A 309 22.80 25.50 15.55
N GLY A 310 22.62 24.99 14.34
CA GLY A 310 22.32 25.86 13.20
C GLY A 310 23.55 26.49 12.58
N GLU A 311 23.34 27.05 11.37
CA GLU A 311 24.43 27.63 10.55
C GLU A 311 25.16 28.79 11.26
N ALA A 312 24.40 29.67 11.91
CA ALA A 312 24.95 30.88 12.51
C ALA A 312 25.99 30.54 13.57
N ALA A 313 25.60 29.69 14.51
CA ALA A 313 26.50 29.26 15.59
C ALA A 313 27.73 28.52 15.08
N THR A 314 27.57 27.79 13.98
CA THR A 314 28.68 27.08 13.35
C THR A 314 29.63 28.09 12.72
N ALA A 315 29.06 29.05 12.00
CA ALA A 315 29.81 30.17 11.43
C ALA A 315 30.69 30.84 12.49
N ALA A 316 30.08 31.13 13.64
CA ALA A 316 30.78 31.74 14.78
C ALA A 316 31.92 30.89 15.31
N VAL A 317 31.66 29.61 15.51
CA VAL A 317 32.63 28.68 16.09
C VAL A 317 33.86 28.48 15.18
N GLU A 318 33.64 28.52 13.87
CA GLU A 318 34.73 28.41 12.91
C GLU A 318 35.57 29.69 12.90
N HIS A 319 34.90 30.85 12.90
CA HIS A 319 35.60 32.14 12.90
C HIS A 319 36.45 32.28 14.16
N ALA A 320 35.86 31.93 15.30
CA ALA A 320 36.53 32.00 16.60
C ALA A 320 37.82 31.18 16.63
N SER A 321 37.72 29.92 16.27
CA SER A 321 38.88 29.01 16.23
C SER A 321 39.92 29.38 15.16
N ARG A 322 39.54 30.23 14.21
CA ARG A 322 40.49 30.81 13.25
C ARG A 322 41.15 32.07 13.82
N ALA A 323 40.33 33.00 14.32
CA ALA A 323 40.82 34.26 14.91
C ALA A 323 41.68 34.02 16.16
N LEU A 324 41.34 32.99 16.94
CA LEU A 324 42.01 32.74 18.22
C LEU A 324 43.49 32.37 18.07
N PHE A 325 43.88 31.88 16.90
CA PHE A 325 45.29 31.58 16.58
C PHE A 325 45.81 32.46 15.46
N GLY A 326 45.52 33.76 15.54
CA GLY A 326 46.01 34.74 14.55
C GLY A 326 45.19 34.82 13.26
N ARG A 327 44.78 33.68 12.73
CA ARG A 327 44.23 33.58 11.38
C ARG A 327 42.79 34.07 11.30
N GLY A 328 42.63 35.39 11.43
CA GLY A 328 41.32 36.04 11.42
C GLY A 328 41.22 37.11 12.49
N GLU A 329 40.14 37.90 12.43
CA GLU A 329 39.95 39.08 13.28
C GLU A 329 38.97 38.81 14.44
N LEU A 330 39.49 38.89 15.67
CA LEU A 330 38.69 38.56 16.87
C LEU A 330 37.85 39.73 17.40
N ALA A 331 37.91 40.87 16.71
CA ALA A 331 37.03 42.01 16.99
C ALA A 331 35.59 41.67 16.60
N ARG A 332 35.45 40.82 15.59
CA ARG A 332 34.17 40.40 15.03
C ARG A 332 33.37 39.41 15.90
N LEU A 333 34.04 38.71 16.83
CA LEU A 333 33.45 37.57 17.53
C LEU A 333 32.29 37.91 18.47
N ASP A 334 31.34 36.99 18.49
CA ASP A 334 30.28 36.95 19.47
C ASP A 334 30.91 36.69 20.85
N GLU A 335 30.57 37.53 21.81
CA GLU A 335 31.05 37.39 23.19
C GLU A 335 30.77 35.99 23.73
N ALA A 336 29.55 35.51 23.51
CA ALA A 336 29.12 34.17 23.92
C ALA A 336 30.07 33.08 23.45
N THR A 337 30.47 33.16 22.18
CA THR A 337 31.39 32.19 21.59
C THR A 337 32.78 32.33 22.22
N LEU A 338 33.29 33.57 22.25
CA LEU A 338 34.63 33.87 22.79
C LEU A 338 34.79 33.33 24.22
N ALA A 339 33.73 33.49 25.00
CA ALA A 339 33.68 32.99 26.38
C ALA A 339 33.92 31.47 26.44
N ALA A 340 33.07 30.75 25.73
CA ALA A 340 33.19 29.29 25.58
C ALA A 340 34.62 28.93 25.12
N ALA A 341 35.05 29.57 24.04
CA ALA A 341 36.37 29.34 23.46
C ALA A 341 37.49 29.38 24.49
N LEU A 342 37.48 30.43 25.32
CA LEU A 342 38.52 30.64 26.35
C LEU A 342 38.31 29.74 27.58
N ARG A 343 37.05 29.38 27.85
CA ARG A 343 36.71 28.50 28.98
C ARG A 343 37.19 27.06 28.81
N GLU A 344 37.52 26.68 27.58
CA GLU A 344 38.15 25.38 27.30
C GLU A 344 39.60 25.38 27.78
N THR A 345 40.32 26.44 27.43
CA THR A 345 41.70 26.62 27.89
C THR A 345 41.74 27.08 29.35
N THR A 346 42.92 27.47 29.81
CA THR A 346 43.12 27.91 31.20
C THR A 346 43.01 29.43 31.30
N VAL A 347 41.98 29.91 32.01
CA VAL A 347 41.64 31.36 32.08
C VAL A 347 41.95 32.03 33.45
N ALA A 348 42.74 33.10 33.41
CA ALA A 348 43.20 33.81 34.61
C ALA A 348 42.29 34.99 34.92
N GLU A 349 41.71 34.98 36.11
CA GLU A 349 40.65 35.92 36.48
C GLU A 349 41.28 37.17 37.11
N LEU A 350 41.18 38.29 36.40
CA LEU A 350 41.80 39.55 36.87
C LEU A 350 40.84 40.38 37.73
N LYS A 351 40.81 40.04 39.02
CA LYS A 351 40.06 40.82 40.04
C LYS A 351 40.58 42.28 40.12
N PRO A 352 39.76 43.19 40.68
CA PRO A 352 40.23 44.57 40.85
C PRO A 352 41.36 44.71 41.88
N GLY A 353 42.40 45.44 41.49
CA GLY A 353 43.58 45.67 42.34
C GLY A 353 44.78 44.81 41.99
N SER A 354 44.54 43.54 41.66
CA SER A 354 45.62 42.59 41.31
C SER A 354 46.44 43.08 40.09
N PRO A 355 47.68 42.60 39.94
CA PRO A 355 48.60 43.24 38.99
C PRO A 355 48.19 43.10 37.53
N ASP A 356 48.43 44.17 36.76
CA ASP A 356 48.03 44.27 35.35
C ASP A 356 49.10 43.79 34.39
N GLY A 357 50.34 44.20 34.64
CA GLY A 357 51.46 43.99 33.72
C GLY A 357 51.46 42.67 32.97
N ILE A 358 51.77 42.73 31.68
CA ILE A 358 51.82 41.55 30.80
C ILE A 358 52.52 40.34 31.44
N VAL A 359 53.60 40.58 32.17
CA VAL A 359 54.35 39.49 32.79
C VAL A 359 53.54 38.81 33.89
N ASP A 360 52.79 39.59 34.66
CA ASP A 360 51.95 39.05 35.73
C ASP A 360 50.85 38.14 35.17
N LEU A 361 50.25 38.59 34.08
CA LEU A 361 49.16 37.87 33.42
C LEU A 361 49.64 36.55 32.81
N LEU A 362 50.82 36.58 32.20
CA LEU A 362 51.47 35.34 31.72
C LEU A 362 51.58 34.30 32.85
N VAL A 363 52.13 34.72 33.98
CA VAL A 363 52.24 33.83 35.14
C VAL A 363 50.88 33.45 35.74
N ALA A 364 49.93 34.38 35.67
CA ALA A 364 48.58 34.14 36.19
C ALA A 364 47.84 33.09 35.35
N SER A 365 48.06 33.13 34.04
CA SER A 365 47.30 32.32 33.07
C SER A 365 47.93 30.96 32.74
N GLY A 366 49.10 30.69 33.30
CA GLY A 366 49.81 29.42 33.07
C GLY A 366 50.72 29.39 31.83
N LEU A 367 50.70 30.45 31.03
CA LEU A 367 51.48 30.49 29.79
C LEU A 367 52.99 30.51 30.05
N SER A 368 53.40 31.16 31.14
CA SER A 368 54.79 31.10 31.60
C SER A 368 54.85 30.73 33.07
N ALA A 369 55.88 29.98 33.44
CA ALA A 369 56.06 29.43 34.79
C ALA A 369 56.67 30.45 35.77
N SER A 370 57.42 31.42 35.23
CA SER A 370 58.07 32.43 36.06
C SER A 370 57.94 33.85 35.52
N LYS A 371 58.20 34.82 36.40
CA LYS A 371 58.18 36.24 36.07
C LYS A 371 59.34 36.62 35.16
N GLY A 372 60.41 35.84 35.21
CA GLY A 372 61.55 36.04 34.32
C GLY A 372 61.35 35.29 33.01
N ALA A 373 61.06 34.00 33.13
CA ALA A 373 60.81 33.11 31.98
C ALA A 373 59.82 33.75 31.00
N ALA A 374 58.84 34.44 31.57
CA ALA A 374 57.92 35.30 30.82
C ALA A 374 58.68 36.43 30.10
N ARG A 375 59.36 37.29 30.88
CA ARG A 375 60.17 38.39 30.33
C ARG A 375 61.00 37.90 29.15
N ARG A 376 61.58 36.71 29.31
CA ARG A 376 62.36 36.06 28.26
C ARG A 376 61.51 35.83 27.00
N THR A 377 60.48 34.98 27.13
CA THR A 377 59.65 34.54 25.99
C THR A 377 59.04 35.72 25.19
N ILE A 378 58.81 36.85 25.87
CA ILE A 378 58.36 38.10 25.23
C ILE A 378 59.24 38.54 24.06
N HIS A 379 60.54 38.30 24.19
CA HIS A 379 61.51 38.77 23.22
C HIS A 379 61.71 37.81 22.04
N GLU A 380 62.06 38.41 20.91
CA GLU A 380 61.90 37.85 19.54
C GLU A 380 61.27 36.45 19.47
N GLY A 381 60.02 36.43 19.03
CA GLY A 381 59.17 35.23 19.09
C GLY A 381 57.84 35.65 19.69
N GLY A 382 57.92 36.28 20.86
CA GLY A 382 56.84 37.09 21.41
C GLY A 382 55.61 36.39 21.96
N VAL A 383 55.05 36.99 23.00
CA VAL A 383 53.66 36.77 23.38
C VAL A 383 52.79 37.73 22.58
N SER A 384 51.54 37.34 22.35
CA SER A 384 50.58 38.22 21.67
C SER A 384 49.39 38.50 22.60
N VAL A 385 48.97 39.75 22.66
CA VAL A 385 47.74 40.13 23.34
C VAL A 385 46.71 40.58 22.32
N ASN A 386 45.71 39.73 22.08
CA ASN A 386 44.68 39.94 21.05
C ASN A 386 45.26 39.98 19.62
N ASN A 387 46.08 38.97 19.31
CA ASN A 387 46.79 38.85 18.01
C ASN A 387 47.75 40.03 17.73
N ILE A 388 48.22 40.69 18.77
CA ILE A 388 49.08 41.86 18.66
C ILE A 388 50.42 41.50 19.30
N ARG A 389 51.50 41.52 18.51
CA ARG A 389 52.82 41.08 19.00
C ARG A 389 53.36 42.06 20.02
N VAL A 390 53.34 41.67 21.29
CA VAL A 390 53.81 42.55 22.37
C VAL A 390 55.33 42.46 22.57
N ASP A 391 55.98 43.61 22.46
CA ASP A 391 57.47 43.69 22.48
C ASP A 391 58.04 44.51 23.65
N ASN A 392 57.20 45.25 24.36
CA ASN A 392 57.62 45.94 25.59
C ASN A 392 57.26 45.12 26.83
N GLU A 393 58.13 45.17 27.83
CA GLU A 393 58.03 44.31 29.01
C GLU A 393 57.03 44.83 30.05
N GLU A 394 57.06 46.13 30.30
CA GLU A 394 56.15 46.76 31.29
C GLU A 394 54.79 47.08 30.65
N TRP A 395 54.52 46.48 29.49
CA TRP A 395 53.23 46.59 28.81
C TRP A 395 52.10 46.38 29.82
N VAL A 396 51.18 47.34 29.87
CA VAL A 396 49.99 47.23 30.71
C VAL A 396 48.77 47.21 29.76
N PRO A 397 47.68 46.49 30.14
CA PRO A 397 46.45 46.49 29.36
C PRO A 397 45.65 47.78 29.46
N GLN A 398 45.51 48.47 28.34
CA GLN A 398 44.62 49.62 28.24
C GLN A 398 43.17 49.15 28.38
N SER A 399 42.28 50.07 28.72
CA SER A 399 40.83 49.77 28.85
C SER A 399 40.22 49.33 27.52
N SER A 400 40.62 50.00 26.44
CA SER A 400 40.10 49.72 25.09
C SER A 400 40.60 48.40 24.48
N ASP A 401 41.54 47.74 25.15
CA ASP A 401 42.10 46.48 24.64
C ASP A 401 41.16 45.30 24.92
N PHE A 402 40.52 45.33 26.08
CA PHE A 402 39.63 44.24 26.52
C PHE A 402 38.53 43.98 25.49
N LEU A 403 38.44 42.75 25.02
CA LEU A 403 37.38 42.35 24.08
C LEU A 403 36.05 42.25 24.82
N HIS A 404 35.04 42.91 24.25
CA HIS A 404 33.73 43.11 24.89
C HIS A 404 33.87 43.65 26.32
N GLY A 405 34.92 44.43 26.54
CA GLY A 405 35.30 44.92 27.87
C GLY A 405 35.42 43.85 28.94
N ARG A 406 35.92 42.68 28.56
CA ARG A 406 36.01 41.52 29.47
C ARG A 406 37.24 40.63 29.26
N TRP A 407 37.59 40.40 27.99
CA TRP A 407 38.52 39.33 27.64
C TRP A 407 39.80 39.82 26.99
N LEU A 408 40.93 39.29 27.44
CA LEU A 408 42.19 39.36 26.69
C LEU A 408 42.56 37.96 26.17
N VAL A 409 42.99 37.90 24.92
CA VAL A 409 43.49 36.66 24.34
C VAL A 409 45.01 36.67 24.33
N LEU A 410 45.59 35.97 25.29
CA LEU A 410 47.05 35.80 25.36
C LEU A 410 47.44 34.53 24.62
N ARG A 411 48.47 34.64 23.78
CA ARG A 411 49.02 33.50 23.04
C ARG A 411 50.55 33.53 23.06
N ARG A 412 51.16 32.37 23.29
CA ARG A 412 52.63 32.29 23.42
C ARG A 412 53.31 32.00 22.07
N GLY A 413 53.13 30.80 21.55
CA GLY A 413 53.66 30.45 20.23
C GLY A 413 52.63 30.77 19.17
N LYS A 414 52.17 29.73 18.49
CA LYS A 414 51.04 29.80 17.57
C LYS A 414 50.06 28.65 17.84
N ARG A 415 49.98 28.23 19.10
CA ARG A 415 49.22 27.03 19.48
C ARG A 415 48.66 27.08 20.91
N SER A 416 49.48 27.55 21.85
CA SER A 416 49.10 27.66 23.26
C SER A 416 48.50 29.05 23.56
N ILE A 417 47.26 29.07 24.05
CA ILE A 417 46.56 30.33 24.38
C ILE A 417 45.87 30.27 25.74
N ALA A 418 45.73 31.42 26.36
CA ALA A 418 45.01 31.55 27.63
C ALA A 418 44.22 32.85 27.68
N GLY A 419 43.27 32.93 28.60
CA GLY A 419 42.39 34.09 28.70
C GLY A 419 42.50 34.87 30.01
N VAL A 420 42.32 36.19 29.92
CA VAL A 420 42.23 37.03 31.11
C VAL A 420 40.82 37.58 31.20
N GLU A 421 40.16 37.36 32.33
CA GLU A 421 38.78 37.82 32.54
C GLU A 421 38.69 38.78 33.72
N ARG A 422 38.46 40.07 33.44
CA ARG A 422 38.32 41.07 34.51
C ARG A 422 36.99 40.93 35.29
N ILE A 423 37.11 40.79 36.61
CA ILE A 423 35.95 40.73 37.52
C ILE A 423 35.69 42.11 38.12
N ILE B 5 1.96 18.53 -1.00
CA ILE B 5 2.29 18.77 -2.45
C ILE B 5 1.12 19.35 -3.23
N LEU B 6 -0.06 18.77 -3.03
CA LEU B 6 -1.28 19.32 -3.63
C LEU B 6 -1.66 20.60 -2.91
N ASP B 7 -1.30 20.70 -1.63
CA ASP B 7 -1.49 21.92 -0.85
C ASP B 7 -0.44 22.98 -1.23
N GLU B 8 0.80 22.54 -1.42
CA GLU B 8 1.86 23.41 -1.95
C GLU B 8 1.42 24.06 -3.24
N LEU B 9 1.02 23.23 -4.20
CA LEU B 9 0.55 23.72 -5.49
C LEU B 9 -0.70 24.56 -5.34
N SER B 10 -1.56 24.18 -4.42
CA SER B 10 -2.84 24.84 -4.21
C SER B 10 -2.71 26.30 -3.76
N TRP B 11 -1.87 26.56 -2.76
CA TRP B 11 -1.69 27.93 -2.25
C TRP B 11 -0.86 28.79 -3.16
N ARG B 12 0.14 28.21 -3.80
CA ARG B 12 0.96 28.94 -4.78
C ARG B 12 0.13 29.29 -6.02
N GLY B 13 -1.01 28.63 -6.17
CA GLY B 13 -1.93 28.90 -7.28
C GLY B 13 -1.47 28.31 -8.60
N LEU B 14 -0.99 27.07 -8.54
CA LEU B 14 -0.43 26.40 -9.70
C LEU B 14 -1.34 25.34 -10.36
N ILE B 15 -2.52 25.09 -9.79
CA ILE B 15 -3.50 24.19 -10.42
C ILE B 15 -4.47 24.94 -11.38
N ALA B 16 -4.16 24.87 -12.67
CA ALA B 16 -4.99 25.50 -13.71
C ALA B 16 -6.26 24.67 -13.96
N GLN B 17 -6.10 23.37 -14.04
CA GLN B 17 -7.21 22.43 -14.18
C GLN B 17 -6.73 21.05 -13.75
N SER B 18 -7.63 20.20 -13.29
CA SER B 18 -7.25 18.85 -12.90
C SER B 18 -8.40 17.86 -12.89
N THR B 19 -8.05 16.58 -12.84
CA THR B 19 -9.01 15.53 -12.51
C THR B 19 -9.18 15.58 -10.99
N ASP B 20 -10.09 14.77 -10.45
CA ASP B 20 -10.44 14.85 -9.03
C ASP B 20 -9.22 14.99 -8.13
N LEU B 21 -9.22 16.01 -7.26
CA LEU B 21 -8.12 16.22 -6.31
C LEU B 21 -8.07 15.20 -5.18
N ASP B 22 -9.23 14.80 -4.67
CA ASP B 22 -9.30 13.85 -3.56
C ASP B 22 -8.60 12.54 -3.91
N THR B 23 -9.04 11.96 -5.01
CA THR B 23 -8.49 10.72 -5.54
C THR B 23 -7.00 10.84 -5.74
N LEU B 24 -6.60 11.98 -6.30
CA LEU B 24 -5.19 12.29 -6.55
C LEU B 24 -4.43 12.44 -5.24
N ALA B 25 -5.01 13.18 -4.30
CA ALA B 25 -4.46 13.32 -2.94
C ALA B 25 -4.23 11.94 -2.30
N ALA B 26 -5.26 11.09 -2.35
CA ALA B 26 -5.22 9.71 -1.86
C ALA B 26 -3.98 8.97 -2.36
N GLU B 27 -3.78 8.98 -3.65
CA GLU B 27 -2.64 8.31 -4.25
C GLU B 27 -1.28 8.93 -3.85
N ALA B 28 -1.29 10.22 -3.56
CA ALA B 28 -0.07 10.93 -3.13
C ALA B 28 0.46 10.41 -1.78
N GLN B 29 -0.47 10.20 -0.84
CA GLN B 29 -0.16 9.65 0.49
C GLN B 29 0.30 8.20 0.37
N ARG B 30 -0.49 7.40 -0.32
CA ARG B 30 -0.13 6.02 -0.63
C ARG B 30 1.39 5.89 -0.89
N GLY B 31 1.96 6.90 -1.51
CA GLY B 31 3.41 6.99 -1.65
C GLY B 31 3.86 7.45 -3.02
N PRO B 32 5.17 7.42 -3.29
CA PRO B 32 5.76 8.03 -4.48
C PRO B 32 5.02 7.70 -5.78
N MET B 33 4.35 8.69 -6.33
CA MET B 33 3.81 8.61 -7.68
C MET B 33 4.90 8.83 -8.69
N THR B 34 4.65 8.39 -9.91
CA THR B 34 5.45 8.79 -11.06
C THR B 34 4.66 9.81 -11.88
N VAL B 35 5.20 10.99 -12.00
CA VAL B 35 4.53 12.09 -12.68
C VAL B 35 5.30 12.35 -13.94
N TYR B 36 4.61 12.61 -15.04
CA TYR B 36 5.29 12.96 -16.29
C TYR B 36 4.84 14.29 -16.89
N ALA B 37 5.75 14.89 -17.65
CA ALA B 37 5.47 16.08 -18.43
C ALA B 37 6.24 15.96 -19.74
N GLY B 38 5.62 16.43 -20.82
CA GLY B 38 6.15 16.25 -22.17
C GLY B 38 6.73 17.52 -22.74
N PHE B 39 7.64 17.40 -23.73
CA PHE B 39 8.22 18.57 -24.43
C PHE B 39 8.67 18.28 -25.88
N ASP B 40 8.39 19.24 -26.78
CA ASP B 40 8.72 19.14 -28.22
C ASP B 40 10.23 19.27 -28.43
N PRO B 41 10.87 18.21 -28.93
CA PRO B 41 12.32 18.20 -29.05
C PRO B 41 12.89 18.82 -30.35
N THR B 42 12.04 19.30 -31.24
CA THR B 42 12.53 19.94 -32.48
C THR B 42 13.33 21.21 -32.18
N ALA B 43 12.92 21.93 -31.13
CA ALA B 43 13.59 23.14 -30.66
C ALA B 43 15.04 22.88 -30.21
N PRO B 44 15.96 23.81 -30.49
CA PRO B 44 17.37 23.66 -30.12
C PRO B 44 17.64 23.89 -28.64
N SER B 45 16.68 24.47 -27.92
CA SER B 45 16.83 24.74 -26.50
C SER B 45 15.48 24.86 -25.82
N LEU B 46 15.48 24.73 -24.51
CA LEU B 46 14.29 25.07 -23.74
C LEU B 46 14.22 26.56 -23.57
N HIS B 47 13.00 27.08 -23.53
CA HIS B 47 12.80 28.48 -23.27
C HIS B 47 11.98 28.75 -22.00
N ALA B 48 11.82 30.03 -21.67
CA ALA B 48 11.10 30.50 -20.46
C ALA B 48 9.69 29.94 -20.34
N GLY B 49 9.09 29.68 -21.50
CA GLY B 49 7.77 29.05 -21.60
C GLY B 49 7.63 27.68 -20.95
N HIS B 50 8.74 26.96 -20.82
CA HIS B 50 8.73 25.64 -20.18
C HIS B 50 8.93 25.68 -18.66
N LEU B 51 9.31 26.84 -18.13
CA LEU B 51 9.73 26.94 -16.74
C LEU B 51 8.74 26.35 -15.74
N VAL B 52 7.48 26.73 -15.88
CA VAL B 52 6.45 26.39 -14.89
C VAL B 52 6.22 24.88 -14.79
N PRO B 53 5.87 24.22 -15.90
CA PRO B 53 5.76 22.75 -15.85
C PRO B 53 7.03 22.07 -15.31
N LEU B 54 8.19 22.54 -15.71
CA LEU B 54 9.46 21.93 -15.29
C LEU B 54 9.72 22.14 -13.79
N LEU B 55 9.65 23.40 -13.36
CA LEU B 55 9.79 23.72 -11.95
C LEU B 55 8.68 23.06 -11.14
N THR B 56 7.52 22.87 -11.75
CA THR B 56 6.46 22.13 -11.09
C THR B 56 6.85 20.66 -10.92
N LEU B 57 7.39 20.05 -11.98
CA LEU B 57 7.95 18.71 -11.88
C LEU B 57 8.95 18.68 -10.73
N ARG B 58 9.80 19.69 -10.65
CA ARG B 58 10.79 19.77 -9.58
C ARG B 58 10.12 19.65 -8.22
N ARG B 59 8.99 20.31 -8.05
CA ARG B 59 8.27 20.30 -6.77
C ARG B 59 7.83 18.91 -6.39
N PHE B 60 7.36 18.17 -7.39
CA PHE B 60 6.95 16.79 -7.18
C PHE B 60 8.10 15.92 -6.64
N GLN B 61 9.28 16.12 -7.21
CA GLN B 61 10.46 15.40 -6.76
C GLN B 61 10.81 15.78 -5.32
N ARG B 62 10.82 17.07 -5.06
CA ARG B 62 11.13 17.59 -3.72
C ARG B 62 10.09 17.09 -2.74
N ALA B 63 8.88 16.84 -3.23
CA ALA B 63 7.80 16.27 -2.39
C ALA B 63 7.82 14.73 -2.30
N GLY B 64 8.85 14.09 -2.85
CA GLY B 64 9.01 12.63 -2.75
C GLY B 64 8.70 11.78 -3.97
N HIS B 65 8.13 12.38 -5.02
CA HIS B 65 7.64 11.63 -6.19
C HIS B 65 8.68 11.56 -7.31
N ARG B 66 8.39 10.77 -8.36
CA ARG B 66 9.35 10.59 -9.47
C ARG B 66 8.94 11.30 -10.75
N PRO B 67 9.70 12.31 -11.18
CA PRO B 67 9.39 12.97 -12.43
C PRO B 67 9.94 12.25 -13.67
N ILE B 68 9.19 12.33 -14.77
CA ILE B 68 9.64 11.91 -16.09
C ILE B 68 9.45 13.03 -17.10
N VAL B 69 10.52 13.39 -17.79
CA VAL B 69 10.44 14.33 -18.88
C VAL B 69 10.35 13.48 -20.16
N LEU B 70 9.22 13.59 -20.85
CA LEU B 70 8.98 12.85 -22.09
C LEU B 70 9.27 13.73 -23.30
N ALA B 71 10.36 13.45 -23.98
CA ALA B 71 10.65 14.10 -25.26
C ALA B 71 9.73 13.53 -26.32
N GLY B 72 8.88 14.38 -26.90
CA GLY B 72 7.95 13.93 -27.93
C GLY B 72 8.60 13.82 -29.29
N GLY B 73 9.57 12.92 -29.41
CA GLY B 73 10.35 12.76 -30.64
C GLY B 73 9.56 12.40 -31.87
N ALA B 74 8.47 11.65 -31.68
CA ALA B 74 7.61 11.18 -32.78
C ALA B 74 7.05 12.31 -33.65
N THR B 75 6.61 13.38 -33.02
CA THR B 75 5.90 14.43 -33.75
C THR B 75 6.80 15.12 -34.77
N GLY B 76 8.02 15.42 -34.35
CA GLY B 76 9.00 16.06 -35.24
C GLY B 76 9.40 15.16 -36.40
N MET B 77 9.57 13.87 -36.11
CA MET B 77 9.92 12.87 -37.14
C MET B 77 8.81 12.61 -38.14
N ILE B 78 7.56 12.56 -37.67
CA ILE B 78 6.41 12.45 -38.54
C ILE B 78 6.20 13.77 -39.28
N GLY B 79 6.53 14.87 -38.61
CA GLY B 79 6.30 16.22 -39.15
C GLY B 79 7.16 16.58 -40.34
N THR B 94 24.56 17.98 -35.74
CA THR B 94 24.74 18.62 -34.44
C THR B 94 23.81 18.04 -33.36
N VAL B 95 23.56 16.73 -33.43
CA VAL B 95 22.59 16.04 -32.55
C VAL B 95 23.21 15.65 -31.19
N ALA B 96 24.53 15.48 -31.17
CA ALA B 96 25.27 15.30 -29.91
C ALA B 96 25.23 16.59 -29.11
N GLU B 97 25.55 17.71 -29.77
CA GLU B 97 25.54 19.03 -29.13
C GLU B 97 24.20 19.32 -28.48
N TRP B 98 23.13 18.91 -29.17
CA TRP B 98 21.76 19.07 -28.70
C TRP B 98 21.47 18.26 -27.43
N THR B 99 21.92 17.01 -27.44
CA THR B 99 21.76 16.13 -26.28
C THR B 99 22.44 16.73 -25.07
N GLU B 100 23.72 17.09 -25.22
CA GLU B 100 24.55 17.63 -24.13
C GLU B 100 23.92 18.88 -23.54
N ARG B 101 23.50 19.77 -24.43
CA ARG B 101 22.81 21.01 -24.08
C ARG B 101 21.50 20.73 -23.35
N ILE B 102 20.57 20.04 -24.01
CA ILE B 102 19.19 19.85 -23.53
C ILE B 102 19.11 19.02 -22.26
N ARG B 103 19.78 17.87 -22.28
CA ARG B 103 19.90 17.03 -21.10
C ARG B 103 20.51 17.85 -19.99
N GLY B 104 21.53 18.63 -20.31
CA GLY B 104 22.17 19.52 -19.36
C GLY B 104 21.20 20.51 -18.76
N GLN B 105 20.25 21.00 -19.56
CA GLN B 105 19.24 21.95 -19.06
C GLN B 105 18.28 21.24 -18.09
N LEU B 106 17.77 20.09 -18.48
CA LEU B 106 16.85 19.33 -17.63
C LEU B 106 17.48 18.99 -16.26
N GLU B 107 18.80 18.81 -16.24
CA GLU B 107 19.51 18.49 -14.98
C GLU B 107 19.44 19.63 -13.95
N ARG B 108 19.09 20.83 -14.41
CA ARG B 108 18.90 21.98 -13.53
C ARG B 108 17.59 21.94 -12.75
N PHE B 109 16.57 21.32 -13.35
CA PHE B 109 15.21 21.31 -12.81
C PHE B 109 14.83 20.04 -12.04
N VAL B 110 15.56 18.96 -12.28
CA VAL B 110 15.12 17.65 -11.84
C VAL B 110 16.35 16.77 -11.67
N ASP B 111 16.41 16.03 -10.56
CA ASP B 111 17.61 15.28 -10.20
C ASP B 111 17.64 13.90 -10.82
N PHE B 112 18.63 13.66 -11.66
CA PHE B 112 18.91 12.34 -12.23
C PHE B 112 19.90 11.55 -11.37
N ASP B 113 19.48 10.38 -10.94
CA ASP B 113 20.36 9.46 -10.21
C ASP B 113 19.68 8.12 -10.07
N ASP B 114 20.47 7.04 -10.01
CA ASP B 114 19.90 5.71 -9.75
C ASP B 114 19.44 5.66 -8.29
N SER B 115 18.15 5.39 -8.14
CA SER B 115 17.35 5.83 -7.00
C SER B 115 15.87 5.72 -7.42
N PRO B 116 14.96 5.56 -6.45
CA PRO B 116 13.54 5.46 -6.85
C PRO B 116 12.98 6.77 -7.38
N MET B 117 13.44 7.89 -6.81
CA MET B 117 12.97 9.24 -7.17
C MET B 117 13.83 9.82 -8.30
N GLY B 118 14.70 8.98 -8.84
CA GLY B 118 15.57 9.37 -9.93
C GLY B 118 14.77 9.70 -11.16
N ALA B 119 15.01 10.89 -11.69
CA ALA B 119 14.36 11.32 -12.91
C ALA B 119 14.72 10.40 -14.06
N ILE B 120 13.82 10.32 -15.02
CA ILE B 120 14.05 9.61 -16.27
C ILE B 120 13.70 10.56 -17.37
N VAL B 121 14.53 10.62 -18.41
CA VAL B 121 14.16 11.32 -19.62
C VAL B 121 14.03 10.31 -20.75
N GLU B 122 12.80 10.10 -21.19
CA GLU B 122 12.51 9.19 -22.30
C GLU B 122 12.09 9.94 -23.56
N ASN B 123 12.22 9.26 -24.70
CA ASN B 123 11.68 9.73 -25.97
C ASN B 123 10.56 8.79 -26.37
N ASN B 124 9.38 9.32 -26.69
CA ASN B 124 8.23 8.47 -27.03
C ASN B 124 8.41 7.67 -28.33
N LEU B 125 9.57 7.83 -28.97
CA LEU B 125 9.98 6.95 -30.08
C LEU B 125 10.31 5.55 -29.58
N GLU B 126 10.59 5.42 -28.29
CA GLU B 126 10.95 4.12 -27.72
C GLU B 126 9.79 3.12 -27.70
N TRP B 127 8.60 3.58 -28.03
CA TRP B 127 7.48 2.68 -28.30
C TRP B 127 6.84 2.91 -29.65
N THR B 128 6.79 4.18 -30.07
CA THR B 128 6.17 4.54 -31.33
C THR B 128 7.04 4.13 -32.51
N GLY B 129 8.34 4.17 -32.30
CA GLY B 129 9.32 3.81 -33.32
C GLY B 129 9.13 2.40 -33.87
N SER B 130 8.73 1.50 -32.98
CA SER B 130 8.48 0.09 -33.35
C SER B 130 7.01 -0.29 -33.48
N LEU B 131 6.14 0.68 -33.20
CA LEU B 131 4.70 0.50 -33.42
C LEU B 131 4.38 0.40 -34.92
N SER B 132 3.65 -0.65 -35.28
CA SER B 132 3.25 -0.89 -36.69
C SER B 132 1.89 -0.31 -37.01
N ALA B 133 1.71 0.07 -38.27
CA ALA B 133 0.42 0.55 -38.79
C ALA B 133 -0.73 -0.34 -38.32
N ILE B 134 -0.55 -1.66 -38.40
CA ILE B 134 -1.60 -2.61 -37.98
C ILE B 134 -1.84 -2.52 -36.46
N GLU B 135 -0.76 -2.61 -35.67
CA GLU B 135 -0.84 -2.43 -34.21
C GLU B 135 -1.60 -1.15 -33.87
N PHE B 136 -1.13 -0.06 -34.45
CA PHE B 136 -1.71 1.28 -34.30
C PHE B 136 -3.24 1.28 -34.50
N LEU B 137 -3.68 0.92 -35.70
CA LEU B 137 -5.10 0.94 -36.03
C LEU B 137 -5.92 -0.07 -35.22
N ARG B 138 -5.33 -1.21 -34.92
CA ARG B 138 -6.03 -2.28 -34.17
C ARG B 138 -6.13 -1.96 -32.67
N ASP B 139 -4.99 -1.74 -32.06
CA ASP B 139 -4.90 -1.61 -30.61
C ASP B 139 -5.26 -0.22 -30.08
N ILE B 140 -4.91 0.84 -30.83
CA ILE B 140 -5.21 2.22 -30.40
C ILE B 140 -6.37 2.86 -31.17
N GLY B 141 -6.37 2.75 -32.48
CA GLY B 141 -7.34 3.49 -33.33
C GLY B 141 -8.80 3.11 -33.08
N LYS B 142 -9.03 1.90 -32.60
CA LYS B 142 -10.37 1.41 -32.38
C LYS B 142 -11.07 2.15 -31.27
N HIS B 143 -10.30 2.74 -30.36
CA HIS B 143 -10.87 3.40 -29.18
C HIS B 143 -11.22 4.87 -29.41
N PHE B 144 -11.18 5.31 -30.66
CA PHE B 144 -11.52 6.69 -30.97
C PHE B 144 -12.69 6.83 -31.94
N SER B 145 -13.64 7.66 -31.55
CA SER B 145 -14.73 8.05 -32.42
C SER B 145 -14.32 9.27 -33.25
N VAL B 146 -14.44 9.14 -34.56
CA VAL B 146 -14.17 10.26 -35.47
C VAL B 146 -15.07 11.43 -35.09
N ASN B 147 -16.37 11.14 -34.93
CA ASN B 147 -17.35 12.15 -34.48
C ASN B 147 -16.86 12.92 -33.26
N VAL B 148 -16.44 12.19 -32.25
CA VAL B 148 -15.93 12.79 -31.01
C VAL B 148 -14.70 13.67 -31.26
N MET B 149 -13.77 13.16 -32.07
CA MET B 149 -12.52 13.88 -32.39
C MET B 149 -12.80 15.19 -33.12
N LEU B 150 -13.76 15.15 -34.05
CA LEU B 150 -14.16 16.36 -34.81
C LEU B 150 -14.77 17.44 -33.91
N ALA B 151 -15.47 17.00 -32.86
CA ALA B 151 -16.11 17.88 -31.88
C ALA B 151 -15.09 18.74 -31.12
N ARG B 152 -14.04 18.08 -30.61
CA ARG B 152 -12.95 18.75 -29.88
C ARG B 152 -12.57 20.07 -30.58
N ASP B 153 -12.70 21.18 -29.86
CA ASP B 153 -12.74 22.51 -30.50
C ASP B 153 -11.39 23.07 -31.00
N THR B 154 -10.27 22.56 -30.51
CA THR B 154 -8.98 22.88 -31.15
C THR B 154 -9.08 22.46 -32.62
N ILE B 155 -9.59 21.24 -32.80
CA ILE B 155 -9.81 20.63 -34.12
C ILE B 155 -11.02 21.24 -34.84
N ARG B 156 -12.13 21.40 -34.15
CA ARG B 156 -13.36 21.96 -34.73
C ARG B 156 -13.09 23.27 -35.49
N ARG B 157 -12.36 24.18 -34.85
CA ARG B 157 -11.98 25.48 -35.46
C ARG B 157 -10.92 25.36 -36.56
N ARG B 158 -9.91 24.51 -36.32
CA ARG B 158 -8.82 24.28 -37.27
C ARG B 158 -9.22 23.44 -38.49
N LEU B 159 -10.41 22.85 -38.43
CA LEU B 159 -10.95 22.03 -39.53
C LEU B 159 -11.88 22.81 -40.44
N ALA B 160 -11.86 24.13 -40.31
CA ALA B 160 -12.62 25.02 -41.19
C ALA B 160 -11.72 25.47 -42.33
N GLY B 161 -12.24 25.37 -43.55
CA GLY B 161 -11.50 25.80 -44.74
C GLY B 161 -10.78 24.65 -45.41
N GLU B 162 -9.52 24.88 -45.79
CA GLU B 162 -8.61 23.79 -46.21
C GLU B 162 -8.67 22.68 -45.17
N GLY B 163 -8.54 23.09 -43.91
CA GLY B 163 -8.55 22.17 -42.81
C GLY B 163 -7.20 21.51 -42.65
N ILE B 164 -7.23 20.21 -42.39
CA ILE B 164 -6.08 19.53 -41.81
C ILE B 164 -5.74 18.22 -42.54
N SER B 165 -4.45 17.88 -42.51
CA SER B 165 -3.99 16.58 -43.03
C SER B 165 -4.36 15.48 -42.05
N TYR B 166 -4.44 14.27 -42.57
CA TYR B 166 -4.66 13.06 -41.76
C TYR B 166 -3.62 12.93 -40.65
N THR B 167 -2.40 13.35 -40.94
CA THR B 167 -1.30 13.31 -39.98
C THR B 167 -1.54 14.20 -38.77
N GLU B 168 -1.82 15.49 -39.01
CA GLU B 168 -2.13 16.46 -37.93
C GLU B 168 -3.31 16.02 -37.08
N PHE B 169 -4.26 15.37 -37.73
CA PHE B 169 -5.48 14.84 -37.11
C PHE B 169 -5.21 13.62 -36.21
N SER B 170 -4.03 13.02 -36.39
CA SER B 170 -3.64 11.79 -35.70
C SER B 170 -2.85 12.03 -34.42
N TYR B 171 -2.07 13.11 -34.38
CA TYR B 171 -1.15 13.36 -33.26
C TYR B 171 -1.79 13.03 -31.90
N LEU B 172 -3.07 13.40 -31.77
CA LEU B 172 -3.88 13.13 -30.57
C LEU B 172 -3.74 11.68 -30.10
N LEU B 173 -3.97 10.73 -31.01
CA LEU B 173 -3.86 9.30 -30.70
C LEU B 173 -2.49 8.92 -30.15
N LEU B 174 -1.42 9.44 -30.78
CA LEU B 174 -0.05 9.20 -30.35
C LEU B 174 0.20 9.82 -28.99
N GLN B 175 -0.27 11.05 -28.82
CA GLN B 175 -0.12 11.75 -27.53
C GLN B 175 -0.74 10.90 -26.40
N ALA B 176 -1.98 10.48 -26.64
CA ALA B 176 -2.74 9.67 -25.71
C ALA B 176 -2.00 8.38 -25.41
N ASN B 177 -1.42 7.80 -26.46
CA ASN B 177 -0.70 6.56 -26.33
C ASN B 177 0.52 6.65 -25.43
N ASP B 178 1.21 7.80 -25.45
CA ASP B 178 2.37 8.00 -24.57
C ASP B 178 2.00 7.72 -23.11
N TYR B 179 0.81 8.16 -22.70
CA TYR B 179 0.33 7.95 -21.33
C TYR B 179 0.17 6.47 -21.04
N VAL B 180 -0.46 5.76 -21.97
CA VAL B 180 -0.66 4.30 -21.84
C VAL B 180 0.68 3.62 -21.66
N GLU B 181 1.59 3.94 -22.56
CA GLU B 181 2.89 3.31 -22.59
C GLU B 181 3.69 3.65 -21.32
N LEU B 182 3.63 4.92 -20.86
CA LEU B 182 4.37 5.32 -19.64
C LEU B 182 3.79 4.72 -18.36
N HIS B 183 2.50 4.41 -18.37
CA HIS B 183 1.86 3.71 -17.24
C HIS B 183 2.26 2.23 -17.21
N ARG B 184 2.44 1.64 -18.39
CA ARG B 184 2.94 0.27 -18.51
C ARG B 184 4.38 0.16 -18.01
N ARG B 185 5.22 1.07 -18.45
CA ARG B 185 6.66 0.98 -18.24
C ARG B 185 7.15 1.51 -16.90
N HIS B 186 6.46 2.49 -16.34
CA HIS B 186 6.90 3.11 -15.09
C HIS B 186 5.79 3.30 -14.06
N GLY B 187 4.64 2.65 -14.27
CA GLY B 187 3.50 2.79 -13.35
C GLY B 187 3.07 4.25 -13.20
N CYS B 188 3.40 5.04 -14.21
CA CYS B 188 3.13 6.46 -14.24
C CYS B 188 1.65 6.74 -14.10
N THR B 189 1.33 7.64 -13.19
CA THR B 189 -0.05 7.75 -12.67
C THR B 189 -0.63 9.18 -12.76
N LEU B 190 0.17 10.13 -13.21
CA LEU B 190 -0.25 11.53 -13.36
C LEU B 190 0.56 12.18 -14.48
N GLN B 191 -0.09 12.99 -15.29
CA GLN B 191 0.59 13.80 -16.27
C GLN B 191 0.27 15.24 -15.99
N ILE B 192 1.25 16.10 -16.17
CA ILE B 192 1.06 17.53 -16.00
C ILE B 192 1.52 18.28 -17.23
N GLY B 193 0.91 19.44 -17.46
CA GLY B 193 1.27 20.29 -18.57
C GLY B 193 0.76 21.71 -18.43
N GLY B 194 0.84 22.44 -19.53
CA GLY B 194 0.31 23.80 -19.58
C GLY B 194 -1.20 23.73 -19.64
N ALA B 195 -1.83 24.88 -19.47
CA ALA B 195 -3.29 24.95 -19.41
C ALA B 195 -3.86 24.57 -20.76
N ASP B 196 -3.21 25.05 -21.82
CA ASP B 196 -3.67 24.77 -23.17
C ASP B 196 -3.67 23.28 -23.48
N GLN B 197 -2.75 22.54 -22.88
CA GLN B 197 -2.57 21.11 -23.18
C GLN B 197 -3.61 20.17 -22.57
N TRP B 198 -4.52 20.68 -21.75
CA TRP B 198 -5.53 19.84 -21.10
C TRP B 198 -6.16 18.84 -22.08
N GLY B 199 -6.63 19.37 -23.20
CA GLY B 199 -7.42 18.58 -24.14
C GLY B 199 -6.84 17.21 -24.43
N ASN B 200 -5.58 17.18 -24.86
CA ASN B 200 -4.97 15.89 -25.20
C ASN B 200 -4.32 15.17 -24.03
N ILE B 201 -4.16 15.83 -22.89
CA ILE B 201 -3.75 15.13 -21.66
C ILE B 201 -4.89 14.22 -21.17
N ILE B 202 -6.10 14.75 -21.17
CA ILE B 202 -7.28 13.96 -20.77
C ILE B 202 -7.61 12.87 -21.81
N ALA B 203 -7.19 13.13 -23.06
CA ALA B 203 -7.25 12.13 -24.12
C ALA B 203 -6.52 10.85 -23.66
N GLY B 204 -5.35 11.06 -23.08
CA GLY B 204 -4.52 9.99 -22.53
C GLY B 204 -5.16 9.33 -21.33
N VAL B 205 -5.52 10.11 -20.33
CA VAL B 205 -6.23 9.57 -19.15
C VAL B 205 -7.34 8.61 -19.59
N ARG B 206 -8.18 9.10 -20.50
CA ARG B 206 -9.29 8.30 -21.06
C ARG B 206 -8.78 7.00 -21.71
N LEU B 207 -7.83 7.12 -22.63
CA LEU B 207 -7.30 5.95 -23.35
C LEU B 207 -6.70 4.95 -22.39
N VAL B 208 -6.07 5.43 -21.32
CA VAL B 208 -5.45 4.54 -20.34
C VAL B 208 -6.50 3.67 -19.63
N ARG B 209 -7.69 4.22 -19.46
CA ARG B 209 -8.77 3.47 -18.82
C ARG B 209 -9.35 2.41 -19.78
N GLN B 210 -9.75 2.85 -20.97
CA GLN B 210 -10.19 1.93 -22.02
C GLN B 210 -9.21 0.79 -22.23
N LYS B 211 -7.99 1.10 -22.64
CA LYS B 211 -7.00 0.07 -22.93
C LYS B 211 -6.60 -0.74 -21.70
N LEU B 212 -6.18 -0.05 -20.65
CA LEU B 212 -5.48 -0.66 -19.51
C LEU B 212 -6.33 -0.82 -18.26
N GLY B 213 -7.52 -0.23 -18.26
CA GLY B 213 -8.46 -0.37 -17.12
C GLY B 213 -8.18 0.48 -15.89
N ALA B 214 -6.97 1.02 -15.79
CA ALA B 214 -6.55 1.83 -14.65
C ALA B 214 -7.15 3.24 -14.70
N THR B 215 -7.48 3.77 -13.52
CA THR B 215 -7.80 5.20 -13.41
C THR B 215 -6.52 5.95 -13.10
N VAL B 216 -6.18 6.90 -13.98
CA VAL B 216 -5.01 7.75 -13.79
C VAL B 216 -5.46 9.21 -13.81
N HIS B 217 -4.53 10.13 -13.58
CA HIS B 217 -4.93 11.52 -13.33
C HIS B 217 -4.27 12.53 -14.24
N ALA B 218 -4.74 13.77 -14.13
CA ALA B 218 -4.26 14.90 -14.92
C ALA B 218 -4.33 16.19 -14.12
N LEU B 219 -3.28 17.01 -14.24
CA LEU B 219 -3.22 18.31 -13.58
C LEU B 219 -2.50 19.29 -14.47
N THR B 220 -3.18 20.35 -14.91
CA THR B 220 -2.52 21.38 -15.69
C THR B 220 -2.15 22.56 -14.83
N VAL B 221 -1.19 23.31 -15.34
CA VAL B 221 -0.57 24.42 -14.63
C VAL B 221 -0.86 25.70 -15.43
N PRO B 222 -0.86 26.87 -14.79
CA PRO B 222 -1.33 28.06 -15.52
C PRO B 222 -0.38 28.52 -16.61
N LEU B 223 -0.94 29.08 -17.68
CA LEU B 223 -0.14 29.83 -18.63
C LEU B 223 0.13 31.17 -18.00
N VAL B 224 1.34 31.67 -18.15
CA VAL B 224 1.77 32.87 -17.45
C VAL B 224 1.51 34.12 -18.29
N THR B 225 0.66 35.01 -17.78
CA THR B 225 0.41 36.31 -18.42
C THR B 225 0.73 37.44 -17.45
N ALA B 226 1.36 38.48 -17.97
CA ALA B 226 1.64 39.68 -17.20
C ALA B 226 0.32 40.38 -16.85
N ALA B 227 0.35 41.17 -15.79
CA ALA B 227 -0.83 41.94 -15.38
C ALA B 227 -1.29 42.92 -16.47
N ASP B 228 -0.34 43.42 -17.26
CA ASP B 228 -0.67 44.29 -18.39
C ASP B 228 -1.19 43.53 -19.63
N GLY B 229 -1.53 42.25 -19.47
CA GLY B 229 -2.13 41.46 -20.54
C GLY B 229 -1.13 40.79 -21.48
N THR B 230 0.12 41.23 -21.44
CA THR B 230 1.16 40.70 -22.32
C THR B 230 1.53 39.28 -21.94
N LYS B 231 2.02 38.54 -22.92
CA LYS B 231 2.42 37.16 -22.73
C LYS B 231 3.81 37.13 -22.08
N PHE B 232 4.01 36.17 -21.19
CA PHE B 232 5.28 35.99 -20.49
C PHE B 232 6.29 35.27 -21.37
N GLY B 233 7.56 35.62 -21.22
CA GLY B 233 8.66 34.89 -21.86
C GLY B 233 8.94 35.23 -23.31
N LYS B 234 8.51 36.41 -23.73
CA LYS B 234 8.80 36.93 -25.08
C LYS B 234 9.76 38.10 -24.94
N SER B 235 10.64 38.26 -25.92
CA SER B 235 11.59 39.38 -25.95
C SER B 235 10.90 40.71 -26.24
N THR B 236 11.49 41.78 -25.70
CA THR B 236 11.01 43.20 -25.83
C THR B 236 10.18 43.47 -27.08
N GLY B 237 10.72 43.01 -28.20
CA GLY B 237 9.99 42.91 -29.46
C GLY B 237 10.60 41.71 -30.18
N GLY B 238 9.81 40.65 -30.32
CA GLY B 238 10.29 39.43 -30.95
C GLY B 238 9.85 38.18 -30.21
N GLY B 239 10.81 37.30 -29.94
CA GLY B 239 10.51 35.93 -29.54
C GLY B 239 11.13 35.45 -28.24
N SER B 240 11.50 34.18 -28.24
CA SER B 240 11.72 33.42 -27.01
C SER B 240 12.97 33.80 -26.22
N LEU B 241 12.92 33.54 -24.91
CA LEU B 241 14.09 33.61 -24.04
C LEU B 241 14.58 32.20 -23.74
N TRP B 242 15.78 31.90 -24.23
CA TRP B 242 16.27 30.52 -24.25
C TRP B 242 17.09 30.20 -23.02
N LEU B 243 17.02 28.95 -22.59
CA LEU B 243 17.79 28.51 -21.44
C LEU B 243 19.26 28.37 -21.83
N ASP B 244 19.52 28.19 -23.12
CA ASP B 244 20.90 28.05 -23.58
C ASP B 244 21.65 29.41 -23.60
N PRO B 245 22.82 29.48 -22.93
CA PRO B 245 23.55 30.74 -22.77
C PRO B 245 24.01 31.38 -24.07
N GLN B 246 24.32 30.57 -25.08
CA GLN B 246 24.79 31.11 -26.34
C GLN B 246 23.64 31.48 -27.29
N MET B 247 22.41 31.23 -26.89
CA MET B 247 21.23 31.75 -27.59
C MET B 247 20.71 33.00 -26.87
N THR B 248 20.60 32.91 -25.54
CA THR B 248 20.29 34.05 -24.69
C THR B 248 21.35 34.13 -23.63
N SER B 249 22.08 35.23 -23.60
CA SER B 249 23.17 35.36 -22.63
C SER B 249 22.60 35.36 -21.22
N PRO B 250 23.37 34.85 -20.24
CA PRO B 250 22.95 34.91 -18.83
C PRO B 250 22.54 36.32 -18.41
N TYR B 251 23.22 37.31 -18.95
CA TYR B 251 22.90 38.71 -18.70
C TYR B 251 21.46 39.03 -19.14
N ALA B 252 21.11 38.59 -20.34
CA ALA B 252 19.76 38.82 -20.89
C ALA B 252 18.74 38.08 -20.03
N TRP B 253 19.11 36.90 -19.57
CA TRP B 253 18.21 36.10 -18.78
C TRP B 253 17.92 36.88 -17.50
N TYR B 254 18.98 37.22 -16.77
CA TYR B 254 18.88 38.04 -15.55
C TYR B 254 18.03 39.28 -15.76
N GLN B 255 18.41 40.08 -16.75
CA GLN B 255 17.74 41.35 -17.02
C GLN B 255 16.27 41.19 -17.40
N TYR B 256 15.92 40.10 -18.09
CA TYR B 256 14.52 39.88 -18.39
C TYR B 256 13.76 39.87 -17.07
N PHE B 257 14.25 39.08 -16.13
CA PHE B 257 13.57 38.89 -14.84
C PHE B 257 13.73 40.08 -13.89
N VAL B 258 14.84 40.79 -13.99
CA VAL B 258 15.03 42.01 -13.18
C VAL B 258 14.07 43.11 -13.62
N ASN B 259 13.52 43.02 -14.83
CA ASN B 259 12.55 44.01 -15.32
C ASN B 259 11.10 43.58 -15.24
N THR B 260 10.84 42.46 -14.57
CA THR B 260 9.46 42.06 -14.25
C THR B 260 8.75 43.23 -13.57
N ALA B 261 7.54 43.53 -14.04
CA ALA B 261 6.74 44.61 -13.45
C ALA B 261 6.50 44.37 -11.97
N ASP B 262 6.39 45.47 -11.21
CA ASP B 262 6.01 45.37 -9.80
C ASP B 262 4.68 44.60 -9.66
N ALA B 263 3.77 44.78 -10.61
CA ALA B 263 2.47 44.06 -10.56
C ALA B 263 2.61 42.54 -10.56
N ASP B 264 3.63 42.00 -11.22
CA ASP B 264 3.78 40.55 -11.40
C ASP B 264 4.79 39.88 -10.48
N VAL B 265 5.73 40.66 -9.97
CA VAL B 265 6.96 40.13 -9.35
C VAL B 265 6.72 39.12 -8.20
N ILE B 266 5.72 39.35 -7.36
CA ILE B 266 5.42 38.43 -6.26
C ILE B 266 4.80 37.11 -6.77
N ARG B 267 3.89 37.24 -7.73
CA ARG B 267 3.21 36.08 -8.31
C ARG B 267 4.23 35.18 -8.96
N TYR B 268 5.13 35.81 -9.72
CA TYR B 268 6.18 35.08 -10.42
C TYR B 268 7.11 34.45 -9.39
N LEU B 269 7.52 35.20 -8.39
CA LEU B 269 8.31 34.63 -7.29
C LEU B 269 7.60 33.41 -6.72
N ARG B 270 6.29 33.51 -6.58
CA ARG B 270 5.47 32.44 -6.01
C ARG B 270 5.40 31.22 -6.93
N TRP B 271 5.40 31.44 -8.24
CA TRP B 271 5.29 30.32 -9.19
C TRP B 271 6.64 29.72 -9.61
N PHE B 272 7.68 30.53 -9.67
CA PHE B 272 8.99 30.11 -10.21
C PHE B 272 10.05 29.73 -9.16
N THR B 273 9.76 29.94 -7.89
CA THR B 273 10.75 29.77 -6.84
C THR B 273 10.18 28.99 -5.67
N PHE B 274 11.03 28.73 -4.68
CA PHE B 274 10.63 27.94 -3.50
C PHE B 274 10.50 28.74 -2.20
N LEU B 275 10.46 30.05 -2.31
CA LEU B 275 10.23 30.93 -1.18
C LEU B 275 8.92 30.57 -0.44
N SER B 276 8.96 30.67 0.88
CA SER B 276 7.80 30.44 1.73
C SER B 276 6.76 31.55 1.59
N ALA B 277 5.57 31.31 2.13
CA ALA B 277 4.49 32.29 2.12
C ALA B 277 4.91 33.55 2.89
N ASP B 278 5.64 33.35 3.98
CA ASP B 278 6.15 34.45 4.79
C ASP B 278 7.22 35.22 4.05
N GLU B 279 8.27 34.53 3.59
CA GLU B 279 9.30 35.16 2.75
C GLU B 279 8.73 36.04 1.61
N LEU B 280 7.67 35.54 0.98
CA LEU B 280 6.96 36.27 -0.06
C LEU B 280 6.31 37.52 0.51
N ALA B 281 5.57 37.34 1.60
CA ALA B 281 4.95 38.46 2.32
C ALA B 281 5.95 39.59 2.59
N GLU B 282 7.18 39.22 2.96
CA GLU B 282 8.24 40.19 3.27
C GLU B 282 8.55 41.03 2.06
N LEU B 283 8.83 40.34 0.96
CA LEU B 283 9.14 41.01 -0.31
C LEU B 283 7.96 41.82 -0.89
N GLU B 284 6.75 41.35 -0.64
CA GLU B 284 5.53 42.05 -1.07
C GLU B 284 5.46 43.43 -0.42
N GLN B 285 5.65 43.45 0.89
CA GLN B 285 5.74 44.70 1.64
C GLN B 285 6.91 45.55 1.08
N ALA B 286 8.07 44.92 0.95
CA ALA B 286 9.23 45.57 0.34
C ALA B 286 8.86 46.28 -0.96
N THR B 287 8.15 45.58 -1.85
CA THR B 287 7.77 46.16 -3.14
C THR B 287 6.80 47.33 -2.99
N ALA B 288 5.82 47.18 -2.12
CA ALA B 288 4.88 48.24 -1.86
C ALA B 288 5.57 49.45 -1.23
N GLN B 289 6.43 49.20 -0.24
CA GLN B 289 7.11 50.27 0.49
C GLN B 289 8.28 50.92 -0.27
N ARG B 290 9.13 50.12 -0.87
CA ARG B 290 10.36 50.60 -1.50
C ARG B 290 10.52 50.07 -2.93
N PRO B 291 9.55 50.42 -3.81
CA PRO B 291 9.49 49.97 -5.20
C PRO B 291 10.72 50.29 -6.01
N GLN B 292 11.36 51.39 -5.65
CA GLN B 292 12.57 51.89 -6.32
C GLN B 292 13.78 50.96 -6.10
N GLN B 293 13.77 50.25 -4.98
CA GLN B 293 14.90 49.42 -4.59
C GLN B 293 14.92 48.07 -5.33
N ARG B 294 13.76 47.67 -5.85
CA ARG B 294 13.62 46.45 -6.67
C ARG B 294 14.13 45.17 -5.99
N ALA B 295 13.90 45.07 -4.70
CA ALA B 295 14.27 43.87 -3.94
C ALA B 295 13.68 42.61 -4.56
N ALA B 296 12.38 42.65 -4.82
CA ALA B 296 11.64 41.46 -5.31
C ALA B 296 12.21 40.97 -6.65
N GLN B 297 12.33 41.92 -7.59
CA GLN B 297 12.87 41.63 -8.92
C GLN B 297 14.32 41.13 -8.90
N ARG B 298 15.12 41.63 -7.96
CA ARG B 298 16.51 41.20 -7.90
C ARG B 298 16.58 39.77 -7.34
N ARG B 299 15.64 39.45 -6.47
CA ARG B 299 15.58 38.10 -5.93
C ARG B 299 15.15 37.09 -7.00
N LEU B 300 14.10 37.45 -7.75
CA LEU B 300 13.63 36.68 -8.90
C LEU B 300 14.76 36.42 -9.89
N ALA B 301 15.39 37.51 -10.32
CA ALA B 301 16.48 37.44 -11.26
C ALA B 301 17.59 36.54 -10.73
N SER B 302 17.95 36.77 -9.48
CA SER B 302 18.96 35.94 -8.80
C SER B 302 18.54 34.47 -8.72
N GLU B 303 17.32 34.19 -8.27
CA GLU B 303 16.87 32.82 -8.12
C GLU B 303 16.84 32.07 -9.45
N LEU B 304 16.33 32.74 -10.47
CA LEU B 304 16.15 32.10 -11.78
C LEU B 304 17.43 32.01 -12.63
N THR B 305 18.37 32.93 -12.42
CA THR B 305 19.69 32.86 -13.08
C THR B 305 20.61 31.79 -12.45
N VAL B 306 20.45 31.57 -11.16
CA VAL B 306 21.15 30.47 -10.48
C VAL B 306 20.58 29.13 -10.94
N LEU B 307 19.25 29.04 -10.96
CA LEU B 307 18.58 27.80 -11.39
C LEU B 307 19.16 27.32 -12.71
N VAL B 308 19.25 28.24 -13.67
CA VAL B 308 19.60 27.91 -15.05
C VAL B 308 21.11 27.92 -15.35
N HIS B 309 21.80 28.98 -14.92
CA HIS B 309 23.21 29.19 -15.26
C HIS B 309 24.18 29.04 -14.08
N GLY B 310 23.66 28.71 -12.91
CA GLY B 310 24.48 28.49 -11.73
C GLY B 310 24.87 29.77 -11.01
N GLU B 311 25.41 29.59 -9.80
CA GLU B 311 25.80 30.71 -8.91
C GLU B 311 26.89 31.63 -9.49
N ALA B 312 27.89 31.03 -10.16
CA ALA B 312 29.03 31.79 -10.69
C ALA B 312 28.59 32.80 -11.73
N ALA B 313 27.87 32.31 -12.75
CA ALA B 313 27.37 33.20 -13.81
C ALA B 313 26.44 34.29 -13.26
N THR B 314 25.69 33.96 -12.21
CA THR B 314 24.79 34.95 -11.57
C THR B 314 25.60 36.00 -10.83
N ALA B 315 26.62 35.54 -10.11
CA ALA B 315 27.58 36.44 -9.46
C ALA B 315 28.16 37.46 -10.46
N ALA B 316 28.61 36.95 -11.60
CA ALA B 316 29.15 37.76 -12.69
C ALA B 316 28.14 38.80 -13.22
N VAL B 317 26.93 38.35 -13.50
CA VAL B 317 25.90 39.21 -14.11
C VAL B 317 25.46 40.34 -13.17
N GLU B 318 25.47 40.06 -11.88
CA GLU B 318 25.16 41.09 -10.89
C GLU B 318 26.29 42.10 -10.78
N HIS B 319 27.53 41.60 -10.74
CA HIS B 319 28.71 42.49 -10.67
C HIS B 319 28.75 43.40 -11.89
N ALA B 320 28.56 42.81 -13.06
CA ALA B 320 28.60 43.54 -14.33
C ALA B 320 27.61 44.71 -14.35
N SER B 321 26.35 44.42 -14.05
CA SER B 321 25.28 45.43 -14.02
C SER B 321 25.44 46.46 -12.89
N ARG B 322 26.30 46.16 -11.92
CA ARG B 322 26.70 47.16 -10.91
C ARG B 322 27.89 48.02 -11.40
N ALA B 323 28.95 47.36 -11.85
CA ALA B 323 30.14 48.06 -12.38
C ALA B 323 29.83 48.95 -13.59
N LEU B 324 28.91 48.49 -14.44
CA LEU B 324 28.62 49.16 -15.71
C LEU B 324 28.02 50.57 -15.53
N PHE B 325 27.41 50.82 -14.37
CA PHE B 325 26.89 52.16 -14.04
C PHE B 325 27.65 52.78 -12.85
N GLY B 326 28.98 52.66 -12.87
CA GLY B 326 29.83 53.25 -11.81
C GLY B 326 29.94 52.44 -10.52
N ARG B 327 28.79 51.98 -10.02
CA ARG B 327 28.66 51.22 -8.75
C ARG B 327 29.54 49.98 -8.68
N GLY B 328 30.85 50.14 -8.69
CA GLY B 328 31.74 49.00 -8.68
C GLY B 328 32.82 49.09 -9.73
N GLU B 329 33.77 48.15 -9.66
CA GLU B 329 35.00 48.16 -10.44
C GLU B 329 34.96 47.20 -11.64
N LEU B 330 34.99 47.76 -12.85
CA LEU B 330 34.82 46.96 -14.08
C LEU B 330 36.10 46.29 -14.57
N ALA B 331 37.20 46.53 -13.86
CA ALA B 331 38.49 45.85 -14.10
C ALA B 331 38.37 44.37 -13.75
N ARG B 332 37.49 44.06 -12.81
CA ARG B 332 37.27 42.70 -12.32
C ARG B 332 36.43 41.81 -13.23
N LEU B 333 35.69 42.39 -14.16
CA LEU B 333 34.68 41.64 -14.93
C LEU B 333 35.23 40.58 -15.88
N ASP B 334 34.47 39.49 -15.99
CA ASP B 334 34.68 38.48 -17.00
C ASP B 334 34.39 39.09 -18.35
N GLU B 335 35.32 38.94 -19.28
CA GLU B 335 35.15 39.43 -20.66
C GLU B 335 33.83 38.95 -21.28
N ALA B 336 33.55 37.66 -21.10
CA ALA B 336 32.30 37.05 -21.58
C ALA B 336 31.06 37.82 -21.14
N THR B 337 31.02 38.18 -19.87
CA THR B 337 29.90 38.93 -19.30
C THR B 337 29.83 40.32 -19.92
N LEU B 338 30.95 41.03 -19.85
CA LEU B 338 31.05 42.42 -20.32
C LEU B 338 30.56 42.54 -21.76
N ALA B 339 30.91 41.54 -22.58
CA ALA B 339 30.50 41.47 -23.98
C ALA B 339 28.97 41.46 -24.11
N ALA B 340 28.35 40.49 -23.44
CA ALA B 340 26.89 40.38 -23.37
C ALA B 340 26.29 41.69 -22.88
N ALA B 341 26.82 42.18 -21.77
CA ALA B 341 26.37 43.45 -21.16
C ALA B 341 26.29 44.61 -22.16
N LEU B 342 27.34 44.78 -22.95
CA LEU B 342 27.42 45.87 -23.93
C LEU B 342 26.63 45.58 -25.21
N ARG B 343 26.48 44.29 -25.53
CA ARG B 343 25.70 43.88 -26.71
C ARG B 343 24.20 44.12 -26.57
N GLU B 344 23.73 44.34 -25.35
CA GLU B 344 22.33 44.72 -25.12
C GLU B 344 22.14 46.18 -25.54
N THR B 345 23.05 47.04 -25.13
CA THR B 345 23.03 48.44 -25.53
C THR B 345 23.54 48.60 -26.98
N THR B 346 23.76 49.85 -27.40
CA THR B 346 24.21 50.17 -28.77
C THR B 346 25.74 50.31 -28.82
N VAL B 347 26.42 49.38 -29.53
CA VAL B 347 27.90 49.27 -29.54
C VAL B 347 28.56 49.72 -30.86
N ALA B 348 29.50 50.66 -30.76
CA ALA B 348 30.17 51.26 -31.91
C ALA B 348 31.49 50.57 -32.19
N GLU B 349 31.60 50.02 -33.39
CA GLU B 349 32.72 49.14 -33.75
C GLU B 349 33.89 49.95 -34.31
N LEU B 350 34.98 50.03 -33.55
CA LEU B 350 36.14 50.84 -33.94
C LEU B 350 37.13 50.03 -34.80
N LYS B 351 36.86 50.00 -36.10
CA LYS B 351 37.79 49.42 -37.09
C LYS B 351 39.15 50.16 -37.10
N PRO B 352 40.21 49.51 -37.63
CA PRO B 352 41.51 50.20 -37.73
C PRO B 352 41.49 51.38 -38.71
N GLY B 353 42.04 52.51 -38.26
CA GLY B 353 42.11 53.73 -39.07
C GLY B 353 41.07 54.79 -38.71
N SER B 354 39.83 54.34 -38.46
CA SER B 354 38.72 55.25 -38.14
C SER B 354 39.00 56.08 -36.87
N PRO B 355 38.34 57.23 -36.71
CA PRO B 355 38.79 58.21 -35.71
C PRO B 355 38.67 57.74 -34.27
N ASP B 356 39.65 58.10 -33.45
CA ASP B 356 39.76 57.67 -32.05
C ASP B 356 39.08 58.62 -31.08
N GLY B 357 39.29 59.91 -31.28
CA GLY B 357 38.87 60.95 -30.34
C GLY B 357 37.54 60.73 -29.64
N ILE B 358 37.51 61.00 -28.34
CA ILE B 358 36.30 60.85 -27.52
C ILE B 358 35.03 61.38 -28.19
N VAL B 359 35.13 62.49 -28.89
CA VAL B 359 33.95 63.08 -29.53
C VAL B 359 33.44 62.21 -30.69
N ASP B 360 34.36 61.62 -31.44
CA ASP B 360 34.00 60.75 -32.57
C ASP B 360 33.25 59.51 -32.08
N LEU B 361 33.75 58.94 -30.98
CA LEU B 361 33.18 57.72 -30.39
C LEU B 361 31.78 57.98 -29.84
N LEU B 362 31.59 59.13 -29.19
CA LEU B 362 30.25 59.57 -28.75
C LEU B 362 29.24 59.57 -29.91
N VAL B 363 29.62 60.20 -31.01
CA VAL B 363 28.77 60.22 -32.20
C VAL B 363 28.65 58.83 -32.84
N ALA B 364 29.71 58.03 -32.76
CA ALA B 364 29.71 56.67 -33.31
C ALA B 364 28.72 55.79 -32.56
N SER B 365 28.68 55.95 -31.24
CA SER B 365 27.98 55.03 -30.33
C SER B 365 26.53 55.43 -30.05
N GLY B 366 26.11 56.55 -30.58
CA GLY B 366 24.74 57.05 -30.38
C GLY B 366 24.52 57.90 -29.14
N LEU B 367 25.53 58.04 -28.30
CA LEU B 367 25.42 58.77 -27.04
C LEU B 367 25.24 60.28 -27.24
N SER B 368 25.83 60.82 -28.30
CA SER B 368 25.56 62.20 -28.71
C SER B 368 25.24 62.25 -30.20
N ALA B 369 24.34 63.17 -30.57
CA ALA B 369 23.84 63.30 -31.96
C ALA B 369 24.79 64.07 -32.87
N SER B 370 25.61 64.93 -32.27
CA SER B 370 26.53 65.77 -33.02
C SER B 370 27.91 65.80 -32.38
N LYS B 371 28.91 66.15 -33.19
CA LYS B 371 30.29 66.29 -32.71
C LYS B 371 30.48 67.60 -31.94
N GLY B 372 29.51 68.51 -31.99
CA GLY B 372 29.46 69.65 -31.08
C GLY B 372 28.70 69.30 -29.81
N ALA B 373 27.47 68.80 -29.99
CA ALA B 373 26.60 68.40 -28.88
C ALA B 373 27.35 67.50 -27.89
N ALA B 374 28.20 66.64 -28.45
CA ALA B 374 29.16 65.85 -27.67
C ALA B 374 30.12 66.76 -26.89
N ARG B 375 30.88 67.58 -27.61
CA ARG B 375 31.81 68.55 -26.97
C ARG B 375 31.12 69.24 -25.78
N ARG B 376 29.86 69.62 -26.00
CA ARG B 376 29.05 70.25 -24.96
C ARG B 376 28.91 69.35 -23.73
N THR B 377 28.26 68.21 -23.93
CA THR B 377 27.90 67.28 -22.84
C THR B 377 29.12 66.84 -21.99
N ILE B 378 30.29 66.81 -22.62
CA ILE B 378 31.59 66.54 -21.94
C ILE B 378 31.81 67.45 -20.74
N HIS B 379 31.44 68.72 -20.90
CA HIS B 379 31.71 69.72 -19.88
C HIS B 379 30.71 69.70 -18.75
N GLU B 380 31.18 70.12 -17.58
CA GLU B 380 30.56 69.83 -16.27
C GLU B 380 29.27 68.99 -16.35
N GLY B 381 29.42 67.73 -15.94
CA GLY B 381 28.42 66.69 -16.13
C GLY B 381 29.16 65.46 -16.60
N GLY B 382 29.90 65.63 -17.69
CA GLY B 382 30.90 64.66 -18.10
C GLY B 382 30.38 63.35 -18.67
N VAL B 383 30.93 63.00 -19.82
CA VAL B 383 30.91 61.61 -20.27
C VAL B 383 31.97 60.88 -19.43
N SER B 384 31.78 59.58 -19.26
CA SER B 384 32.76 58.74 -18.57
C SER B 384 33.24 57.64 -19.50
N VAL B 385 34.55 57.43 -19.52
CA VAL B 385 35.13 56.29 -20.23
C VAL B 385 35.67 55.29 -19.21
N ASN B 386 34.97 54.16 -19.05
CA ASN B 386 35.31 53.15 -18.04
C ASN B 386 35.21 53.68 -16.61
N ASN B 387 34.09 54.32 -16.33
CA ASN B 387 33.80 54.96 -15.02
C ASN B 387 34.79 56.09 -14.64
N ILE B 388 35.43 56.68 -15.65
CA ILE B 388 36.44 57.72 -15.44
C ILE B 388 35.90 59.00 -16.07
N ARG B 389 35.69 60.02 -15.25
CA ARG B 389 35.10 61.28 -15.71
C ARG B 389 36.05 61.98 -16.67
N VAL B 390 35.71 61.97 -17.95
CA VAL B 390 36.55 62.61 -18.97
C VAL B 390 36.23 64.11 -19.11
N ASP B 391 37.26 64.94 -18.94
CA ASP B 391 37.11 66.41 -18.92
C ASP B 391 37.87 67.15 -20.04
N ASN B 392 38.77 66.46 -20.73
CA ASN B 392 39.44 67.02 -21.92
C ASN B 392 38.73 66.60 -23.22
N GLU B 393 38.69 67.50 -24.18
CA GLU B 393 37.90 67.31 -25.42
C GLU B 393 38.63 66.43 -26.45
N GLU B 394 39.92 66.69 -26.65
CA GLU B 394 40.71 65.91 -27.60
C GLU B 394 41.20 64.59 -27.01
N TRP B 395 40.61 64.20 -25.89
CA TRP B 395 40.90 62.93 -25.24
C TRP B 395 40.93 61.83 -26.30
N VAL B 396 42.02 61.07 -26.32
CA VAL B 396 42.11 59.92 -27.19
C VAL B 396 42.20 58.69 -26.30
N PRO B 397 41.62 57.57 -26.76
CA PRO B 397 41.80 56.31 -26.06
C PRO B 397 43.14 55.65 -26.33
N GLN B 398 43.93 55.53 -25.27
CA GLN B 398 45.16 54.73 -25.32
C GLN B 398 44.79 53.25 -25.44
N SER B 399 45.75 52.44 -25.89
CA SER B 399 45.56 50.98 -26.02
C SER B 399 45.27 50.30 -24.67
N SER B 400 45.99 50.74 -23.65
CA SER B 400 45.86 50.15 -22.30
C SER B 400 44.55 50.55 -21.56
N ASP B 401 43.81 51.53 -22.09
CA ASP B 401 42.48 51.89 -21.57
C ASP B 401 41.44 50.82 -21.89
N PHE B 402 41.59 50.23 -23.08
CA PHE B 402 40.68 49.19 -23.55
C PHE B 402 40.58 48.02 -22.58
N LEU B 403 39.36 47.71 -22.12
CA LEU B 403 39.12 46.58 -21.22
C LEU B 403 39.25 45.28 -21.98
N HIS B 404 40.06 44.37 -21.44
CA HIS B 404 40.48 43.13 -22.12
C HIS B 404 41.06 43.39 -23.52
N GLY B 405 41.65 44.57 -23.68
CA GLY B 405 42.10 45.07 -24.99
C GLY B 405 41.03 45.05 -26.09
N ARG B 406 39.79 45.34 -25.73
CA ARG B 406 38.66 45.26 -26.69
C ARG B 406 37.57 46.31 -26.48
N TRP B 407 37.26 46.59 -25.21
CA TRP B 407 36.05 47.32 -24.87
C TRP B 407 36.30 48.65 -24.16
N LEU B 408 35.60 49.68 -24.62
CA LEU B 408 35.44 50.91 -23.84
C LEU B 408 33.98 51.03 -23.33
N VAL B 409 33.83 51.42 -22.07
CA VAL B 409 32.52 51.67 -21.50
C VAL B 409 32.28 53.19 -21.45
N LEU B 410 31.52 53.69 -22.42
CA LEU B 410 31.11 55.08 -22.45
C LEU B 410 29.77 55.26 -21.73
N ARG B 411 29.69 56.27 -20.87
CA ARG B 411 28.46 56.59 -20.15
C ARG B 411 28.24 58.10 -20.13
N ARG B 412 27.01 58.53 -20.38
CA ARG B 412 26.69 59.97 -20.46
C ARG B 412 26.27 60.54 -19.10
N GLY B 413 25.09 60.18 -18.63
CA GLY B 413 24.63 60.61 -17.32
C GLY B 413 25.09 59.62 -16.27
N LYS B 414 24.11 58.97 -15.64
CA LYS B 414 24.34 57.84 -14.74
C LYS B 414 23.37 56.69 -15.08
N ARG B 415 23.02 56.58 -16.35
CA ARG B 415 21.97 55.63 -16.80
C ARG B 415 22.15 55.15 -18.24
N SER B 416 22.49 56.07 -19.13
CA SER B 416 22.71 55.75 -20.55
C SER B 416 24.16 55.39 -20.85
N ILE B 417 24.40 54.18 -21.34
CA ILE B 417 25.76 53.70 -21.65
C ILE B 417 25.84 53.06 -23.06
N ALA B 418 27.02 53.11 -23.63
CA ALA B 418 27.30 52.48 -24.92
C ALA B 418 28.72 51.92 -24.95
N GLY B 419 28.98 51.01 -25.88
CA GLY B 419 30.27 50.32 -25.97
C GLY B 419 31.04 50.59 -27.24
N VAL B 420 32.37 50.63 -27.12
CA VAL B 420 33.25 50.72 -28.28
C VAL B 420 34.03 49.42 -28.39
N GLU B 421 33.94 48.77 -29.54
CA GLU B 421 34.63 47.50 -29.78
C GLU B 421 35.62 47.60 -30.93
N ARG B 422 36.92 47.55 -30.62
CA ARG B 422 37.96 47.59 -31.67
C ARG B 422 38.04 46.28 -32.50
N ILE B 423 37.94 46.42 -33.81
CA ILE B 423 38.06 45.31 -34.76
C ILE B 423 39.45 45.31 -35.39
N ILE C 5 -13.96 -3.92 -75.25
CA ILE C 5 -14.04 -4.35 -73.81
C ILE C 5 -14.81 -3.35 -72.94
N LEU C 6 -14.39 -2.10 -72.94
CA LEU C 6 -15.20 -1.02 -72.37
C LEU C 6 -16.50 -0.87 -73.14
N ASP C 7 -16.52 -1.36 -74.38
CA ASP C 7 -17.74 -1.32 -75.20
C ASP C 7 -18.71 -2.40 -74.71
N GLU C 8 -18.17 -3.59 -74.46
CA GLU C 8 -18.96 -4.67 -73.86
C GLU C 8 -19.61 -4.20 -72.56
N LEU C 9 -18.78 -3.87 -71.58
CA LEU C 9 -19.29 -3.47 -70.25
C LEU C 9 -20.34 -2.38 -70.36
N SER C 10 -20.20 -1.55 -71.39
CA SER C 10 -21.03 -0.39 -71.54
C SER C 10 -22.41 -0.76 -72.08
N TRP C 11 -22.51 -1.64 -73.07
CA TRP C 11 -23.86 -2.04 -73.57
C TRP C 11 -24.55 -2.89 -72.52
N ARG C 12 -23.79 -3.66 -71.77
CA ARG C 12 -24.36 -4.49 -70.70
C ARG C 12 -24.82 -3.67 -69.50
N GLY C 13 -24.43 -2.40 -69.44
CA GLY C 13 -24.78 -1.51 -68.32
C GLY C 13 -23.95 -1.76 -67.06
N LEU C 14 -22.75 -2.28 -67.22
CA LEU C 14 -21.92 -2.69 -66.09
C LEU C 14 -20.98 -1.59 -65.56
N ILE C 15 -20.90 -0.45 -66.25
CA ILE C 15 -20.06 0.67 -65.79
C ILE C 15 -20.84 1.68 -64.95
N ALA C 16 -20.81 1.46 -63.64
CA ALA C 16 -21.41 2.38 -62.67
C ALA C 16 -20.71 3.72 -62.67
N GLN C 17 -19.42 3.67 -62.42
CA GLN C 17 -18.60 4.87 -62.34
C GLN C 17 -17.23 4.56 -62.93
N SER C 18 -16.46 5.59 -63.25
CA SER C 18 -15.12 5.40 -63.83
C SER C 18 -14.33 6.69 -63.93
N THR C 19 -13.00 6.56 -63.99
CA THR C 19 -12.17 7.70 -64.38
C THR C 19 -12.44 7.86 -65.89
N ASP C 20 -11.77 8.79 -66.54
CA ASP C 20 -12.06 9.08 -67.95
C ASP C 20 -12.13 7.79 -68.77
N LEU C 21 -13.28 7.62 -69.44
CA LEU C 21 -13.63 6.40 -70.19
C LEU C 21 -12.81 6.33 -71.49
N ASP C 22 -12.62 7.49 -72.12
CA ASP C 22 -11.82 7.59 -73.34
C ASP C 22 -10.33 7.37 -73.05
N THR C 23 -9.82 7.99 -71.99
CA THR C 23 -8.44 7.77 -71.58
C THR C 23 -8.19 6.30 -71.21
N LEU C 24 -9.22 5.67 -70.64
CA LEU C 24 -9.16 4.25 -70.23
C LEU C 24 -9.18 3.30 -71.43
N ALA C 25 -10.15 3.53 -72.32
CA ALA C 25 -10.24 2.77 -73.57
C ALA C 25 -8.92 2.87 -74.34
N ALA C 26 -8.39 4.08 -74.41
CA ALA C 26 -7.06 4.35 -75.00
C ALA C 26 -5.97 3.45 -74.41
N GLU C 27 -5.97 3.30 -73.08
CA GLU C 27 -5.02 2.42 -72.39
C GLU C 27 -5.27 0.94 -72.72
N ALA C 28 -6.53 0.60 -72.94
CA ALA C 28 -6.92 -0.80 -73.16
C ALA C 28 -6.31 -1.36 -74.44
N GLN C 29 -6.59 -0.68 -75.56
CA GLN C 29 -6.07 -1.09 -76.88
C GLN C 29 -4.54 -1.02 -76.91
N ARG C 30 -3.99 -0.01 -76.23
CA ARG C 30 -2.53 0.21 -76.10
C ARG C 30 -1.78 -1.10 -75.80
N GLY C 31 -2.39 -1.95 -74.99
CA GLY C 31 -1.84 -3.28 -74.68
C GLY C 31 -2.51 -3.88 -73.45
N PRO C 32 -2.25 -5.18 -73.17
CA PRO C 32 -2.81 -5.89 -72.00
C PRO C 32 -2.55 -5.23 -70.64
N MET C 33 -3.61 -4.63 -70.10
CA MET C 33 -3.62 -4.08 -68.74
C MET C 33 -3.53 -5.17 -67.68
N THR C 34 -3.19 -4.74 -66.47
CA THR C 34 -3.31 -5.59 -65.30
C THR C 34 -4.41 -4.98 -64.44
N VAL C 35 -5.52 -5.69 -64.33
CA VAL C 35 -6.66 -5.23 -63.56
C VAL C 35 -6.65 -5.92 -62.20
N TYR C 36 -7.09 -5.23 -61.15
CA TYR C 36 -7.23 -5.90 -59.85
C TYR C 36 -8.54 -5.59 -59.16
N ALA C 37 -8.86 -6.47 -58.20
CA ALA C 37 -10.06 -6.36 -57.39
C ALA C 37 -9.78 -6.90 -56.01
N GLY C 38 -10.24 -6.21 -54.97
CA GLY C 38 -9.92 -6.57 -53.59
C GLY C 38 -10.90 -7.58 -53.02
N PHE C 39 -10.44 -8.37 -52.06
CA PHE C 39 -11.30 -9.36 -51.39
C PHE C 39 -10.99 -9.48 -49.91
N ASP C 40 -12.04 -9.52 -49.10
CA ASP C 40 -11.87 -9.78 -47.67
C ASP C 40 -11.71 -11.27 -47.43
N PRO C 41 -10.54 -11.70 -46.92
CA PRO C 41 -10.26 -13.12 -46.72
C PRO C 41 -10.69 -13.73 -45.38
N THR C 42 -11.34 -12.95 -44.53
CA THR C 42 -11.84 -13.49 -43.26
C THR C 42 -12.96 -14.52 -43.49
N ALA C 43 -13.76 -14.29 -44.54
CA ALA C 43 -14.85 -15.19 -44.93
C ALA C 43 -14.33 -16.60 -45.31
N PRO C 44 -15.11 -17.64 -44.97
CA PRO C 44 -14.71 -19.00 -45.27
C PRO C 44 -14.94 -19.40 -46.73
N SER C 45 -15.69 -18.59 -47.47
CA SER C 45 -15.96 -18.86 -48.88
C SER C 45 -16.33 -17.60 -49.61
N LEU C 46 -16.24 -17.65 -50.93
CA LEU C 46 -16.82 -16.59 -51.75
C LEU C 46 -18.31 -16.85 -51.86
N HIS C 47 -19.10 -15.79 -51.90
CA HIS C 47 -20.54 -15.93 -52.06
C HIS C 47 -21.08 -15.11 -53.25
N ALA C 48 -22.39 -15.19 -53.47
CA ALA C 48 -23.07 -14.46 -54.54
C ALA C 48 -22.66 -13.00 -54.72
N GLY C 49 -22.31 -12.34 -53.63
CA GLY C 49 -21.88 -10.93 -53.64
C GLY C 49 -20.54 -10.68 -54.30
N HIS C 50 -19.74 -11.73 -54.44
CA HIS C 50 -18.47 -11.63 -55.16
C HIS C 50 -18.63 -11.85 -56.67
N LEU C 51 -19.83 -12.18 -57.11
CA LEU C 51 -20.04 -12.61 -58.50
C LEU C 51 -19.75 -11.54 -59.54
N VAL C 52 -20.13 -10.30 -59.28
CA VAL C 52 -19.99 -9.26 -60.32
C VAL C 52 -18.52 -8.88 -60.50
N PRO C 53 -17.87 -8.39 -59.43
CA PRO C 53 -16.41 -8.21 -59.50
C PRO C 53 -15.70 -9.37 -60.19
N LEU C 54 -15.87 -10.58 -59.66
CA LEU C 54 -15.19 -11.78 -60.19
C LEU C 54 -15.52 -12.04 -61.66
N LEU C 55 -16.79 -11.91 -62.02
CA LEU C 55 -17.19 -12.08 -63.43
C LEU C 55 -16.61 -10.98 -64.30
N THR C 56 -16.53 -9.77 -63.76
CA THR C 56 -15.96 -8.65 -64.51
C THR C 56 -14.46 -8.84 -64.75
N LEU C 57 -13.75 -9.41 -63.78
CA LEU C 57 -12.35 -9.77 -64.05
C LEU C 57 -12.28 -10.78 -65.21
N ARG C 58 -13.12 -11.82 -65.17
CA ARG C 58 -13.18 -12.80 -66.24
C ARG C 58 -13.37 -12.10 -67.58
N ARG C 59 -14.24 -11.09 -67.61
CA ARG C 59 -14.49 -10.35 -68.84
C ARG C 59 -13.24 -9.65 -69.35
N PHE C 60 -12.46 -9.09 -68.44
CA PHE C 60 -11.20 -8.44 -68.80
C PHE C 60 -10.15 -9.43 -69.30
N GLN C 61 -10.14 -10.64 -68.75
CA GLN C 61 -9.16 -11.64 -69.16
C GLN C 61 -9.49 -12.15 -70.55
N ARG C 62 -10.77 -12.46 -70.77
CA ARG C 62 -11.25 -12.87 -72.10
C ARG C 62 -10.87 -11.84 -73.15
N ALA C 63 -11.05 -10.57 -72.80
CA ALA C 63 -10.61 -9.45 -73.63
C ALA C 63 -9.09 -9.29 -73.69
N GLY C 64 -8.35 -10.15 -72.99
CA GLY C 64 -6.90 -10.24 -73.13
C GLY C 64 -6.04 -9.60 -72.05
N HIS C 65 -6.67 -9.12 -70.98
CA HIS C 65 -5.96 -8.48 -69.87
C HIS C 65 -5.65 -9.45 -68.72
N ARG C 66 -4.83 -9.00 -67.79
CA ARG C 66 -4.47 -9.82 -66.65
C ARG C 66 -5.20 -9.36 -65.38
N PRO C 67 -5.85 -10.31 -64.68
CA PRO C 67 -6.49 -10.04 -63.40
C PRO C 67 -5.66 -10.42 -62.17
N ILE C 68 -5.69 -9.56 -61.17
CA ILE C 68 -5.11 -9.84 -59.87
C ILE C 68 -6.21 -9.84 -58.83
N VAL C 69 -6.24 -10.87 -57.99
CA VAL C 69 -7.12 -10.89 -56.81
C VAL C 69 -6.28 -10.50 -55.61
N LEU C 70 -6.56 -9.32 -55.03
CA LEU C 70 -5.83 -8.84 -53.85
C LEU C 70 -6.52 -9.22 -52.55
N ALA C 71 -5.91 -10.14 -51.80
CA ALA C 71 -6.41 -10.57 -50.51
C ALA C 71 -6.10 -9.52 -49.47
N GLY C 72 -7.16 -9.02 -48.84
CA GLY C 72 -7.04 -7.98 -47.82
C GLY C 72 -6.67 -8.55 -46.47
N GLY C 73 -5.48 -9.12 -46.38
CA GLY C 73 -5.01 -9.71 -45.13
C GLY C 73 -4.81 -8.68 -44.04
N ALA C 74 -4.37 -7.48 -44.46
CA ALA C 74 -4.13 -6.35 -43.55
C ALA C 74 -5.31 -6.10 -42.62
N THR C 75 -6.48 -5.89 -43.23
CA THR C 75 -7.72 -5.61 -42.50
C THR C 75 -8.19 -6.83 -41.71
N GLY C 76 -8.06 -8.00 -42.31
CA GLY C 76 -8.41 -9.24 -41.62
C GLY C 76 -7.67 -9.37 -40.30
N MET C 77 -6.43 -8.89 -40.28
CA MET C 77 -5.61 -8.92 -39.07
C MET C 77 -5.94 -7.79 -38.07
N ILE C 78 -6.57 -6.73 -38.57
CA ILE C 78 -6.99 -5.58 -37.75
C ILE C 78 -8.33 -5.86 -37.10
N GLY C 79 -9.28 -6.26 -37.94
CA GLY C 79 -10.60 -6.71 -37.48
C GLY C 79 -11.62 -5.60 -37.41
N ASP C 80 -12.62 -5.79 -36.55
CA ASP C 80 -13.76 -4.89 -36.41
C ASP C 80 -14.04 -4.67 -34.93
N THR C 94 -4.08 -16.95 -42.12
CA THR C 94 -5.40 -16.53 -42.58
C THR C 94 -5.46 -16.47 -44.10
N VAL C 95 -4.61 -15.63 -44.70
CA VAL C 95 -4.61 -15.42 -46.16
C VAL C 95 -4.09 -16.65 -46.94
N ALA C 96 -3.34 -17.52 -46.27
CA ALA C 96 -2.87 -18.80 -46.85
C ALA C 96 -3.97 -19.87 -46.82
N GLU C 97 -4.30 -20.37 -45.62
CA GLU C 97 -5.44 -21.28 -45.41
C GLU C 97 -6.64 -20.95 -46.31
N TRP C 98 -6.95 -19.66 -46.37
CA TRP C 98 -7.93 -19.10 -47.30
C TRP C 98 -7.68 -19.62 -48.72
N THR C 99 -6.50 -19.30 -49.29
CA THR C 99 -6.17 -19.57 -50.70
C THR C 99 -6.57 -20.97 -51.13
N GLU C 100 -6.17 -21.98 -50.37
CA GLU C 100 -6.47 -23.37 -50.72
C GLU C 100 -7.98 -23.58 -50.97
N ARG C 101 -8.78 -23.18 -49.99
CA ARG C 101 -10.24 -23.34 -50.05
C ARG C 101 -10.82 -22.52 -51.20
N ILE C 102 -10.31 -21.30 -51.37
CA ILE C 102 -10.87 -20.37 -52.35
C ILE C 102 -10.43 -20.72 -53.77
N ARG C 103 -9.19 -21.19 -53.91
CA ARG C 103 -8.57 -21.41 -55.23
C ARG C 103 -9.44 -22.22 -56.18
N GLY C 104 -10.14 -23.22 -55.64
CA GLY C 104 -11.09 -24.01 -56.42
C GLY C 104 -12.14 -23.09 -57.06
N GLN C 105 -12.65 -22.18 -56.24
CA GLN C 105 -13.69 -21.22 -56.65
C GLN C 105 -13.12 -20.16 -57.63
N LEU C 106 -12.09 -19.42 -57.19
CA LEU C 106 -11.44 -18.41 -58.03
C LEU C 106 -11.12 -18.90 -59.44
N GLU C 107 -10.64 -20.14 -59.54
CA GLU C 107 -10.29 -20.77 -60.84
C GLU C 107 -11.46 -20.95 -61.80
N ARG C 108 -12.66 -21.07 -61.25
CA ARG C 108 -13.90 -21.11 -62.06
C ARG C 108 -14.11 -19.82 -62.86
N PHE C 109 -13.59 -18.71 -62.35
CA PHE C 109 -13.72 -17.38 -62.98
C PHE C 109 -12.51 -16.99 -63.83
N VAL C 110 -11.33 -16.99 -63.21
CA VAL C 110 -10.10 -16.61 -63.88
C VAL C 110 -9.16 -17.78 -64.05
N ASP C 111 -8.23 -17.63 -64.99
CA ASP C 111 -7.28 -18.69 -65.35
C ASP C 111 -5.93 -18.42 -64.76
N PHE C 112 -5.44 -19.41 -64.03
CA PHE C 112 -4.08 -19.42 -63.52
C PHE C 112 -3.22 -20.29 -64.43
N ASP C 113 -2.47 -19.63 -65.31
CA ASP C 113 -1.52 -20.29 -66.19
C ASP C 113 -0.14 -19.62 -66.00
N ASP C 114 0.87 -20.19 -66.67
CA ASP C 114 2.25 -19.65 -66.61
C ASP C 114 2.57 -18.82 -67.86
N SER C 115 1.80 -17.76 -68.07
CA SER C 115 1.93 -16.94 -69.29
C SER C 115 1.61 -15.46 -68.95
N PRO C 116 1.45 -14.59 -69.97
CA PRO C 116 1.40 -13.16 -69.61
C PRO C 116 0.10 -12.69 -68.94
N MET C 117 -1.02 -13.29 -69.34
CA MET C 117 -2.35 -12.89 -68.84
C MET C 117 -2.87 -13.79 -67.71
N GLY C 118 -2.00 -14.65 -67.19
CA GLY C 118 -2.39 -15.60 -66.15
C GLY C 118 -2.84 -14.91 -64.87
N ALA C 119 -3.80 -15.53 -64.19
CA ALA C 119 -4.31 -15.01 -62.91
C ALA C 119 -3.22 -15.05 -61.86
N ILE C 120 -3.53 -14.50 -60.70
CA ILE C 120 -2.51 -14.21 -59.69
C ILE C 120 -3.19 -13.66 -58.43
N VAL C 121 -3.08 -14.40 -57.32
CA VAL C 121 -3.56 -13.95 -56.02
C VAL C 121 -2.45 -13.24 -55.26
N GLU C 122 -2.62 -11.96 -54.97
CA GLU C 122 -1.72 -11.24 -54.07
C GLU C 122 -2.31 -11.10 -52.67
N ASN C 123 -1.44 -10.79 -51.72
CA ASN C 123 -1.80 -10.55 -50.32
C ASN C 123 -1.21 -9.23 -49.89
N ASN C 124 -2.06 -8.26 -49.54
CA ASN C 124 -1.56 -6.92 -49.20
C ASN C 124 -0.77 -6.86 -47.88
N LEU C 125 -0.70 -7.98 -47.17
CA LEU C 125 0.20 -8.11 -46.03
C LEU C 125 1.67 -8.08 -46.45
N GLU C 126 1.93 -8.46 -47.70
CA GLU C 126 3.28 -8.40 -48.25
C GLU C 126 3.94 -7.01 -48.09
N TRP C 127 3.12 -5.96 -48.15
CA TRP C 127 3.64 -4.62 -47.87
C TRP C 127 3.18 -4.04 -46.53
N THR C 128 1.90 -4.18 -46.22
CA THR C 128 1.34 -3.57 -45.01
C THR C 128 1.90 -4.18 -43.73
N GLY C 129 2.19 -5.47 -43.79
CA GLY C 129 2.68 -6.21 -42.62
C GLY C 129 3.93 -5.64 -41.97
N SER C 130 4.79 -5.04 -42.79
CA SER C 130 6.05 -4.44 -42.31
C SER C 130 6.02 -2.91 -42.32
N LEU C 131 4.83 -2.34 -42.42
CA LEU C 131 4.66 -0.89 -42.47
C LEU C 131 4.51 -0.32 -41.05
N SER C 132 5.42 0.57 -40.67
CA SER C 132 5.38 1.18 -39.36
C SER C 132 4.28 2.23 -39.26
N ALA C 133 3.80 2.44 -38.04
CA ALA C 133 2.91 3.56 -37.74
C ALA C 133 3.46 4.86 -38.34
N ILE C 134 4.74 5.14 -38.10
CA ILE C 134 5.36 6.40 -38.56
C ILE C 134 5.41 6.53 -40.09
N GLU C 135 5.75 5.46 -40.81
CA GLU C 135 5.72 5.52 -42.28
C GLU C 135 4.29 5.83 -42.73
N PHE C 136 3.34 5.09 -42.18
CA PHE C 136 1.91 5.26 -42.47
C PHE C 136 1.49 6.73 -42.36
N LEU C 137 1.77 7.32 -41.21
CA LEU C 137 1.36 8.69 -40.92
C LEU C 137 2.13 9.70 -41.77
N ARG C 138 3.39 9.40 -42.08
CA ARG C 138 4.28 10.37 -42.73
C ARG C 138 4.16 10.35 -44.25
N ASP C 139 4.35 9.17 -44.82
CA ASP C 139 4.48 9.01 -46.28
C ASP C 139 3.15 8.73 -46.97
N ILE C 140 2.17 8.20 -46.23
CA ILE C 140 0.81 8.01 -46.75
C ILE C 140 -0.13 9.13 -46.24
N GLY C 141 -0.28 9.21 -44.93
CA GLY C 141 -1.25 10.10 -44.29
C GLY C 141 -1.12 11.58 -44.65
N LYS C 142 0.09 11.99 -45.01
CA LYS C 142 0.39 13.40 -45.28
C LYS C 142 -0.27 13.89 -46.55
N HIS C 143 -0.63 12.97 -47.43
CA HIS C 143 -1.31 13.26 -48.70
C HIS C 143 -2.84 13.25 -48.58
N PHE C 144 -3.37 13.23 -47.37
CA PHE C 144 -4.82 13.12 -47.17
C PHE C 144 -5.39 14.23 -46.31
N SER C 145 -6.45 14.84 -46.80
CA SER C 145 -7.19 15.91 -46.10
C SER C 145 -8.43 15.37 -45.38
N VAL C 146 -8.50 15.58 -44.07
CA VAL C 146 -9.67 15.13 -43.30
C VAL C 146 -10.98 15.60 -43.97
N ASN C 147 -11.02 16.87 -44.35
CA ASN C 147 -12.22 17.43 -44.99
C ASN C 147 -12.65 16.64 -46.23
N VAL C 148 -11.73 16.38 -47.16
CA VAL C 148 -12.03 15.60 -48.37
C VAL C 148 -12.59 14.22 -48.02
N MET C 149 -11.93 13.54 -47.08
CA MET C 149 -12.31 12.19 -46.65
C MET C 149 -13.74 12.18 -46.12
N LEU C 150 -13.99 13.03 -45.13
CA LEU C 150 -15.35 13.29 -44.61
C LEU C 150 -16.33 13.65 -45.72
N ALA C 151 -15.84 14.40 -46.70
CA ALA C 151 -16.65 14.97 -47.80
C ALA C 151 -17.20 13.90 -48.75
N ARG C 152 -17.96 12.97 -48.18
CA ARG C 152 -18.43 11.78 -48.87
C ARG C 152 -19.74 11.30 -48.27
N ASP C 153 -20.72 11.03 -49.13
CA ASP C 153 -22.02 10.49 -48.69
C ASP C 153 -21.88 9.16 -47.92
N THR C 154 -20.92 8.33 -48.30
CA THR C 154 -20.68 7.05 -47.59
C THR C 154 -20.35 7.26 -46.11
N ILE C 155 -19.27 7.99 -45.89
CA ILE C 155 -18.79 8.28 -44.54
C ILE C 155 -19.73 9.26 -43.83
N ARG C 156 -20.28 10.21 -44.59
CA ARG C 156 -21.23 11.19 -44.04
C ARG C 156 -22.51 10.53 -43.52
N ARG C 157 -22.92 9.47 -44.20
CA ARG C 157 -24.04 8.63 -43.75
C ARG C 157 -23.68 7.91 -42.47
N ARG C 158 -22.51 7.26 -42.48
CA ARG C 158 -22.01 6.54 -41.30
C ARG C 158 -21.77 7.47 -40.11
N LEU C 159 -21.31 8.68 -40.42
CA LEU C 159 -21.18 9.74 -39.40
C LEU C 159 -22.52 10.12 -38.81
N ALA C 160 -23.53 10.26 -39.67
CA ALA C 160 -24.88 10.62 -39.24
C ALA C 160 -25.58 9.40 -38.61
N GLY C 161 -25.21 8.22 -39.10
CA GLY C 161 -25.81 6.96 -38.64
C GLY C 161 -25.18 6.46 -37.36
N GLU C 162 -24.63 5.25 -37.41
CA GLU C 162 -24.16 4.55 -36.20
C GLU C 162 -22.77 4.98 -35.69
N GLY C 163 -22.21 6.03 -36.29
CA GLY C 163 -20.85 6.48 -35.96
C GLY C 163 -19.77 5.66 -36.67
N ILE C 164 -18.59 6.27 -36.82
CA ILE C 164 -17.45 5.60 -37.45
C ILE C 164 -16.21 5.79 -36.57
N SER C 165 -15.48 4.71 -36.31
CA SER C 165 -14.23 4.80 -35.52
C SER C 165 -13.09 5.34 -36.38
N TYR C 166 -12.04 5.78 -35.71
CA TYR C 166 -10.87 6.27 -36.40
C TYR C 166 -10.23 5.18 -37.24
N THR C 167 -10.34 3.94 -36.81
CA THR C 167 -9.76 2.83 -37.57
C THR C 167 -10.54 2.60 -38.84
N GLU C 168 -11.85 2.51 -38.71
CA GLU C 168 -12.76 2.40 -39.87
C GLU C 168 -12.56 3.55 -40.86
N PHE C 169 -12.25 4.72 -40.32
CA PHE C 169 -12.00 5.94 -41.11
C PHE C 169 -10.68 5.89 -41.87
N SER C 170 -9.76 5.04 -41.43
CA SER C 170 -8.38 4.96 -41.97
C SER C 170 -8.23 3.96 -43.09
N TYR C 171 -9.07 2.93 -43.07
CA TYR C 171 -9.07 1.91 -44.12
CA TYR C 171 -9.16 1.92 -44.14
C TYR C 171 -8.81 2.51 -45.51
N LEU C 172 -9.44 3.64 -45.79
CA LEU C 172 -9.26 4.40 -47.03
C LEU C 172 -7.79 4.55 -47.38
N LEU C 173 -6.98 4.93 -46.39
CA LEU C 173 -5.53 5.13 -46.60
C LEU C 173 -4.80 3.83 -46.94
N LEU C 174 -5.10 2.76 -46.21
CA LEU C 174 -4.51 1.45 -46.50
C LEU C 174 -4.88 1.01 -47.91
N GLN C 175 -6.15 1.15 -48.24
CA GLN C 175 -6.68 0.77 -49.55
C GLN C 175 -6.04 1.57 -50.67
N ALA C 176 -5.80 2.85 -50.43
CA ALA C 176 -5.13 3.69 -51.40
C ALA C 176 -3.71 3.18 -51.61
N ASN C 177 -2.99 2.99 -50.50
CA ASN C 177 -1.63 2.48 -50.54
C ASN C 177 -1.52 1.20 -51.36
N ASP C 178 -2.48 0.29 -51.17
CA ASP C 178 -2.57 -0.94 -51.96
C ASP C 178 -2.45 -0.68 -53.47
N TYR C 179 -3.12 0.36 -53.97
CA TYR C 179 -3.03 0.65 -55.40
C TYR C 179 -1.61 1.07 -55.79
N VAL C 180 -1.00 1.92 -54.97
CA VAL C 180 0.37 2.41 -55.23
C VAL C 180 1.35 1.25 -55.25
N GLU C 181 1.17 0.36 -54.29
CA GLU C 181 2.06 -0.79 -54.13
C GLU C 181 1.85 -1.86 -55.23
N LEU C 182 0.62 -2.03 -55.70
CA LEU C 182 0.35 -2.96 -56.83
C LEU C 182 0.80 -2.43 -58.19
N HIS C 183 0.73 -1.11 -58.36
CA HIS C 183 1.24 -0.46 -59.57
C HIS C 183 2.76 -0.58 -59.67
N ARG C 184 3.42 -0.32 -58.54
CA ARG C 184 4.87 -0.45 -58.45
C ARG C 184 5.26 -1.89 -58.80
N ARG C 185 4.65 -2.84 -58.10
CA ARG C 185 5.03 -4.26 -58.17
C ARG C 185 4.58 -5.04 -59.41
N HIS C 186 3.46 -4.67 -60.03
CA HIS C 186 2.95 -5.46 -61.16
C HIS C 186 2.42 -4.60 -62.30
N GLY C 187 2.86 -3.35 -62.36
CA GLY C 187 2.49 -2.44 -63.48
C GLY C 187 0.98 -2.28 -63.63
N CYS C 188 0.29 -2.47 -62.53
CA CYS C 188 -1.15 -2.51 -62.50
C CYS C 188 -1.73 -1.13 -62.74
N THR C 189 -2.73 -1.03 -63.60
CA THR C 189 -3.26 0.30 -64.01
C THR C 189 -4.78 0.48 -63.95
N LEU C 190 -5.50 -0.56 -63.59
CA LEU C 190 -6.95 -0.44 -63.35
C LEU C 190 -7.32 -1.27 -62.14
N GLN C 191 -8.15 -0.67 -61.29
CA GLN C 191 -8.80 -1.38 -60.19
C GLN C 191 -10.29 -1.37 -60.46
N ILE C 192 -10.92 -2.54 -60.29
CA ILE C 192 -12.37 -2.63 -60.31
C ILE C 192 -12.89 -2.97 -58.91
N GLY C 193 -14.13 -2.55 -58.65
CA GLY C 193 -14.78 -2.81 -57.37
C GLY C 193 -16.28 -2.62 -57.45
N GLY C 194 -16.96 -2.89 -56.34
CA GLY C 194 -18.39 -2.64 -56.22
C GLY C 194 -18.66 -1.14 -56.26
N ALA C 195 -19.84 -0.76 -56.72
CA ALA C 195 -20.23 0.64 -56.84
C ALA C 195 -20.05 1.38 -55.52
N ASP C 196 -20.27 0.70 -54.40
CA ASP C 196 -20.08 1.31 -53.05
C ASP C 196 -18.62 1.52 -52.61
N GLN C 197 -17.67 0.87 -53.28
CA GLN C 197 -16.23 0.99 -52.97
C GLN C 197 -15.53 2.17 -53.65
N TRP C 198 -16.30 3.04 -54.29
CA TRP C 198 -15.72 4.06 -55.16
C TRP C 198 -14.65 4.87 -54.46
N GLY C 199 -15.05 5.55 -53.39
CA GLY C 199 -14.15 6.41 -52.64
C GLY C 199 -12.80 5.76 -52.38
N ASN C 200 -12.85 4.48 -52.02
CA ASN C 200 -11.66 3.68 -51.77
C ASN C 200 -10.74 3.66 -52.97
N ILE C 201 -11.34 3.46 -54.15
CA ILE C 201 -10.58 3.22 -55.36
C ILE C 201 -10.01 4.53 -55.92
N ILE C 202 -10.81 5.59 -55.95
CA ILE C 202 -10.36 6.87 -56.50
C ILE C 202 -9.27 7.46 -55.62
N ALA C 203 -9.38 7.21 -54.33
CA ALA C 203 -8.37 7.59 -53.35
C ALA C 203 -7.03 7.05 -53.80
N GLY C 204 -7.04 5.78 -54.24
CA GLY C 204 -5.86 5.08 -54.75
C GLY C 204 -5.31 5.66 -56.03
N VAL C 205 -6.20 6.11 -56.91
CA VAL C 205 -5.77 6.75 -58.17
C VAL C 205 -5.05 8.05 -57.87
N ARG C 206 -5.62 8.84 -56.97
CA ARG C 206 -5.03 10.11 -56.56
C ARG C 206 -3.64 9.91 -55.98
N LEU C 207 -3.52 8.96 -55.05
CA LEU C 207 -2.23 8.66 -54.38
C LEU C 207 -1.14 8.24 -55.37
N VAL C 208 -1.50 7.36 -56.29
CA VAL C 208 -0.57 6.94 -57.34
C VAL C 208 -0.05 8.15 -58.10
N ARG C 209 -0.95 9.06 -58.50
CA ARG C 209 -0.54 10.30 -59.18
C ARG C 209 0.51 11.05 -58.36
N GLN C 210 0.25 11.20 -57.07
CA GLN C 210 1.08 12.04 -56.22
C GLN C 210 2.41 11.39 -55.82
N LYS C 211 2.35 10.18 -55.28
CA LYS C 211 3.57 9.45 -54.88
C LYS C 211 4.44 8.96 -56.05
N LEU C 212 3.82 8.72 -57.21
CA LEU C 212 4.50 8.08 -58.35
C LEU C 212 4.43 8.85 -59.68
N GLY C 213 3.68 9.95 -59.74
CA GLY C 213 3.54 10.71 -61.01
C GLY C 213 2.66 10.05 -62.08
N ALA C 214 2.42 8.75 -61.92
CA ALA C 214 1.76 7.95 -62.95
C ALA C 214 0.24 8.13 -62.95
N THR C 215 -0.34 7.87 -64.10
CA THR C 215 -1.78 7.96 -64.31
C THR C 215 -2.36 6.57 -64.38
N VAL C 216 -3.37 6.32 -63.55
CA VAL C 216 -4.06 5.07 -63.57
C VAL C 216 -5.55 5.28 -63.40
N HIS C 217 -6.30 4.19 -63.47
CA HIS C 217 -7.74 4.23 -63.65
C HIS C 217 -8.55 3.48 -62.63
N ALA C 218 -9.81 3.88 -62.52
CA ALA C 218 -10.80 3.24 -61.67
C ALA C 218 -12.09 2.99 -62.46
N LEU C 219 -12.75 1.88 -62.16
CA LEU C 219 -14.03 1.52 -62.78
C LEU C 219 -14.84 0.61 -61.85
N THR C 220 -16.00 1.10 -61.40
CA THR C 220 -16.87 0.30 -60.51
C THR C 220 -18.09 -0.31 -61.21
N VAL C 221 -18.50 -1.46 -60.71
CA VAL C 221 -19.68 -2.17 -61.19
C VAL C 221 -20.78 -2.05 -60.15
N PRO C 222 -22.04 -2.03 -60.60
CA PRO C 222 -23.12 -1.79 -59.66
C PRO C 222 -23.32 -2.93 -58.68
N LEU C 223 -23.79 -2.59 -57.49
CA LEU C 223 -24.31 -3.60 -56.56
C LEU C 223 -25.62 -4.08 -57.17
N VAL C 224 -25.87 -5.38 -57.08
CA VAL C 224 -27.12 -5.95 -57.62
C VAL C 224 -28.17 -5.93 -56.51
N THR C 225 -29.27 -5.25 -56.78
CA THR C 225 -30.45 -5.28 -55.91
C THR C 225 -31.68 -5.42 -56.81
N ALA C 226 -32.58 -6.29 -56.40
CA ALA C 226 -33.76 -6.65 -57.18
C ALA C 226 -34.81 -5.53 -57.23
N ALA C 227 -35.72 -5.61 -58.19
CA ALA C 227 -36.77 -4.59 -58.39
C ALA C 227 -37.61 -4.35 -57.13
N ASP C 228 -37.82 -5.42 -56.37
CA ASP C 228 -38.57 -5.32 -55.10
C ASP C 228 -37.75 -4.77 -53.92
N GLY C 229 -36.51 -4.39 -54.18
CA GLY C 229 -35.69 -3.76 -53.15
C GLY C 229 -34.74 -4.69 -52.39
N THR C 230 -35.00 -5.99 -52.39
CA THR C 230 -34.19 -6.94 -51.59
C THR C 230 -32.81 -7.10 -52.21
N LYS C 231 -31.82 -7.38 -51.37
CA LYS C 231 -30.41 -7.40 -51.83
C LYS C 231 -30.03 -8.76 -52.38
N PHE C 232 -29.39 -8.73 -53.54
CA PHE C 232 -28.97 -9.93 -54.25
C PHE C 232 -28.11 -10.84 -53.37
N GLY C 233 -28.18 -12.13 -53.66
CA GLY C 233 -27.29 -13.11 -53.01
C GLY C 233 -27.64 -13.51 -51.58
N LYS C 234 -28.80 -13.07 -51.11
CA LYS C 234 -29.33 -13.51 -49.81
C LYS C 234 -30.04 -14.87 -49.94
N SER C 235 -29.78 -15.77 -48.99
CA SER C 235 -30.40 -17.10 -48.99
C SER C 235 -31.72 -17.10 -48.21
N THR C 236 -32.33 -18.27 -48.05
CA THR C 236 -33.60 -18.45 -47.32
C THR C 236 -33.61 -17.80 -45.92
N GLY C 237 -32.63 -18.17 -45.10
CA GLY C 237 -32.49 -17.59 -43.76
C GLY C 237 -31.92 -16.17 -43.75
N GLY C 238 -31.76 -15.56 -44.93
CA GLY C 238 -31.13 -14.23 -45.04
C GLY C 238 -29.61 -14.24 -44.88
N GLY C 239 -29.01 -15.42 -45.02
CA GLY C 239 -27.56 -15.58 -45.00
C GLY C 239 -26.99 -15.43 -46.40
N SER C 240 -25.79 -15.93 -46.62
CA SER C 240 -25.14 -15.79 -47.92
C SER C 240 -25.35 -17.01 -48.82
N LEU C 241 -25.30 -16.77 -50.12
CA LEU C 241 -25.26 -17.85 -51.13
C LEU C 241 -23.80 -18.21 -51.41
N TRP C 242 -23.31 -19.22 -50.72
CA TRP C 242 -21.90 -19.56 -50.75
C TRP C 242 -21.56 -20.37 -51.98
N LEU C 243 -20.45 -20.03 -52.64
CA LEU C 243 -20.00 -20.78 -53.82
C LEU C 243 -19.66 -22.22 -53.42
N ASP C 244 -19.20 -22.41 -52.18
CA ASP C 244 -18.80 -23.73 -51.68
C ASP C 244 -20.00 -24.69 -51.62
N PRO C 245 -19.87 -25.88 -52.23
CA PRO C 245 -21.01 -26.80 -52.32
C PRO C 245 -21.48 -27.31 -50.98
N GLN C 246 -20.55 -27.55 -50.06
CA GLN C 246 -20.88 -28.03 -48.70
C GLN C 246 -21.68 -27.02 -47.86
N MET C 247 -21.61 -25.74 -48.23
CA MET C 247 -22.31 -24.67 -47.51
C MET C 247 -23.63 -24.30 -48.19
N THR C 248 -23.57 -24.18 -49.51
CA THR C 248 -24.76 -23.99 -50.35
C THR C 248 -24.73 -25.03 -51.45
N SER C 249 -25.66 -25.97 -51.37
CA SER C 249 -25.69 -27.04 -52.34
C SER C 249 -25.90 -26.47 -53.73
N PRO C 250 -25.31 -27.12 -54.75
CA PRO C 250 -25.64 -26.83 -56.13
C PRO C 250 -27.14 -26.64 -56.39
N TYR C 251 -27.97 -27.45 -55.73
CA TYR C 251 -29.42 -27.30 -55.86
C TYR C 251 -29.91 -25.97 -55.30
N ALA C 252 -29.48 -25.65 -54.07
CA ALA C 252 -29.78 -24.36 -53.46
C ALA C 252 -29.31 -23.23 -54.39
N TRP C 253 -28.14 -23.43 -55.02
CA TRP C 253 -27.58 -22.45 -55.95
C TRP C 253 -28.48 -22.29 -57.18
N TYR C 254 -28.74 -23.40 -57.87
CA TYR C 254 -29.63 -23.38 -59.03
C TYR C 254 -30.98 -22.76 -58.69
N GLN C 255 -31.58 -23.29 -57.63
CA GLN C 255 -32.89 -22.84 -57.18
C GLN C 255 -32.95 -21.33 -57.14
N TYR C 256 -31.94 -20.73 -56.50
CA TYR C 256 -31.93 -19.30 -56.25
C TYR C 256 -32.13 -18.47 -57.52
N PHE C 257 -31.32 -18.76 -58.53
CA PHE C 257 -31.36 -18.00 -59.78
C PHE C 257 -32.58 -18.31 -60.63
N VAL C 258 -33.04 -19.56 -60.58
CA VAL C 258 -34.24 -20.00 -61.30
C VAL C 258 -35.51 -19.35 -60.72
N ASN C 259 -35.44 -18.87 -59.48
CA ASN C 259 -36.52 -18.10 -58.87
C ASN C 259 -36.30 -16.60 -58.89
N THR C 260 -35.46 -16.15 -59.80
CA THR C 260 -35.34 -14.74 -60.13
C THR C 260 -36.67 -14.20 -60.65
N ALA C 261 -37.06 -13.01 -60.17
CA ALA C 261 -38.27 -12.34 -60.65
C ALA C 261 -38.16 -12.07 -62.14
N ASP C 262 -39.32 -11.95 -62.82
CA ASP C 262 -39.34 -11.59 -64.24
C ASP C 262 -38.79 -10.18 -64.44
N ALA C 263 -39.12 -9.29 -63.51
CA ALA C 263 -38.58 -7.92 -63.53
C ALA C 263 -37.07 -7.88 -63.76
N ASP C 264 -36.34 -8.80 -63.15
CA ASP C 264 -34.88 -8.72 -63.05
C ASP C 264 -34.09 -9.67 -63.96
N VAL C 265 -34.77 -10.68 -64.50
CA VAL C 265 -34.09 -11.84 -65.06
C VAL C 265 -33.18 -11.54 -66.25
N ILE C 266 -33.59 -10.63 -67.12
CA ILE C 266 -32.77 -10.27 -68.28
C ILE C 266 -31.56 -9.44 -67.88
N ARG C 267 -31.81 -8.45 -67.02
CA ARG C 267 -30.74 -7.62 -66.46
C ARG C 267 -29.67 -8.50 -65.85
N TYR C 268 -30.12 -9.42 -64.99
CA TYR C 268 -29.24 -10.39 -64.38
C TYR C 268 -28.48 -11.17 -65.45
N LEU C 269 -29.20 -11.67 -66.43
CA LEU C 269 -28.55 -12.43 -67.51
C LEU C 269 -27.42 -11.62 -68.17
N ARG C 270 -27.71 -10.37 -68.55
CA ARG C 270 -26.72 -9.53 -69.28
C ARG C 270 -25.57 -9.04 -68.35
N TRP C 271 -25.80 -9.10 -67.05
CA TRP C 271 -24.82 -8.71 -66.07
C TRP C 271 -23.93 -9.87 -65.65
N PHE C 272 -24.51 -11.07 -65.58
CA PHE C 272 -23.84 -12.27 -65.06
C PHE C 272 -23.38 -13.31 -66.08
N THR C 273 -23.87 -13.24 -67.30
CA THR C 273 -23.56 -14.27 -68.30
C THR C 273 -22.81 -13.67 -69.48
N PHE C 274 -22.58 -14.48 -70.50
CA PHE C 274 -21.90 -14.04 -71.73
C PHE C 274 -22.80 -14.11 -72.96
N LEU C 275 -24.11 -14.19 -72.74
CA LEU C 275 -25.06 -14.23 -73.86
C LEU C 275 -24.92 -12.94 -74.64
N SER C 276 -24.98 -13.04 -75.96
CA SER C 276 -24.92 -11.85 -76.81
C SER C 276 -26.21 -11.04 -76.69
N ALA C 277 -26.15 -9.79 -77.12
CA ALA C 277 -27.31 -8.90 -77.12
C ALA C 277 -28.50 -9.47 -77.91
N ASP C 278 -28.23 -10.25 -78.95
CA ASP C 278 -29.28 -10.91 -79.74
C ASP C 278 -29.92 -12.06 -78.96
N GLU C 279 -29.07 -12.90 -78.37
CA GLU C 279 -29.52 -13.98 -77.48
C GLU C 279 -30.41 -13.43 -76.36
N LEU C 280 -30.03 -12.27 -75.82
CA LEU C 280 -30.82 -11.60 -74.77
C LEU C 280 -32.12 -10.99 -75.31
N ALA C 281 -32.08 -10.52 -76.55
CA ALA C 281 -33.29 -10.08 -77.25
C ALA C 281 -34.32 -11.22 -77.28
N GLU C 282 -33.89 -12.39 -77.75
CA GLU C 282 -34.76 -13.55 -77.92
C GLU C 282 -35.33 -14.10 -76.60
N LEU C 283 -34.53 -14.01 -75.54
CA LEU C 283 -35.00 -14.37 -74.21
C LEU C 283 -35.92 -13.29 -73.63
N GLU C 284 -35.67 -12.04 -73.99
CA GLU C 284 -36.57 -10.93 -73.58
C GLU C 284 -38.00 -11.18 -74.08
N GLN C 285 -38.09 -11.64 -75.32
CA GLN C 285 -39.38 -12.01 -75.94
C GLN C 285 -40.04 -13.16 -75.20
N ALA C 286 -39.26 -14.19 -74.89
CA ALA C 286 -39.72 -15.33 -74.10
C ALA C 286 -40.43 -14.89 -72.81
N THR C 287 -39.78 -14.01 -72.05
CA THR C 287 -40.32 -13.51 -70.78
C THR C 287 -41.61 -12.71 -71.01
N ALA C 288 -41.66 -12.02 -72.14
CA ALA C 288 -42.85 -11.25 -72.53
C ALA C 288 -44.02 -12.15 -72.90
N GLN C 289 -43.74 -13.08 -73.80
CA GLN C 289 -44.76 -13.92 -74.44
C GLN C 289 -45.07 -15.26 -73.74
N ARG C 290 -44.10 -15.78 -72.99
CA ARG C 290 -44.22 -17.11 -72.38
C ARG C 290 -43.70 -17.13 -70.94
N PRO C 291 -44.18 -16.20 -70.10
CA PRO C 291 -43.62 -15.95 -68.75
C PRO C 291 -43.65 -17.13 -67.76
N GLN C 292 -44.67 -17.98 -67.84
CA GLN C 292 -44.83 -19.12 -66.91
C GLN C 292 -43.88 -20.26 -67.26
N GLN C 293 -43.17 -20.09 -68.37
CA GLN C 293 -42.31 -21.11 -68.95
C GLN C 293 -40.85 -20.94 -68.52
N ARG C 294 -40.52 -19.73 -68.09
CA ARG C 294 -39.25 -19.44 -67.40
C ARG C 294 -37.97 -19.70 -68.22
N ALA C 295 -38.04 -19.50 -69.53
CA ALA C 295 -36.88 -19.75 -70.40
C ALA C 295 -35.66 -18.99 -69.88
N ALA C 296 -35.87 -17.74 -69.49
CA ALA C 296 -34.81 -16.84 -69.03
C ALA C 296 -34.25 -17.28 -67.69
N GLN C 297 -35.12 -17.71 -66.78
CA GLN C 297 -34.69 -18.12 -65.43
C GLN C 297 -33.85 -19.39 -65.48
N ARG C 298 -34.29 -20.34 -66.29
CA ARG C 298 -33.63 -21.64 -66.42
C ARG C 298 -32.27 -21.50 -67.10
N ARG C 299 -32.17 -20.54 -68.02
CA ARG C 299 -30.91 -20.29 -68.72
C ARG C 299 -29.91 -19.62 -67.77
N LEU C 300 -30.38 -18.59 -67.07
CA LEU C 300 -29.58 -17.94 -66.04
C LEU C 300 -29.07 -18.97 -65.03
N ALA C 301 -29.97 -19.87 -64.63
CA ALA C 301 -29.70 -20.86 -63.60
C ALA C 301 -28.61 -21.86 -64.03
N SER C 302 -28.70 -22.33 -65.26
CA SER C 302 -27.71 -23.29 -65.77
C SER C 302 -26.36 -22.63 -65.96
N GLU C 303 -26.36 -21.41 -66.51
CA GLU C 303 -25.12 -20.67 -66.77
C GLU C 303 -24.35 -20.43 -65.48
N LEU C 304 -25.04 -19.94 -64.45
CA LEU C 304 -24.39 -19.68 -63.15
C LEU C 304 -24.04 -20.95 -62.38
N THR C 305 -24.83 -22.01 -62.55
CA THR C 305 -24.52 -23.30 -61.90
C THR C 305 -23.40 -24.08 -62.62
N VAL C 306 -23.36 -24.01 -63.95
CA VAL C 306 -22.23 -24.58 -64.69
C VAL C 306 -20.95 -23.84 -64.31
N LEU C 307 -21.01 -22.52 -64.34
CA LEU C 307 -19.87 -21.64 -63.99
C LEU C 307 -19.21 -22.09 -62.70
N VAL C 308 -20.01 -22.20 -61.64
CA VAL C 308 -19.48 -22.45 -60.29
C VAL C 308 -19.26 -23.95 -59.98
N HIS C 309 -20.24 -24.78 -60.31
CA HIS C 309 -20.25 -26.20 -59.91
C HIS C 309 -20.04 -27.21 -61.04
N GLY C 310 -19.81 -26.73 -62.25
CA GLY C 310 -19.56 -27.61 -63.40
C GLY C 310 -20.80 -28.22 -64.04
N GLU C 311 -20.60 -28.87 -65.18
CA GLU C 311 -21.71 -29.35 -66.04
C GLU C 311 -22.42 -30.61 -65.53
N ALA C 312 -21.64 -31.58 -65.08
CA ALA C 312 -22.18 -32.82 -64.50
C ALA C 312 -23.11 -32.51 -63.33
N ALA C 313 -22.68 -31.60 -62.46
CA ALA C 313 -23.45 -31.24 -61.27
C ALA C 313 -24.72 -30.48 -61.65
N THR C 314 -24.59 -29.61 -62.64
CA THR C 314 -25.72 -28.83 -63.17
C THR C 314 -26.78 -29.76 -63.76
N ALA C 315 -26.34 -30.75 -64.52
CA ALA C 315 -27.25 -31.70 -65.19
C ALA C 315 -28.19 -32.35 -64.18
N ALA C 316 -27.59 -32.91 -63.13
CA ALA C 316 -28.32 -33.54 -62.04
C ALA C 316 -29.40 -32.59 -61.46
N VAL C 317 -28.97 -31.38 -61.12
CA VAL C 317 -29.83 -30.38 -60.50
C VAL C 317 -31.00 -30.01 -61.38
N GLU C 318 -30.74 -29.83 -62.67
CA GLU C 318 -31.83 -29.54 -63.62
C GLU C 318 -32.88 -30.65 -63.61
N HIS C 319 -32.43 -31.89 -63.76
CA HIS C 319 -33.32 -33.07 -63.80
C HIS C 319 -34.14 -33.14 -62.55
N ALA C 320 -33.45 -33.01 -61.43
CA ALA C 320 -34.07 -32.93 -60.12
C ALA C 320 -35.09 -31.83 -60.10
N SER C 321 -34.67 -30.64 -60.52
CA SER C 321 -35.55 -29.48 -60.48
C SER C 321 -36.81 -29.64 -61.33
N ARG C 322 -36.66 -30.26 -62.49
CA ARG C 322 -37.82 -30.56 -63.35
C ARG C 322 -38.70 -31.68 -62.76
N ALA C 323 -38.05 -32.79 -62.39
CA ALA C 323 -38.72 -33.93 -61.72
C ALA C 323 -39.62 -33.50 -60.57
N LEU C 324 -39.09 -32.62 -59.72
CA LEU C 324 -39.79 -32.12 -58.52
C LEU C 324 -41.02 -31.29 -58.83
N PHE C 325 -41.11 -30.75 -60.05
CA PHE C 325 -42.25 -29.93 -60.45
C PHE C 325 -43.09 -30.57 -61.55
N GLY C 326 -43.13 -31.89 -61.57
CA GLY C 326 -43.94 -32.62 -62.55
C GLY C 326 -43.51 -32.47 -63.99
N ARG C 327 -42.28 -31.99 -64.18
CA ARG C 327 -41.72 -31.81 -65.51
C ARG C 327 -40.75 -32.95 -65.82
N GLY C 328 -40.75 -33.96 -64.96
CA GLY C 328 -39.77 -35.02 -65.06
C GLY C 328 -40.20 -36.33 -64.44
N GLU C 329 -39.21 -36.99 -63.85
CA GLU C 329 -39.16 -38.44 -63.81
C GLU C 329 -38.64 -38.95 -62.49
N LEU C 330 -38.93 -38.24 -61.41
CA LEU C 330 -38.15 -38.33 -60.15
C LEU C 330 -37.73 -39.74 -59.66
N ALA C 331 -38.33 -40.79 -60.19
CA ALA C 331 -37.81 -42.15 -60.00
C ALA C 331 -36.34 -42.29 -60.44
N ARG C 332 -35.94 -41.57 -61.48
CA ARG C 332 -34.57 -41.69 -62.05
C ARG C 332 -33.51 -40.83 -61.35
N LEU C 333 -33.93 -40.02 -60.37
CA LEU C 333 -32.98 -39.22 -59.61
C LEU C 333 -32.36 -40.09 -58.53
N ASP C 334 -31.04 -39.99 -58.36
CA ASP C 334 -30.34 -40.78 -57.35
C ASP C 334 -30.43 -40.13 -55.97
N GLU C 335 -30.44 -40.96 -54.94
CA GLU C 335 -30.73 -40.54 -53.55
C GLU C 335 -30.03 -39.26 -53.11
N ALA C 336 -28.72 -39.17 -53.39
CA ALA C 336 -27.94 -37.98 -53.03
C ALA C 336 -28.60 -36.69 -53.55
N THR C 337 -28.94 -36.73 -54.83
CA THR C 337 -29.54 -35.60 -55.52
C THR C 337 -30.91 -35.24 -54.95
N LEU C 338 -31.78 -36.23 -54.90
CA LEU C 338 -33.14 -36.05 -54.41
C LEU C 338 -33.13 -35.53 -52.97
N ALA C 339 -32.31 -36.14 -52.12
CA ALA C 339 -32.16 -35.73 -50.72
C ALA C 339 -31.82 -34.25 -50.62
N ALA C 340 -30.73 -33.87 -51.28
CA ALA C 340 -30.30 -32.48 -51.37
C ALA C 340 -31.46 -31.56 -51.80
N ALA C 341 -32.12 -31.94 -52.88
CA ALA C 341 -33.21 -31.14 -53.44
C ALA C 341 -34.29 -30.91 -52.38
N LEU C 342 -34.66 -32.00 -51.72
CA LEU C 342 -35.73 -32.00 -50.73
C LEU C 342 -35.39 -31.21 -49.47
N ARG C 343 -34.12 -31.23 -49.07
CA ARG C 343 -33.70 -30.56 -47.83
C ARG C 343 -33.73 -29.02 -47.92
N GLU C 344 -33.93 -28.48 -49.12
CA GLU C 344 -34.12 -27.03 -49.29
C GLU C 344 -35.56 -26.66 -49.00
N THR C 345 -36.48 -27.58 -49.26
CA THR C 345 -37.90 -27.37 -48.92
C THR C 345 -38.20 -27.83 -47.49
N THR C 346 -39.35 -27.45 -46.98
CA THR C 346 -39.80 -27.95 -45.67
C THR C 346 -40.11 -29.44 -45.84
N VAL C 347 -39.76 -30.24 -44.83
CA VAL C 347 -39.92 -31.70 -44.92
C VAL C 347 -40.54 -32.30 -43.65
N ALA C 348 -41.70 -32.92 -43.82
CA ALA C 348 -42.38 -33.61 -42.73
C ALA C 348 -41.79 -35.01 -42.54
N GLU C 349 -41.24 -35.26 -41.36
CA GLU C 349 -40.52 -36.53 -41.10
C GLU C 349 -41.43 -37.59 -40.44
N LEU C 350 -42.05 -38.40 -41.29
CA LEU C 350 -43.06 -39.36 -40.86
C LEU C 350 -42.45 -40.60 -40.17
N LYS C 351 -43.05 -40.95 -39.04
CA LYS C 351 -42.59 -42.04 -38.18
C LYS C 351 -43.73 -43.06 -38.05
N PRO C 352 -43.51 -44.15 -37.30
CA PRO C 352 -44.64 -45.02 -36.94
C PRO C 352 -45.79 -44.24 -36.28
N GLY C 353 -47.01 -44.68 -36.55
CA GLY C 353 -48.16 -43.78 -36.57
C GLY C 353 -48.05 -43.09 -37.94
N SER C 354 -48.45 -41.84 -38.06
CA SER C 354 -49.22 -41.10 -37.06
C SER C 354 -50.16 -40.17 -37.85
N PRO C 355 -49.59 -39.32 -38.73
CA PRO C 355 -50.30 -38.97 -39.95
C PRO C 355 -50.63 -40.23 -40.81
N ASP C 356 -49.77 -40.57 -41.78
CA ASP C 356 -50.00 -41.69 -42.72
C ASP C 356 -51.20 -41.50 -43.67
N GLY C 357 -51.58 -40.26 -43.92
CA GLY C 357 -52.73 -39.99 -44.77
C GLY C 357 -52.57 -38.66 -45.49
N ILE C 358 -52.94 -38.64 -46.76
CA ILE C 358 -52.69 -37.46 -47.62
C ILE C 358 -53.06 -36.16 -46.94
N VAL C 359 -54.21 -36.16 -46.27
CA VAL C 359 -54.70 -34.96 -45.59
C VAL C 359 -53.74 -34.57 -44.50
N ASP C 360 -53.32 -35.59 -43.77
CA ASP C 360 -52.45 -35.42 -42.60
C ASP C 360 -51.09 -34.93 -43.07
N LEU C 361 -50.51 -35.68 -44.01
CA LEU C 361 -49.20 -35.36 -44.65
C LEU C 361 -49.09 -33.93 -45.19
N LEU C 362 -50.14 -33.46 -45.84
CA LEU C 362 -50.16 -32.12 -46.42
C LEU C 362 -49.95 -31.05 -45.36
N VAL C 363 -50.65 -31.20 -44.25
CA VAL C 363 -50.61 -30.24 -43.14
C VAL C 363 -49.29 -30.33 -42.40
N ALA C 364 -48.83 -31.57 -42.19
CA ALA C 364 -47.55 -31.84 -41.54
C ALA C 364 -46.36 -31.27 -42.31
N SER C 365 -46.35 -31.46 -43.63
CA SER C 365 -45.29 -30.94 -44.50
C SER C 365 -45.38 -29.43 -44.73
N GLY C 366 -46.41 -28.81 -44.17
CA GLY C 366 -46.62 -27.37 -44.32
C GLY C 366 -47.15 -26.97 -45.69
N LEU C 367 -47.71 -27.90 -46.43
CA LEU C 367 -48.28 -27.58 -47.74
C LEU C 367 -49.68 -26.99 -47.59
N SER C 368 -50.45 -27.59 -46.69
CA SER C 368 -51.76 -27.08 -46.33
C SER C 368 -51.74 -26.57 -44.88
N ALA C 369 -52.35 -25.40 -44.66
CA ALA C 369 -52.45 -24.81 -43.32
C ALA C 369 -53.36 -25.64 -42.43
N SER C 370 -54.63 -25.73 -42.85
CA SER C 370 -55.66 -26.45 -42.11
C SER C 370 -55.84 -27.84 -42.71
N LYS C 371 -56.35 -28.76 -41.92
CA LYS C 371 -56.82 -30.04 -42.45
C LYS C 371 -58.01 -29.79 -43.38
N GLY C 372 -58.75 -28.73 -43.10
CA GLY C 372 -59.83 -28.27 -43.98
C GLY C 372 -59.28 -27.86 -45.33
N ALA C 373 -58.22 -27.06 -45.32
CA ALA C 373 -57.58 -26.54 -46.54
C ALA C 373 -57.09 -27.69 -47.43
N ALA C 374 -56.51 -28.70 -46.80
CA ALA C 374 -56.02 -29.89 -47.48
C ALA C 374 -57.14 -30.56 -48.25
N ARG C 375 -58.23 -30.85 -47.55
CA ARG C 375 -59.39 -31.47 -48.18
C ARG C 375 -59.80 -30.67 -49.42
N ARG C 376 -59.91 -29.35 -49.27
CA ARG C 376 -60.32 -28.50 -50.39
C ARG C 376 -59.45 -28.71 -51.63
N THR C 377 -58.17 -28.38 -51.53
CA THR C 377 -57.27 -28.48 -52.66
C THR C 377 -57.25 -29.90 -53.27
N ILE C 378 -57.25 -30.92 -52.43
CA ILE C 378 -57.36 -32.30 -52.89
C ILE C 378 -58.54 -32.45 -53.87
N HIS C 379 -59.70 -31.93 -53.48
CA HIS C 379 -60.93 -32.02 -54.27
C HIS C 379 -60.95 -31.09 -55.49
N GLU C 380 -59.96 -30.20 -55.59
CA GLU C 380 -59.73 -29.38 -56.80
C GLU C 380 -58.66 -29.99 -57.74
N GLY C 381 -58.31 -31.25 -57.51
CA GLY C 381 -57.25 -31.95 -58.27
C GLY C 381 -55.85 -31.40 -58.10
N GLY C 382 -55.67 -30.39 -57.27
CA GLY C 382 -54.41 -29.66 -57.18
C GLY C 382 -53.27 -30.35 -56.45
N VAL C 383 -53.55 -31.48 -55.81
CA VAL C 383 -52.56 -32.24 -55.04
C VAL C 383 -52.02 -33.46 -55.81
N SER C 384 -50.72 -33.68 -55.73
CA SER C 384 -50.09 -34.84 -56.31
C SER C 384 -49.04 -35.38 -55.36
N VAL C 385 -49.01 -36.70 -55.18
CA VAL C 385 -47.87 -37.38 -54.54
C VAL C 385 -47.03 -38.07 -55.61
N ASN C 386 -45.73 -37.79 -55.61
CA ASN C 386 -44.78 -38.38 -56.56
C ASN C 386 -45.21 -38.16 -58.01
N ASN C 387 -45.76 -36.97 -58.26
CA ASN C 387 -46.15 -36.54 -59.60
C ASN C 387 -47.42 -37.21 -60.12
N ILE C 388 -47.98 -38.13 -59.34
CA ILE C 388 -49.26 -38.79 -59.66
C ILE C 388 -50.36 -38.11 -58.87
N ARG C 389 -51.46 -37.79 -59.54
CA ARG C 389 -52.51 -37.01 -58.88
C ARG C 389 -53.29 -37.84 -57.88
N VAL C 390 -53.83 -37.15 -56.88
CA VAL C 390 -54.60 -37.78 -55.80
C VAL C 390 -56.06 -37.26 -55.74
N ASP C 391 -56.99 -38.11 -56.18
CA ASP C 391 -58.43 -37.84 -56.13
C ASP C 391 -58.99 -38.09 -54.72
N ASN C 392 -58.58 -39.22 -54.15
CA ASN C 392 -59.13 -39.74 -52.90
C ASN C 392 -58.66 -38.99 -51.66
N GLU C 393 -59.63 -38.53 -50.87
CA GLU C 393 -59.35 -37.78 -49.65
C GLU C 393 -58.66 -38.63 -48.56
N GLU C 394 -58.91 -39.94 -48.58
CA GLU C 394 -58.41 -40.86 -47.56
C GLU C 394 -57.14 -41.62 -47.99
N TRP C 395 -56.58 -41.25 -49.13
CA TRP C 395 -55.34 -41.85 -49.67
C TRP C 395 -54.31 -42.16 -48.57
N VAL C 396 -53.71 -43.34 -48.68
CA VAL C 396 -52.70 -43.80 -47.73
C VAL C 396 -51.44 -44.18 -48.50
N PRO C 397 -50.24 -43.82 -47.99
CA PRO C 397 -49.01 -44.18 -48.68
C PRO C 397 -48.71 -45.66 -48.62
N GLN C 398 -48.69 -46.28 -49.80
CA GLN C 398 -48.26 -47.67 -49.94
C GLN C 398 -46.76 -47.75 -49.65
N SER C 399 -46.28 -48.95 -49.35
CA SER C 399 -44.85 -49.19 -49.11
C SER C 399 -44.00 -48.86 -50.34
N SER C 400 -44.50 -49.29 -51.50
CA SER C 400 -43.76 -49.13 -52.77
C SER C 400 -43.73 -47.69 -53.28
N ASP C 401 -44.48 -46.79 -52.65
CA ASP C 401 -44.51 -45.37 -53.06
C ASP C 401 -43.22 -44.61 -52.75
N PHE C 402 -42.56 -44.95 -51.66
CA PHE C 402 -41.38 -44.20 -51.22
C PHE C 402 -40.18 -44.34 -52.18
N LEU C 403 -39.64 -43.21 -52.62
CA LEU C 403 -38.43 -43.21 -53.46
C LEU C 403 -37.23 -43.54 -52.60
N HIS C 404 -36.45 -44.51 -53.04
CA HIS C 404 -35.30 -45.02 -52.28
C HIS C 404 -35.68 -45.39 -50.83
N GLY C 405 -36.91 -45.89 -50.66
CA GLY C 405 -37.41 -46.30 -49.35
C GLY C 405 -37.57 -45.19 -48.32
N ARG C 406 -37.25 -43.96 -48.71
CA ARG C 406 -37.18 -42.84 -47.78
C ARG C 406 -38.17 -41.69 -48.06
N TRP C 407 -38.52 -41.47 -49.32
CA TRP C 407 -39.08 -40.16 -49.74
C TRP C 407 -40.44 -40.18 -50.46
N LEU C 408 -41.29 -39.23 -50.07
CA LEU C 408 -42.46 -38.86 -50.87
C LEU C 408 -42.32 -37.39 -51.27
N VAL C 409 -42.82 -37.06 -52.45
CA VAL C 409 -42.80 -35.69 -52.92
C VAL C 409 -44.23 -35.22 -53.14
N LEU C 410 -44.69 -34.33 -52.25
CA LEU C 410 -46.00 -33.73 -52.35
C LEU C 410 -45.91 -32.46 -53.18
N ARG C 411 -47.01 -32.13 -53.86
CA ARG C 411 -47.08 -30.90 -54.64
C ARG C 411 -48.49 -30.34 -54.71
N ARG C 412 -48.60 -29.02 -54.54
CA ARG C 412 -49.85 -28.30 -54.81
C ARG C 412 -49.67 -27.42 -56.05
N GLY C 413 -50.69 -27.39 -56.89
CA GLY C 413 -50.58 -26.70 -58.19
C GLY C 413 -49.39 -27.22 -58.98
N LYS C 414 -48.66 -26.30 -59.61
CA LYS C 414 -47.44 -26.62 -60.40
C LYS C 414 -46.21 -25.91 -59.83
N ARG C 415 -46.34 -25.32 -58.63
CA ARG C 415 -45.33 -24.38 -58.09
C ARG C 415 -44.83 -24.65 -56.67
N SER C 416 -45.66 -25.25 -55.81
CA SER C 416 -45.32 -25.42 -54.39
C SER C 416 -45.14 -26.89 -54.02
N ILE C 417 -43.97 -27.23 -53.49
CA ILE C 417 -43.69 -28.63 -53.12
C ILE C 417 -43.17 -28.76 -51.71
N ALA C 418 -43.45 -29.91 -51.12
CA ALA C 418 -42.95 -30.25 -49.82
C ALA C 418 -42.63 -31.74 -49.82
N GLY C 419 -41.76 -32.15 -48.91
CA GLY C 419 -41.34 -33.56 -48.84
C GLY C 419 -41.88 -34.30 -47.64
N VAL C 420 -41.68 -35.62 -47.65
CA VAL C 420 -42.05 -36.49 -46.53
C VAL C 420 -40.99 -37.57 -46.33
N GLU C 421 -40.32 -37.54 -45.19
CA GLU C 421 -39.21 -38.48 -44.89
C GLU C 421 -39.61 -39.58 -43.90
N ARG C 422 -39.55 -40.82 -44.39
CA ARG C 422 -39.80 -42.01 -43.56
C ARG C 422 -38.68 -42.17 -42.51
N ILE C 423 -39.08 -42.50 -41.28
CA ILE C 423 -38.16 -42.55 -40.13
C ILE C 423 -38.39 -43.83 -39.28
N GLY C 424 -37.36 -44.24 -38.54
CA GLY C 424 -37.46 -45.36 -37.59
C GLY C 424 -36.89 -45.02 -36.22
N ILE D 5 -6.20 -19.82 73.57
CA ILE D 5 -6.52 -19.86 72.10
C ILE D 5 -5.38 -20.41 71.24
N LEU D 6 -4.20 -19.81 71.34
CA LEU D 6 -2.98 -20.44 70.79
C LEU D 6 -2.68 -21.74 71.50
N ASP D 7 -3.21 -21.90 72.72
CA ASP D 7 -3.05 -23.16 73.47
C ASP D 7 -3.96 -24.24 72.89
N GLU D 8 -5.21 -23.85 72.61
CA GLU D 8 -6.15 -24.75 71.92
C GLU D 8 -5.55 -25.26 70.60
N LEU D 9 -5.27 -24.34 69.69
CA LEU D 9 -4.75 -24.71 68.36
C LEU D 9 -3.51 -25.60 68.45
N SER D 10 -2.78 -25.42 69.53
CA SER D 10 -1.52 -26.09 69.72
C SER D 10 -1.71 -27.54 70.14
N TRP D 11 -2.60 -27.82 71.09
CA TRP D 11 -2.84 -29.23 71.51
C TRP D 11 -3.55 -29.97 70.38
N ARG D 12 -4.36 -29.26 69.63
CA ARG D 12 -5.05 -29.88 68.50
C ARG D 12 -4.11 -30.16 67.32
N GLY D 13 -2.93 -29.57 67.34
CA GLY D 13 -1.96 -29.76 66.24
C GLY D 13 -2.30 -28.95 65.01
N LEU D 14 -2.98 -27.82 65.22
CA LEU D 14 -3.44 -26.98 64.12
C LEU D 14 -2.45 -25.88 63.70
N ILE D 15 -1.36 -25.69 64.44
CA ILE D 15 -0.37 -24.66 64.07
C ILE D 15 0.78 -25.22 63.23
N ALA D 16 0.61 -25.14 61.90
CA ALA D 16 1.64 -25.56 60.94
C ALA D 16 2.88 -24.68 61.02
N GLN D 17 2.67 -23.39 60.84
CA GLN D 17 3.73 -22.40 60.87
C GLN D 17 3.20 -21.12 61.51
N SER D 18 4.10 -20.24 61.94
CA SER D 18 3.69 -18.98 62.57
C SER D 18 4.83 -18.03 62.76
N THR D 19 4.52 -16.75 62.91
CA THR D 19 5.52 -15.80 63.38
C THR D 19 5.67 -16.15 64.86
N ASP D 20 6.45 -15.37 65.60
CA ASP D 20 6.70 -15.69 67.02
C ASP D 20 5.42 -15.96 67.80
N LEU D 21 5.38 -17.18 68.38
CA LEU D 21 4.20 -17.72 69.05
C LEU D 21 3.97 -16.99 70.37
N ASP D 22 5.07 -16.69 71.06
CA ASP D 22 5.00 -15.97 72.33
C ASP D 22 4.58 -14.51 72.13
N THR D 23 5.17 -13.85 71.13
CA THR D 23 4.77 -12.49 70.76
C THR D 23 3.30 -12.43 70.32
N LEU D 24 2.84 -13.50 69.68
CA LEU D 24 1.45 -13.62 69.20
C LEU D 24 0.47 -13.84 70.35
N ALA D 25 0.79 -14.82 71.20
CA ALA D 25 0.00 -15.09 72.41
C ALA D 25 -0.11 -13.81 73.25
N ALA D 26 1.01 -13.11 73.40
CA ALA D 26 1.08 -11.79 74.04
C ALA D 26 0.04 -10.81 73.47
N GLU D 27 -0.06 -10.76 72.15
CA GLU D 27 -1.05 -9.90 71.48
C GLU D 27 -2.47 -10.37 71.74
N ALA D 28 -2.66 -11.68 71.88
CA ALA D 28 -3.99 -12.28 72.02
C ALA D 28 -4.67 -11.84 73.30
N GLN D 29 -4.01 -12.09 74.42
CA GLN D 29 -4.52 -11.70 75.74
C GLN D 29 -4.67 -10.18 75.86
N ARG D 30 -3.73 -9.45 75.26
CA ARG D 30 -3.72 -7.97 75.23
C ARG D 30 -5.11 -7.40 74.93
N GLY D 31 -5.84 -8.07 74.03
CA GLY D 31 -7.22 -7.69 73.67
C GLY D 31 -7.67 -8.38 72.39
N PRO D 32 -8.98 -8.27 72.05
CA PRO D 32 -9.55 -8.86 70.83
C PRO D 32 -8.88 -8.44 69.50
N MET D 33 -8.12 -9.38 68.94
CA MET D 33 -7.53 -9.25 67.61
C MET D 33 -8.59 -9.25 66.51
N THR D 34 -8.17 -8.77 65.34
CA THR D 34 -8.93 -8.92 64.11
C THR D 34 -8.15 -9.87 63.20
N VAL D 35 -8.67 -11.06 63.01
CA VAL D 35 -8.00 -12.10 62.22
C VAL D 35 -8.62 -12.09 60.85
N TYR D 36 -7.84 -12.38 59.81
CA TYR D 36 -8.43 -12.54 58.48
C TYR D 36 -7.91 -13.75 57.72
N ALA D 37 -8.70 -14.15 56.72
CA ALA D 37 -8.36 -15.25 55.83
C ALA D 37 -8.90 -14.96 54.43
N GLY D 38 -8.12 -15.28 53.42
CA GLY D 38 -8.48 -14.95 52.04
C GLY D 38 -9.31 -16.03 51.39
N PHE D 39 -10.12 -15.62 50.41
CA PHE D 39 -10.99 -16.54 49.65
C PHE D 39 -11.13 -16.13 48.20
N ASP D 40 -11.03 -17.08 47.27
CA ASP D 40 -11.32 -16.85 45.85
C ASP D 40 -12.83 -16.88 45.58
N PRO D 41 -13.42 -15.76 45.16
CA PRO D 41 -14.86 -15.67 44.97
C PRO D 41 -15.41 -16.11 43.60
N THR D 42 -14.54 -16.58 42.71
CA THR D 42 -15.01 -17.06 41.41
C THR D 42 -15.89 -18.33 41.56
N ALA D 43 -15.53 -19.15 42.55
CA ALA D 43 -16.26 -20.40 42.88
C ALA D 43 -17.71 -20.13 43.29
N PRO D 44 -18.64 -21.01 42.88
CA PRO D 44 -20.06 -20.84 43.21
C PRO D 44 -20.41 -21.22 44.65
N SER D 45 -19.49 -21.88 45.34
CA SER D 45 -19.69 -22.28 46.73
C SER D 45 -18.37 -22.52 47.43
N LEU D 46 -18.43 -22.54 48.74
CA LEU D 46 -17.29 -23.02 49.53
C LEU D 46 -17.34 -24.55 49.50
N HIS D 47 -16.18 -25.17 49.43
CA HIS D 47 -16.08 -26.63 49.48
C HIS D 47 -15.24 -27.10 50.65
N ALA D 48 -15.12 -28.42 50.79
CA ALA D 48 -14.35 -29.07 51.87
C ALA D 48 -12.95 -28.49 52.14
N GLY D 49 -12.32 -27.93 51.10
CA GLY D 49 -10.99 -27.31 51.22
C GLY D 49 -10.97 -26.01 51.99
N HIS D 50 -12.13 -25.38 52.13
CA HIS D 50 -12.24 -24.14 52.92
C HIS D 50 -12.51 -24.42 54.41
N LEU D 51 -12.70 -25.68 54.76
CA LEU D 51 -13.15 -26.04 56.12
C LEU D 51 -12.17 -25.65 57.20
N VAL D 52 -10.87 -25.84 56.99
CA VAL D 52 -9.92 -25.62 58.09
C VAL D 52 -9.75 -24.13 58.37
N PRO D 53 -9.32 -23.36 57.37
CA PRO D 53 -9.35 -21.91 57.53
C PRO D 53 -10.63 -21.38 58.19
N LEU D 54 -11.78 -21.70 57.60
CA LEU D 54 -13.07 -21.24 58.10
C LEU D 54 -13.32 -21.68 59.53
N LEU D 55 -13.03 -22.94 59.82
CA LEU D 55 -13.23 -23.45 61.17
C LEU D 55 -12.28 -22.76 62.13
N THR D 56 -11.06 -22.49 61.67
CA THR D 56 -10.07 -21.82 62.52
C THR D 56 -10.47 -20.38 62.84
N LEU D 57 -11.12 -19.69 61.90
CA LEU D 57 -11.70 -18.38 62.22
C LEU D 57 -12.77 -18.52 63.30
N ARG D 58 -13.64 -19.52 63.16
CA ARG D 58 -14.65 -19.80 64.20
C ARG D 58 -13.98 -19.97 65.57
N ARG D 59 -12.86 -20.68 65.60
CA ARG D 59 -12.16 -20.89 66.85
C ARG D 59 -11.70 -19.59 67.46
N PHE D 60 -11.21 -18.68 66.63
CA PHE D 60 -10.74 -17.37 67.08
C PHE D 60 -11.88 -16.51 67.59
N GLN D 61 -13.04 -16.62 66.97
CA GLN D 61 -14.18 -15.82 67.37
C GLN D 61 -14.66 -16.29 68.72
N ARG D 62 -14.73 -17.60 68.92
CA ARG D 62 -15.18 -18.13 70.20
C ARG D 62 -14.29 -17.60 71.32
N ALA D 63 -13.00 -17.69 71.11
CA ALA D 63 -11.99 -17.17 72.04
C ALA D 63 -12.03 -15.64 72.18
N GLY D 64 -12.96 -14.99 71.49
CA GLY D 64 -13.25 -13.57 71.71
C GLY D 64 -12.67 -12.57 70.71
N HIS D 65 -12.10 -13.06 69.61
CA HIS D 65 -11.51 -12.20 68.57
C HIS D 65 -12.45 -11.97 67.41
N ARG D 66 -12.09 -11.04 66.52
CA ARG D 66 -12.93 -10.71 65.38
C ARG D 66 -12.34 -11.29 64.10
N PRO D 67 -13.16 -12.03 63.32
CA PRO D 67 -12.75 -12.55 62.02
C PRO D 67 -13.19 -11.71 60.82
N ILE D 68 -12.28 -11.57 59.86
CA ILE D 68 -12.58 -10.96 58.57
C ILE D 68 -12.40 -11.96 57.45
N VAL D 69 -13.39 -12.08 56.60
CA VAL D 69 -13.25 -12.88 55.38
C VAL D 69 -12.93 -11.92 54.23
N LEU D 70 -11.72 -12.01 53.70
CA LEU D 70 -11.31 -11.15 52.59
C LEU D 70 -11.54 -11.83 51.24
N ALA D 71 -12.51 -11.31 50.50
CA ALA D 71 -12.82 -11.78 49.16
C ALA D 71 -11.76 -11.27 48.19
N GLY D 72 -11.09 -12.21 47.53
CA GLY D 72 -10.04 -11.90 46.56
C GLY D 72 -10.64 -11.55 45.22
N GLY D 73 -11.32 -10.43 45.16
CA GLY D 73 -11.91 -9.98 43.90
C GLY D 73 -10.86 -9.58 42.87
N ALA D 74 -9.78 -8.98 43.36
CA ALA D 74 -8.67 -8.54 42.51
C ALA D 74 -8.21 -9.64 41.55
N THR D 75 -7.87 -10.78 42.12
CA THR D 75 -7.40 -11.93 41.34
C THR D 75 -8.52 -12.50 40.47
N GLY D 76 -9.72 -12.59 41.02
CA GLY D 76 -10.86 -13.06 40.24
C GLY D 76 -11.02 -12.27 38.95
N MET D 77 -10.74 -10.98 39.01
CA MET D 77 -10.84 -10.08 37.85
C MET D 77 -9.64 -10.17 36.89
N ILE D 78 -8.45 -10.39 37.45
CA ILE D 78 -7.24 -10.60 36.68
C ILE D 78 -7.16 -12.03 36.20
N GLY D 79 -7.75 -12.90 37.00
CA GLY D 79 -7.19 -14.19 37.30
C GLY D 79 -6.91 -15.11 36.15
N ASP D 80 -7.98 -15.50 35.47
CA ASP D 80 -7.92 -16.44 34.33
C ASP D 80 -9.34 -16.88 33.96
N THR D 94 -19.68 -9.89 39.50
CA THR D 94 -20.26 -10.99 40.29
C THR D 94 -19.70 -11.13 41.74
N VAL D 95 -18.81 -10.24 42.19
CA VAL D 95 -18.18 -10.39 43.51
C VAL D 95 -19.12 -10.00 44.65
N ALA D 96 -20.08 -9.12 44.35
CA ALA D 96 -21.19 -8.86 45.27
C ALA D 96 -22.11 -10.06 45.28
N GLU D 97 -22.33 -10.64 44.10
CA GLU D 97 -23.13 -11.86 43.95
C GLU D 97 -22.58 -13.02 44.78
N TRP D 98 -21.28 -13.25 44.68
CA TRP D 98 -20.62 -14.31 45.48
C TRP D 98 -20.99 -14.20 46.96
N THR D 99 -20.81 -13.00 47.52
CA THR D 99 -21.06 -12.77 48.95
C THR D 99 -22.39 -13.38 49.42
N GLU D 100 -23.48 -13.00 48.76
CA GLU D 100 -24.83 -13.49 49.12
C GLU D 100 -25.08 -14.95 48.72
N ARG D 101 -24.29 -15.44 47.78
CA ARG D 101 -24.31 -16.86 47.41
C ARG D 101 -23.67 -17.68 48.54
N ILE D 102 -22.70 -17.04 49.18
CA ILE D 102 -21.85 -17.62 50.22
C ILE D 102 -22.30 -17.32 51.65
N ARG D 103 -22.90 -16.15 51.85
CA ARG D 103 -23.26 -15.64 53.20
C ARG D 103 -24.01 -16.67 54.05
N GLY D 104 -24.89 -17.44 53.42
CA GLY D 104 -25.60 -18.52 54.10
C GLY D 104 -24.62 -19.50 54.73
N GLN D 105 -23.60 -19.87 53.95
CA GLN D 105 -22.55 -20.80 54.36
C GLN D 105 -21.62 -20.16 55.40
N LEU D 106 -21.00 -19.04 55.05
CA LEU D 106 -20.10 -18.31 55.98
C LEU D 106 -20.69 -18.14 57.38
N GLU D 107 -21.98 -17.83 57.44
CA GLU D 107 -22.69 -17.61 58.72
C GLU D 107 -22.72 -18.85 59.62
N ARG D 108 -22.69 -20.02 58.99
CA ARG D 108 -22.62 -21.30 59.72
C ARG D 108 -21.36 -21.40 60.58
N PHE D 109 -20.29 -20.73 60.15
CA PHE D 109 -18.98 -20.72 60.83
C PHE D 109 -18.76 -19.52 61.76
N VAL D 110 -18.90 -18.34 61.20
CA VAL D 110 -18.68 -17.10 61.97
C VAL D 110 -19.96 -16.31 62.11
N ASP D 111 -19.98 -15.44 63.13
CA ASP D 111 -21.16 -14.63 63.49
C ASP D 111 -21.07 -13.19 63.03
N PHE D 112 -22.11 -12.77 62.32
CA PHE D 112 -22.25 -11.40 61.83
C PHE D 112 -23.27 -10.64 62.69
N ASP D 113 -22.74 -9.81 63.59
CA ASP D 113 -23.56 -8.95 64.42
C ASP D 113 -23.06 -7.51 64.24
N ASP D 114 -23.76 -6.56 64.88
CA ASP D 114 -23.38 -5.13 64.85
C ASP D 114 -22.66 -4.72 66.15
N SER D 115 -21.52 -5.35 66.42
CA SER D 115 -20.79 -5.15 67.68
C SER D 115 -19.28 -5.28 67.43
N PRO D 116 -18.44 -5.36 68.50
CA PRO D 116 -16.99 -5.26 68.23
C PRO D 116 -16.34 -6.51 67.62
N MET D 117 -16.75 -7.71 68.04
CA MET D 117 -16.15 -8.97 67.54
C MET D 117 -16.93 -9.57 66.37
N GLY D 118 -17.90 -8.82 65.85
CA GLY D 118 -18.74 -9.30 64.76
C GLY D 118 -17.96 -9.59 63.49
N ALA D 119 -18.42 -10.59 62.75
CA ALA D 119 -17.80 -10.96 61.48
C ALA D 119 -17.99 -9.85 60.46
N ILE D 120 -17.34 -10.00 59.32
CA ILE D 120 -17.17 -8.90 58.35
C ILE D 120 -16.49 -9.42 57.08
N VAL D 121 -17.22 -9.37 55.97
CA VAL D 121 -16.66 -9.71 54.65
C VAL D 121 -16.10 -8.47 53.97
N GLU D 122 -14.79 -8.46 53.71
CA GLU D 122 -14.17 -7.42 52.88
C GLU D 122 -13.91 -7.92 51.46
N ASN D 123 -13.71 -6.96 50.57
CA ASN D 123 -13.39 -7.19 49.16
C ASN D 123 -12.14 -6.40 48.82
N ASN D 124 -11.06 -7.09 48.44
CA ASN D 124 -9.80 -6.41 48.16
C ASN D 124 -9.81 -5.57 46.86
N LEU D 125 -10.90 -5.63 46.12
CA LEU D 125 -11.13 -4.69 45.02
C LEU D 125 -11.31 -3.24 45.51
N GLU D 126 -11.81 -3.09 46.73
CA GLU D 126 -11.95 -1.76 47.37
C GLU D 126 -10.66 -0.93 47.27
N TRP D 127 -9.49 -1.57 47.34
CA TRP D 127 -8.24 -0.85 47.15
C TRP D 127 -7.53 -1.17 45.85
N THR D 128 -7.47 -2.45 45.49
CA THR D 128 -6.74 -2.86 44.28
C THR D 128 -7.39 -2.32 43.01
N GLY D 129 -8.72 -2.23 43.00
CA GLY D 129 -9.48 -1.80 41.82
C GLY D 129 -9.09 -0.45 41.22
N SER D 130 -8.64 0.44 42.08
CA SER D 130 -8.23 1.79 41.68
C SER D 130 -6.72 2.01 41.76
N LEU D 131 -5.97 0.92 41.87
CA LEU D 131 -4.52 0.94 41.96
C LEU D 131 -3.91 0.94 40.56
N SER D 132 -3.17 2.00 40.24
CA SER D 132 -2.53 2.12 38.92
C SER D 132 -1.33 1.17 38.80
N ALA D 133 -1.00 0.80 37.57
CA ALA D 133 0.25 0.08 37.27
C ALA D 133 1.47 0.78 37.91
N ILE D 134 1.55 2.10 37.77
CA ILE D 134 2.68 2.85 38.30
C ILE D 134 2.75 2.87 39.83
N GLU D 135 1.64 3.01 40.53
CA GLU D 135 1.66 2.90 42.01
C GLU D 135 2.17 1.51 42.43
N PHE D 136 1.60 0.50 41.80
CA PHE D 136 1.97 -0.91 42.03
C PHE D 136 3.49 -1.13 41.94
N LEU D 137 4.06 -0.70 40.83
CA LEU D 137 5.47 -0.88 40.58
C LEU D 137 6.34 -0.02 41.49
N ARG D 138 5.85 1.17 41.84
CA ARG D 138 6.66 2.17 42.59
C ARG D 138 6.60 1.95 44.09
N ASP D 139 5.39 1.94 44.62
CA ASP D 139 5.16 1.98 46.05
C ASP D 139 5.04 0.61 46.69
N ILE D 140 4.69 -0.40 45.89
CA ILE D 140 4.71 -1.80 46.35
C ILE D 140 5.97 -2.53 45.86
N GLY D 141 6.11 -2.60 44.53
CA GLY D 141 7.15 -3.41 43.90
C GLY D 141 8.58 -3.11 44.30
N LYS D 142 8.82 -1.89 44.75
CA LYS D 142 10.17 -1.48 45.14
C LYS D 142 10.62 -2.15 46.43
N HIS D 143 9.67 -2.58 47.25
CA HIS D 143 9.99 -3.29 48.49
C HIS D 143 10.24 -4.79 48.28
N PHE D 144 10.29 -5.25 47.04
CA PHE D 144 10.40 -6.68 46.76
C PHE D 144 11.59 -7.05 45.92
N SER D 145 12.34 -8.05 46.39
CA SER D 145 13.52 -8.56 45.69
C SER D 145 13.19 -9.83 44.90
N VAL D 146 13.46 -9.81 43.59
CA VAL D 146 13.21 -10.98 42.74
C VAL D 146 13.85 -12.23 43.35
N ASN D 147 15.10 -12.11 43.80
CA ASN D 147 15.79 -13.27 44.37
C ASN D 147 15.00 -13.86 45.53
N VAL D 148 14.60 -13.04 46.49
CA VAL D 148 13.85 -13.53 47.66
C VAL D 148 12.57 -14.26 47.23
N MET D 149 11.83 -13.62 46.33
CA MET D 149 10.59 -14.19 45.82
C MET D 149 10.80 -15.58 45.23
N LEU D 150 11.72 -15.65 44.27
CA LEU D 150 12.19 -16.93 43.69
C LEU D 150 12.64 -17.91 44.75
N ALA D 151 13.30 -17.38 45.78
CA ALA D 151 13.93 -18.16 46.86
C ALA D 151 12.92 -18.90 47.73
N ARG D 152 12.12 -19.74 47.08
CA ARG D 152 10.98 -20.41 47.71
C ARG D 152 10.69 -21.75 47.03
N ASP D 153 10.56 -22.80 47.84
CA ASP D 153 10.23 -24.13 47.32
C ASP D 153 8.93 -24.14 46.51
N THR D 154 7.94 -23.33 46.90
CA THR D 154 6.68 -23.24 46.14
C THR D 154 6.89 -22.80 44.70
N ILE D 155 7.47 -21.61 44.55
CA ILE D 155 7.73 -21.02 43.25
C ILE D 155 8.84 -21.76 42.52
N ARG D 156 9.84 -22.20 43.29
CA ARG D 156 10.97 -22.98 42.73
C ARG D 156 10.50 -24.31 42.11
N ARG D 157 9.49 -24.92 42.73
CA ARG D 157 8.84 -26.12 42.20
C ARG D 157 8.09 -25.81 40.91
N ARG D 158 7.29 -24.75 40.94
CA ARG D 158 6.55 -24.26 39.77
C ARG D 158 7.49 -23.81 38.65
N LEU D 159 8.61 -23.24 39.02
CA LEU D 159 9.66 -22.89 38.06
C LEU D 159 10.26 -24.14 37.38
N ALA D 160 10.51 -25.17 38.19
CA ALA D 160 11.05 -26.43 37.68
C ALA D 160 9.98 -27.25 36.98
N GLY D 161 8.74 -27.10 37.44
CA GLY D 161 7.58 -27.84 36.94
C GLY D 161 7.01 -27.22 35.69
N GLU D 162 5.74 -26.82 35.74
CA GLU D 162 5.02 -26.39 34.53
C GLU D 162 5.27 -24.91 34.13
N GLY D 163 6.19 -24.24 34.81
CA GLY D 163 6.46 -22.83 34.56
C GLY D 163 5.46 -21.92 35.29
N ILE D 164 5.88 -20.69 35.49
CA ILE D 164 5.04 -19.67 36.13
C ILE D 164 5.06 -18.37 35.31
N SER D 165 3.89 -17.79 35.06
CA SER D 165 3.85 -16.50 34.36
C SER D 165 4.24 -15.34 35.29
N TYR D 166 4.55 -14.20 34.69
CA TYR D 166 4.86 -13.03 35.46
C TYR D 166 3.66 -12.54 36.30
N THR D 167 2.45 -12.83 35.83
CA THR D 167 1.25 -12.46 36.57
C THR D 167 1.13 -13.34 37.79
N GLU D 168 1.19 -14.65 37.58
CA GLU D 168 1.16 -15.63 38.68
C GLU D 168 2.24 -15.34 39.73
N PHE D 169 3.38 -14.84 39.26
CA PHE D 169 4.52 -14.46 40.09
C PHE D 169 4.24 -13.21 40.92
N SER D 170 3.29 -12.39 40.48
CA SER D 170 3.01 -11.08 41.09
C SER D 170 1.99 -11.14 42.19
N TYR D 171 1.07 -12.09 42.08
CA TYR D 171 0.02 -12.29 43.09
CA TYR D 171 0.04 -12.38 43.10
C TYR D 171 0.54 -12.03 44.51
N LEU D 172 1.73 -12.53 44.82
CA LEU D 172 2.40 -12.31 46.09
C LEU D 172 2.30 -10.85 46.52
N LEU D 173 2.63 -9.93 45.61
CA LEU D 173 2.61 -8.48 45.88
C LEU D 173 1.20 -7.95 46.20
N LEU D 174 0.22 -8.35 45.41
CA LEU D 174 -1.17 -7.97 45.66
C LEU D 174 -1.58 -8.48 47.04
N GLN D 175 -1.27 -9.74 47.30
CA GLN D 175 -1.61 -10.39 48.57
C GLN D 175 -0.97 -9.66 49.76
N ALA D 176 0.28 -9.24 49.57
CA ALA D 176 1.00 -8.51 50.61
C ALA D 176 0.28 -7.21 50.87
N ASN D 177 0.04 -6.46 49.80
CA ASN D 177 -0.66 -5.19 49.89
C ASN D 177 -1.97 -5.31 50.66
N ASP D 178 -2.70 -6.39 50.40
CA ASP D 178 -3.96 -6.70 51.12
C ASP D 178 -3.79 -6.61 52.64
N TYR D 179 -2.70 -7.16 53.16
CA TYR D 179 -2.47 -7.15 54.61
C TYR D 179 -2.29 -5.70 55.09
N VAL D 180 -1.48 -4.94 54.36
CA VAL D 180 -1.21 -3.53 54.69
C VAL D 180 -2.52 -2.73 54.71
N GLU D 181 -3.34 -2.99 53.71
CA GLU D 181 -4.57 -2.25 53.53
C GLU D 181 -5.63 -2.65 54.56
N LEU D 182 -5.65 -3.93 54.96
CA LEU D 182 -6.55 -4.40 56.04
C LEU D 182 -6.12 -3.95 57.43
N HIS D 183 -4.80 -3.85 57.65
CA HIS D 183 -4.28 -3.33 58.93
C HIS D 183 -4.59 -1.85 59.11
N ARG D 184 -4.44 -1.10 58.03
CA ARG D 184 -4.77 0.32 57.99
C ARG D 184 -6.27 0.50 58.30
N ARG D 185 -7.09 -0.22 57.56
CA ARG D 185 -8.55 -0.04 57.60
C ARG D 185 -9.30 -0.67 58.79
N HIS D 186 -8.79 -1.76 59.35
CA HIS D 186 -9.53 -2.45 60.44
C HIS D 186 -8.64 -2.90 61.61
N GLY D 187 -7.46 -2.31 61.72
CA GLY D 187 -6.54 -2.60 62.84
C GLY D 187 -6.16 -4.06 62.91
N CYS D 188 -6.20 -4.72 61.77
CA CYS D 188 -6.05 -6.16 61.65
C CYS D 188 -4.62 -6.56 61.87
N THR D 189 -4.40 -7.58 62.70
CA THR D 189 -3.03 -7.93 63.16
C THR D 189 -2.63 -9.41 63.07
N LEU D 190 -3.54 -10.27 62.63
CA LEU D 190 -3.20 -11.65 62.30
C LEU D 190 -3.90 -12.08 61.04
N GLN D 191 -3.16 -12.74 60.16
CA GLN D 191 -3.72 -13.42 59.01
C GLN D 191 -3.52 -14.92 59.17
N ILE D 192 -4.57 -15.68 58.93
CA ILE D 192 -4.47 -17.15 58.87
C ILE D 192 -4.67 -17.62 57.43
N GLY D 193 -4.09 -18.78 57.13
CA GLY D 193 -4.22 -19.39 55.82
C GLY D 193 -3.85 -20.84 55.82
N GLY D 194 -3.98 -21.47 54.66
CA GLY D 194 -3.50 -22.83 54.46
C GLY D 194 -1.98 -22.91 54.52
N ALA D 195 -1.46 -24.05 54.95
CA ALA D 195 -0.01 -24.25 55.10
C ALA D 195 0.75 -23.85 53.85
N ASP D 196 0.15 -24.13 52.69
CA ASP D 196 0.75 -23.76 51.38
C ASP D 196 0.75 -22.26 51.03
N GLN D 197 -0.05 -21.47 51.74
CA GLN D 197 -0.13 -20.00 51.53
C GLN D 197 0.89 -19.20 52.32
N TRP D 198 1.85 -19.86 52.92
CA TRP D 198 2.76 -19.19 53.85
C TRP D 198 3.43 -17.98 53.22
N GLY D 199 4.22 -18.21 52.18
CA GLY D 199 4.94 -17.14 51.50
C GLY D 199 4.11 -15.89 51.29
N ASN D 200 2.88 -16.09 50.85
CA ASN D 200 1.92 -15.01 50.65
C ASN D 200 1.69 -14.19 51.89
N ILE D 201 1.57 -14.86 53.02
CA ILE D 201 1.19 -14.23 54.26
C ILE D 201 2.39 -13.50 54.86
N ILE D 202 3.54 -14.15 54.90
CA ILE D 202 4.73 -13.56 55.53
C ILE D 202 5.18 -12.35 54.74
N ALA D 203 4.98 -12.44 53.43
CA ALA D 203 5.24 -11.32 52.52
C ALA D 203 4.49 -10.08 53.01
N GLY D 204 3.24 -10.31 53.43
CA GLY D 204 2.38 -9.26 53.97
C GLY D 204 2.86 -8.71 55.30
N VAL D 205 3.41 -9.57 56.15
CA VAL D 205 3.93 -9.14 57.45
C VAL D 205 5.11 -8.20 57.24
N ARG D 206 6.01 -8.61 56.35
CA ARG D 206 7.19 -7.81 56.01
C ARG D 206 6.78 -6.46 55.42
N LEU D 207 5.92 -6.51 54.40
CA LEU D 207 5.46 -5.28 53.74
C LEU D 207 4.87 -4.32 54.78
N VAL D 208 3.98 -4.84 55.64
CA VAL D 208 3.39 -4.04 56.71
C VAL D 208 4.47 -3.38 57.59
N ARG D 209 5.48 -4.17 57.99
CA ARG D 209 6.62 -3.63 58.75
C ARG D 209 7.25 -2.45 58.00
N GLN D 210 7.51 -2.64 56.72
CA GLN D 210 8.24 -1.65 55.92
C GLN D 210 7.40 -0.40 55.60
N LYS D 211 6.25 -0.60 54.96
CA LYS D 211 5.35 0.50 54.56
C LYS D 211 4.70 1.24 55.74
N LEU D 212 4.52 0.54 56.86
CA LEU D 212 3.74 1.08 58.00
C LEU D 212 4.47 1.06 59.37
N GLY D 213 5.67 0.48 59.44
CA GLY D 213 6.40 0.38 60.71
C GLY D 213 5.84 -0.61 61.73
N ALA D 214 4.59 -1.02 61.52
CA ALA D 214 3.86 -1.86 62.49
C ALA D 214 4.25 -3.35 62.42
N THR D 215 4.03 -4.02 63.54
CA THR D 215 4.34 -5.43 63.69
C THR D 215 3.05 -6.22 63.68
N VAL D 216 2.98 -7.21 62.79
CA VAL D 216 1.81 -8.07 62.72
C VAL D 216 2.24 -9.53 62.52
N HIS D 217 1.26 -10.42 62.49
CA HIS D 217 1.51 -11.85 62.61
C HIS D 217 0.90 -12.72 61.52
N ALA D 218 1.50 -13.90 61.37
CA ALA D 218 1.02 -14.91 60.46
C ALA D 218 0.91 -16.23 61.22
N LEU D 219 -0.05 -17.05 60.80
CA LEU D 219 -0.25 -18.40 61.36
C LEU D 219 -0.99 -19.28 60.34
N THR D 220 -0.33 -20.33 59.84
CA THR D 220 -0.96 -21.26 58.87
C THR D 220 -1.40 -22.56 59.51
N VAL D 221 -2.46 -23.13 58.95
CA VAL D 221 -3.00 -24.43 59.36
C VAL D 221 -2.69 -25.47 58.29
N PRO D 222 -2.52 -26.73 58.68
CA PRO D 222 -2.09 -27.71 57.71
C PRO D 222 -3.15 -28.01 56.67
N LEU D 223 -2.69 -28.38 55.47
CA LEU D 223 -3.56 -29.00 54.49
C LEU D 223 -3.87 -30.39 55.03
N VAL D 224 -5.12 -30.82 54.86
CA VAL D 224 -5.54 -32.16 55.30
C VAL D 224 -5.29 -33.13 54.13
N THR D 225 -4.48 -34.15 54.39
CA THR D 225 -4.31 -35.27 53.46
C THR D 225 -4.26 -36.56 54.26
N ALA D 226 -5.02 -37.55 53.80
CA ALA D 226 -5.23 -38.81 54.54
C ALA D 226 -3.97 -39.66 54.61
N ALA D 227 -3.98 -40.62 55.53
CA ALA D 227 -2.82 -41.51 55.74
C ALA D 227 -2.41 -42.24 54.45
N ASP D 228 -3.39 -42.59 53.64
CA ASP D 228 -3.15 -43.26 52.34
C ASP D 228 -2.68 -42.33 51.23
N GLY D 229 -2.48 -41.05 51.54
CA GLY D 229 -1.94 -40.11 50.56
C GLY D 229 -2.95 -39.29 49.76
N THR D 230 -4.22 -39.71 49.72
CA THR D 230 -5.24 -38.99 48.96
C THR D 230 -5.58 -37.66 49.62
N LYS D 231 -6.02 -36.70 48.82
CA LYS D 231 -6.27 -35.33 49.33
C LYS D 231 -7.69 -35.21 49.85
N PHE D 232 -7.80 -34.60 51.02
CA PHE D 232 -9.08 -34.39 51.70
C PHE D 232 -10.06 -33.64 50.82
N GLY D 233 -11.35 -33.91 51.03
CA GLY D 233 -12.40 -33.14 50.37
C GLY D 233 -12.68 -33.46 48.92
N LYS D 234 -12.07 -34.53 48.42
CA LYS D 234 -12.39 -35.03 47.08
C LYS D 234 -13.64 -35.93 47.12
N SER D 235 -14.54 -35.75 46.15
CA SER D 235 -15.76 -36.56 46.06
C SER D 235 -15.53 -37.83 45.23
N THR D 236 -16.61 -38.59 45.00
CA THR D 236 -16.60 -39.85 44.20
C THR D 236 -15.92 -39.72 42.84
N GLY D 237 -16.38 -38.75 42.05
CA GLY D 237 -15.78 -38.45 40.74
C GLY D 237 -14.47 -37.66 40.81
N GLY D 238 -13.91 -37.48 42.01
CA GLY D 238 -12.68 -36.69 42.19
C GLY D 238 -12.91 -35.19 42.11
N GLY D 239 -14.17 -34.77 42.25
CA GLY D 239 -14.53 -33.36 42.28
C GLY D 239 -14.49 -32.84 43.70
N SER D 240 -15.17 -31.73 43.94
CA SER D 240 -15.17 -31.12 45.27
C SER D 240 -16.40 -31.53 46.12
N LEU D 241 -16.22 -31.52 47.43
CA LEU D 241 -17.34 -31.68 48.39
C LEU D 241 -17.90 -30.29 48.70
N TRP D 242 -18.96 -29.93 48.01
CA TRP D 242 -19.51 -28.58 48.09
C TRP D 242 -20.39 -28.40 49.29
N LEU D 243 -20.21 -27.30 50.00
CA LEU D 243 -21.06 -27.01 51.16
C LEU D 243 -22.52 -26.89 50.73
N ASP D 244 -22.73 -26.38 49.52
CA ASP D 244 -24.08 -26.17 48.97
C ASP D 244 -24.87 -27.49 48.82
N PRO D 245 -26.09 -27.56 49.39
CA PRO D 245 -26.85 -28.80 49.39
C PRO D 245 -27.26 -29.29 48.00
N GLN D 246 -27.60 -28.37 47.11
CA GLN D 246 -27.94 -28.69 45.71
C GLN D 246 -26.78 -29.28 44.90
N MET D 247 -25.55 -29.05 45.32
CA MET D 247 -24.36 -29.56 44.62
C MET D 247 -23.83 -30.84 45.26
N THR D 248 -23.76 -30.84 46.58
CA THR D 248 -23.43 -32.03 47.37
C THR D 248 -24.52 -32.20 48.41
N SER D 249 -25.29 -33.27 48.29
CA SER D 249 -26.39 -33.51 49.19
C SER D 249 -25.85 -33.70 50.61
N PRO D 250 -26.59 -33.22 51.60
CA PRO D 250 -26.32 -33.58 52.97
C PRO D 250 -25.95 -35.06 53.16
N TYR D 251 -26.59 -35.96 52.42
CA TYR D 251 -26.24 -37.39 52.51
C TYR D 251 -24.83 -37.66 51.99
N ALA D 252 -24.53 -37.13 50.81
CA ALA D 252 -23.18 -37.21 50.25
C ALA D 252 -22.16 -36.60 51.22
N TRP D 253 -22.56 -35.52 51.89
CA TRP D 253 -21.72 -34.87 52.90
C TRP D 253 -21.48 -35.76 54.10
N TYR D 254 -22.56 -36.22 54.74
CA TYR D 254 -22.46 -37.18 55.87
C TYR D 254 -21.65 -38.42 55.49
N GLN D 255 -22.02 -39.02 54.37
CA GLN D 255 -21.38 -40.24 53.89
C GLN D 255 -19.87 -40.10 53.91
N TYR D 256 -19.42 -38.99 53.34
CA TYR D 256 -17.99 -38.75 53.15
C TYR D 256 -17.21 -38.91 54.44
N PHE D 257 -17.65 -38.20 55.48
CA PHE D 257 -16.94 -38.17 56.74
C PHE D 257 -17.10 -39.45 57.52
N VAL D 258 -18.27 -40.09 57.38
CA VAL D 258 -18.54 -41.38 58.04
C VAL D 258 -17.70 -42.52 57.44
N ASN D 259 -17.17 -42.31 56.23
CA ASN D 259 -16.24 -43.25 55.62
C ASN D 259 -14.78 -42.82 55.72
N THR D 260 -14.49 -41.96 56.68
CA THR D 260 -13.12 -41.64 57.07
C THR D 260 -12.40 -42.89 57.58
N ALA D 261 -11.16 -43.10 57.14
CA ALA D 261 -10.35 -44.24 57.60
C ALA D 261 -10.14 -44.17 59.10
N ASP D 262 -9.90 -45.33 59.72
CA ASP D 262 -9.60 -45.39 61.15
C ASP D 262 -8.28 -44.68 61.45
N ALA D 263 -7.32 -44.82 60.54
CA ALA D 263 -6.06 -44.10 60.62
C ALA D 263 -6.22 -42.59 60.90
N ASP D 264 -7.24 -41.97 60.31
CA ASP D 264 -7.36 -40.51 60.28
C ASP D 264 -8.45 -39.92 61.19
N VAL D 265 -9.37 -40.76 61.66
CA VAL D 265 -10.66 -40.27 62.20
C VAL D 265 -10.53 -39.36 63.43
N ILE D 266 -9.59 -39.66 64.31
CA ILE D 266 -9.40 -38.86 65.52
C ILE D 266 -8.75 -37.52 65.18
N ARG D 267 -7.69 -37.58 64.39
CA ARG D 267 -7.00 -36.39 63.89
C ARG D 267 -7.98 -35.42 63.25
N TYR D 268 -8.80 -35.94 62.36
CA TYR D 268 -9.87 -35.20 61.75
C TYR D 268 -10.81 -34.63 62.80
N LEU D 269 -11.22 -35.46 63.75
CA LEU D 269 -12.09 -34.98 64.83
C LEU D 269 -11.46 -33.79 65.57
N ARG D 270 -10.20 -33.92 65.99
CA ARG D 270 -9.57 -32.85 66.79
C ARG D 270 -9.26 -31.60 65.94
N TRP D 271 -9.20 -31.78 64.63
CA TRP D 271 -8.92 -30.69 63.72
C TRP D 271 -10.18 -29.96 63.27
N PHE D 272 -11.27 -30.70 63.13
CA PHE D 272 -12.55 -30.17 62.58
C PHE D 272 -13.67 -29.90 63.59
N THR D 273 -13.58 -30.47 64.79
CA THR D 273 -14.67 -30.35 65.76
C THR D 273 -14.22 -29.60 67.02
N PHE D 274 -15.12 -29.52 67.99
CA PHE D 274 -14.83 -28.83 69.27
C PHE D 274 -14.83 -29.80 70.45
N LEU D 275 -14.69 -31.09 70.17
CA LEU D 275 -14.63 -32.08 71.23
C LEU D 275 -13.39 -31.82 72.07
N SER D 276 -13.54 -31.94 73.39
CA SER D 276 -12.41 -31.75 74.30
C SER D 276 -11.43 -32.92 74.19
N ALA D 277 -10.20 -32.70 74.66
CA ALA D 277 -9.15 -33.74 74.62
C ALA D 277 -9.62 -35.04 75.31
N ASP D 278 -10.43 -34.90 76.36
CA ASP D 278 -10.96 -36.07 77.09
C ASP D 278 -11.98 -36.82 76.24
N GLU D 279 -12.90 -36.07 75.63
CA GLU D 279 -13.88 -36.63 74.68
C GLU D 279 -13.16 -37.39 73.56
N LEU D 280 -12.05 -36.83 73.08
CA LEU D 280 -11.23 -37.45 72.03
C LEU D 280 -10.45 -38.67 72.55
N ALA D 281 -10.05 -38.61 73.82
CA ALA D 281 -9.48 -39.78 74.49
C ALA D 281 -10.46 -40.96 74.39
N GLU D 282 -11.69 -40.71 74.83
CA GLU D 282 -12.72 -41.76 74.91
C GLU D 282 -13.14 -42.34 73.55
N LEU D 283 -13.13 -41.49 72.53
CA LEU D 283 -13.36 -41.96 71.16
C LEU D 283 -12.14 -42.69 70.60
N GLU D 284 -10.94 -42.27 71.00
CA GLU D 284 -9.70 -42.96 70.59
C GLU D 284 -9.74 -44.43 71.03
N GLN D 285 -10.23 -44.66 72.25
CA GLN D 285 -10.43 -46.01 72.79
C GLN D 285 -11.44 -46.79 71.97
N ALA D 286 -12.56 -46.15 71.66
CA ALA D 286 -13.61 -46.72 70.81
C ALA D 286 -13.04 -47.30 69.49
N THR D 287 -12.23 -46.52 68.81
CA THR D 287 -11.62 -46.93 67.54
C THR D 287 -10.62 -48.08 67.74
N ALA D 288 -9.99 -48.10 68.91
CA ALA D 288 -9.06 -49.17 69.27
C ALA D 288 -9.80 -50.48 69.58
N GLN D 289 -10.81 -50.37 70.44
CA GLN D 289 -11.52 -51.53 71.00
C GLN D 289 -12.75 -51.99 70.21
N ARG D 290 -13.38 -51.08 69.49
CA ARG D 290 -14.67 -51.35 68.83
C ARG D 290 -14.70 -50.75 67.41
N PRO D 291 -13.69 -51.08 66.58
CA PRO D 291 -13.47 -50.43 65.27
C PRO D 291 -14.59 -50.60 64.22
N GLN D 292 -15.30 -51.72 64.24
CA GLN D 292 -16.36 -51.99 63.25
C GLN D 292 -17.65 -51.24 63.59
N GLN D 293 -17.61 -50.56 64.73
CA GLN D 293 -18.77 -49.89 65.30
C GLN D 293 -18.80 -48.41 64.92
N ARG D 294 -17.64 -47.86 64.58
CA ARG D 294 -17.50 -46.53 63.97
C ARG D 294 -17.96 -45.35 64.82
N ALA D 295 -17.81 -45.47 66.14
CA ALA D 295 -18.24 -44.39 67.04
C ALA D 295 -17.64 -43.03 66.61
N ALA D 296 -16.36 -43.06 66.27
CA ALA D 296 -15.62 -41.85 65.88
C ALA D 296 -16.09 -41.30 64.54
N GLN D 297 -16.35 -42.18 63.58
CA GLN D 297 -16.76 -41.75 62.25
C GLN D 297 -18.15 -41.12 62.27
N ARG D 298 -19.05 -41.73 63.02
CA ARG D 298 -20.44 -41.26 63.13
C ARG D 298 -20.51 -39.94 63.88
N ARG D 299 -19.62 -39.75 64.84
CA ARG D 299 -19.57 -38.49 65.59
C ARG D 299 -19.03 -37.38 64.70
N LEU D 300 -17.93 -37.68 64.02
CA LEU D 300 -17.36 -36.74 63.07
C LEU D 300 -18.40 -36.33 62.05
N ALA D 301 -19.16 -37.32 61.57
CA ALA D 301 -20.14 -37.12 60.51
C ALA D 301 -21.27 -36.20 60.94
N SER D 302 -21.76 -36.42 62.15
CA SER D 302 -22.87 -35.61 62.67
C SER D 302 -22.43 -34.18 62.96
N GLU D 303 -21.24 -34.03 63.54
CA GLU D 303 -20.71 -32.71 63.88
C GLU D 303 -20.50 -31.83 62.64
N LEU D 304 -19.91 -32.40 61.60
CA LEU D 304 -19.69 -31.67 60.36
C LEU D 304 -20.97 -31.47 59.53
N THR D 305 -21.91 -32.41 59.60
CA THR D 305 -23.20 -32.25 58.92
C THR D 305 -24.11 -31.26 59.65
N VAL D 306 -24.15 -31.30 60.97
CA VAL D 306 -24.89 -30.30 61.75
C VAL D 306 -24.34 -28.91 61.45
N LEU D 307 -23.02 -28.78 61.56
CA LEU D 307 -22.33 -27.52 61.29
C LEU D 307 -22.84 -26.87 60.02
N VAL D 308 -22.78 -27.62 58.92
CA VAL D 308 -23.05 -27.07 57.59
C VAL D 308 -24.53 -27.04 57.20
N HIS D 309 -25.24 -28.14 57.47
CA HIS D 309 -26.63 -28.33 57.00
C HIS D 309 -27.70 -28.31 58.10
N GLY D 310 -27.30 -28.08 59.34
CA GLY D 310 -28.25 -28.01 60.45
C GLY D 310 -28.65 -29.37 61.03
N GLU D 311 -29.38 -29.34 62.14
CA GLU D 311 -29.76 -30.55 62.91
C GLU D 311 -30.85 -31.39 62.27
N ALA D 312 -31.94 -30.74 61.87
CA ALA D 312 -33.06 -31.42 61.22
C ALA D 312 -32.59 -32.25 60.03
N ALA D 313 -31.75 -31.64 59.20
CA ALA D 313 -31.22 -32.28 57.99
C ALA D 313 -30.27 -33.45 58.33
N THR D 314 -29.49 -33.26 59.39
CA THR D 314 -28.57 -34.29 59.88
C THR D 314 -29.34 -35.49 60.41
N ALA D 315 -30.42 -35.23 61.14
CA ALA D 315 -31.22 -36.30 61.75
C ALA D 315 -31.72 -37.27 60.67
N ALA D 316 -32.32 -36.71 59.62
CA ALA D 316 -32.80 -37.50 58.47
C ALA D 316 -31.69 -38.39 57.90
N VAL D 317 -30.55 -37.78 57.64
CA VAL D 317 -29.40 -38.44 57.02
C VAL D 317 -28.90 -39.61 57.85
N GLU D 318 -28.84 -39.39 59.15
CA GLU D 318 -28.43 -40.45 60.08
C GLU D 318 -29.37 -41.66 60.00
N HIS D 319 -30.68 -41.39 60.10
CA HIS D 319 -31.70 -42.44 60.05
C HIS D 319 -31.61 -43.21 58.74
N ALA D 320 -31.53 -42.44 57.67
CA ALA D 320 -31.34 -42.99 56.33
C ALA D 320 -30.07 -43.82 56.30
N SER D 321 -28.98 -43.26 56.80
CA SER D 321 -27.69 -43.97 56.79
C SER D 321 -27.76 -45.29 57.56
N ARG D 322 -28.43 -45.29 58.71
CA ARG D 322 -28.58 -46.52 59.51
C ARG D 322 -29.56 -47.52 58.86
N ALA D 323 -30.70 -47.01 58.42
CA ALA D 323 -31.70 -47.79 57.69
C ALA D 323 -31.08 -48.59 56.55
N LEU D 324 -30.28 -47.88 55.75
CA LEU D 324 -29.64 -48.44 54.54
C LEU D 324 -28.65 -49.56 54.84
N PHE D 325 -28.17 -49.63 56.08
CA PHE D 325 -27.20 -50.66 56.47
C PHE D 325 -27.74 -51.66 57.51
N GLY D 326 -29.03 -51.89 57.47
CA GLY D 326 -29.67 -52.84 58.39
C GLY D 326 -29.68 -52.44 59.84
N ARG D 327 -29.35 -51.18 60.11
CA ARG D 327 -29.31 -50.65 61.47
C ARG D 327 -30.59 -49.90 61.76
N GLY D 328 -31.55 -49.99 60.86
CA GLY D 328 -32.74 -49.18 60.95
C GLY D 328 -33.95 -49.75 60.25
N GLU D 329 -34.74 -48.85 59.68
CA GLU D 329 -36.17 -48.99 59.58
C GLU D 329 -36.71 -48.50 58.24
N LEU D 330 -35.91 -48.63 57.19
CA LEU D 330 -36.07 -47.80 55.98
C LEU D 330 -37.50 -47.55 55.46
N ALA D 331 -38.48 -48.33 55.91
CA ALA D 331 -39.88 -47.99 55.67
C ALA D 331 -40.26 -46.58 56.18
N ARG D 332 -39.63 -46.13 57.27
CA ARG D 332 -39.97 -44.82 57.87
C ARG D 332 -39.24 -43.63 57.26
N LEU D 333 -38.36 -43.86 56.29
CA LEU D 333 -37.67 -42.78 55.59
C LEU D 333 -38.57 -42.22 54.50
N ASP D 334 -38.66 -40.89 54.40
CA ASP D 334 -39.52 -40.26 53.39
C ASP D 334 -38.81 -40.17 52.04
N GLU D 335 -39.58 -40.28 50.97
CA GLU D 335 -39.06 -40.45 49.59
C GLU D 335 -37.89 -39.54 49.25
N ALA D 336 -37.99 -38.27 49.59
CA ALA D 336 -36.92 -37.29 49.30
C ALA D 336 -35.58 -37.77 49.85
N THR D 337 -35.60 -38.18 51.12
CA THR D 337 -34.42 -38.66 51.84
C THR D 337 -33.85 -39.93 51.22
N LEU D 338 -34.70 -40.95 51.09
CA LEU D 338 -34.32 -42.25 50.52
C LEU D 338 -33.77 -42.11 49.10
N ALA D 339 -34.46 -41.30 48.29
CA ALA D 339 -34.02 -41.04 46.92
C ALA D 339 -32.59 -40.47 46.89
N ALA D 340 -32.40 -39.37 47.62
CA ALA D 340 -31.08 -38.75 47.78
C ALA D 340 -30.04 -39.79 48.20
N ALA D 341 -30.35 -40.55 49.24
CA ALA D 341 -29.43 -41.56 49.78
C ALA D 341 -29.00 -42.53 48.69
N LEU D 342 -30.00 -43.03 47.97
CA LEU D 342 -29.80 -44.04 46.94
C LEU D 342 -29.05 -43.51 45.72
N ARG D 343 -29.23 -42.23 45.40
CA ARG D 343 -28.57 -41.65 44.22
C ARG D 343 -27.04 -41.46 44.38
N GLU D 344 -26.53 -41.66 45.60
CA GLU D 344 -25.08 -41.68 45.82
C GLU D 344 -24.48 -43.05 45.51
N THR D 345 -25.26 -44.11 45.66
CA THR D 345 -24.84 -45.46 45.25
C THR D 345 -25.19 -45.74 43.79
N THR D 346 -24.65 -46.82 43.25
CA THR D 346 -25.02 -47.26 41.91
C THR D 346 -26.45 -47.77 41.99
N VAL D 347 -27.26 -47.50 40.97
CA VAL D 347 -28.68 -47.88 40.98
C VAL D 347 -29.15 -48.50 39.67
N ALA D 348 -29.59 -49.75 39.74
CA ALA D 348 -30.13 -50.49 38.60
C ALA D 348 -31.59 -50.09 38.36
N GLU D 349 -31.88 -49.52 37.20
CA GLU D 349 -33.22 -48.99 36.91
C GLU D 349 -34.10 -50.01 36.17
N LEU D 350 -34.87 -50.77 36.96
CA LEU D 350 -35.66 -51.89 36.45
C LEU D 350 -36.95 -51.43 35.74
N LYS D 351 -37.17 -52.02 34.57
CA LYS D 351 -38.28 -51.68 33.69
C LYS D 351 -39.12 -52.93 33.47
N PRO D 352 -40.21 -52.84 32.67
CA PRO D 352 -40.89 -54.05 32.22
C PRO D 352 -39.94 -55.04 31.56
N GLY D 353 -40.21 -56.33 31.76
CA GLY D 353 -39.14 -57.33 31.77
C GLY D 353 -38.53 -57.20 33.16
N SER D 354 -37.23 -57.42 33.33
CA SER D 354 -36.35 -58.04 32.33
C SER D 354 -35.31 -58.84 33.12
N PRO D 355 -34.60 -58.20 34.05
CA PRO D 355 -34.19 -58.91 35.27
C PRO D 355 -35.41 -59.47 36.06
N ASP D 356 -35.92 -58.72 37.04
CA ASP D 356 -37.04 -59.15 37.92
C ASP D 356 -36.72 -60.36 38.81
N GLY D 357 -35.45 -60.58 39.11
CA GLY D 357 -35.04 -61.73 39.93
C GLY D 357 -33.78 -61.40 40.71
N ILE D 358 -33.73 -61.83 41.96
CA ILE D 358 -32.65 -61.46 42.88
C ILE D 358 -31.27 -61.61 42.27
N VAL D 359 -31.08 -62.70 41.54
CA VAL D 359 -29.80 -62.98 40.90
C VAL D 359 -29.53 -61.89 39.87
N ASP D 360 -30.55 -61.64 39.06
CA ASP D 360 -30.47 -60.70 37.97
C ASP D 360 -30.18 -59.32 38.55
N LEU D 361 -31.05 -58.88 39.47
CA LEU D 361 -30.96 -57.57 40.17
C LEU D 361 -29.59 -57.30 40.78
N LEU D 362 -29.00 -58.30 41.42
CA LEU D 362 -27.69 -58.13 42.05
C LEU D 362 -26.61 -57.73 41.05
N VAL D 363 -26.62 -58.41 39.90
CA VAL D 363 -25.62 -58.17 38.85
C VAL D 363 -25.88 -56.83 38.17
N ALA D 364 -27.16 -56.54 37.92
CA ALA D 364 -27.59 -55.28 37.29
C ALA D 364 -27.20 -54.07 38.12
N SER D 365 -27.48 -54.14 39.43
CA SER D 365 -27.16 -53.06 40.37
C SER D 365 -25.67 -52.94 40.67
N GLY D 366 -24.88 -53.85 40.10
CA GLY D 366 -23.44 -53.87 40.29
C GLY D 366 -23.01 -54.38 41.65
N LEU D 367 -23.88 -55.12 42.34
CA LEU D 367 -23.52 -55.71 43.64
C LEU D 367 -22.76 -57.01 43.46
N SER D 368 -23.18 -57.80 42.48
CA SER D 368 -22.45 -58.99 42.10
C SER D 368 -21.89 -58.82 40.67
N ALA D 369 -20.65 -59.28 40.48
CA ALA D 369 -20.02 -59.22 39.17
C ALA D 369 -20.70 -60.20 38.22
N SER D 370 -20.59 -61.47 38.56
CA SER D 370 -21.11 -62.56 37.75
C SER D 370 -22.49 -62.96 38.28
N LYS D 371 -23.30 -63.57 37.43
CA LYS D 371 -24.53 -64.25 37.86
C LYS D 371 -24.15 -65.44 38.75
N GLY D 372 -22.96 -65.99 38.50
CA GLY D 372 -22.40 -67.03 39.35
C GLY D 372 -22.11 -66.50 40.74
N ALA D 373 -21.50 -65.32 40.80
CA ALA D 373 -21.12 -64.68 42.07
C ALA D 373 -22.35 -64.40 42.93
N ALA D 374 -23.41 -63.93 42.28
CA ALA D 374 -24.68 -63.64 42.95
C ALA D 374 -25.19 -64.89 43.65
N ARG D 375 -25.33 -65.97 42.89
CA ARG D 375 -25.79 -67.23 43.45
C ARG D 375 -24.99 -67.57 44.71
N ARG D 376 -23.67 -67.48 44.60
CA ARG D 376 -22.79 -67.85 45.72
C ARG D 376 -23.17 -67.10 46.98
N THR D 377 -23.02 -65.78 46.95
CA THR D 377 -23.29 -64.95 48.13
C THR D 377 -24.72 -65.14 48.68
N ILE D 378 -25.71 -65.25 47.79
CA ILE D 378 -27.07 -65.59 48.19
C ILE D 378 -27.09 -66.82 49.11
N HIS D 379 -26.40 -67.87 48.70
CA HIS D 379 -26.35 -69.14 49.45
C HIS D 379 -25.46 -69.10 50.69
N GLU D 380 -24.74 -68.00 50.88
CA GLU D 380 -24.01 -67.70 52.12
C GLU D 380 -24.80 -66.80 53.07
N GLY D 381 -26.08 -66.60 52.78
CA GLY D 381 -26.93 -65.69 53.55
C GLY D 381 -26.57 -64.20 53.51
N GLY D 382 -25.58 -63.85 52.70
CA GLY D 382 -25.04 -62.48 52.69
C GLY D 382 -25.87 -61.43 51.98
N VAL D 383 -26.92 -61.85 51.29
CA VAL D 383 -27.79 -60.93 50.54
C VAL D 383 -29.09 -60.63 51.27
N SER D 384 -29.50 -59.37 51.21
CA SER D 384 -30.78 -58.92 51.77
C SER D 384 -31.43 -57.92 50.85
N VAL D 385 -32.73 -58.07 50.62
CA VAL D 385 -33.54 -57.02 50.00
C VAL D 385 -34.38 -56.33 51.08
N ASN D 386 -34.29 -55.00 51.13
CA ASN D 386 -35.04 -54.20 52.10
C ASN D 386 -34.83 -54.66 53.54
N ASN D 387 -33.59 -55.03 53.83
CA ASN D 387 -33.16 -55.42 55.18
C ASN D 387 -33.69 -56.77 55.62
N ILE D 388 -34.45 -57.44 54.76
CA ILE D 388 -34.91 -58.81 55.01
C ILE D 388 -34.06 -59.77 54.19
N ARG D 389 -33.60 -60.85 54.82
CA ARG D 389 -32.67 -61.76 54.16
C ARG D 389 -33.32 -62.61 53.09
N VAL D 390 -32.53 -62.98 52.09
CA VAL D 390 -33.00 -63.78 50.97
C VAL D 390 -32.28 -65.13 50.88
N ASP D 391 -33.02 -66.20 51.21
CA ASP D 391 -32.52 -67.59 51.11
C ASP D 391 -32.63 -68.09 49.68
N ASN D 392 -33.79 -67.83 49.08
CA ASN D 392 -34.17 -68.40 47.78
C ASN D 392 -33.44 -67.78 46.61
N GLU D 393 -32.83 -68.62 45.80
CA GLU D 393 -32.07 -68.18 44.61
C GLU D 393 -32.98 -67.56 43.53
N GLU D 394 -34.24 -67.99 43.49
CA GLU D 394 -35.20 -67.58 42.45
C GLU D 394 -36.16 -66.45 42.91
N TRP D 395 -35.90 -65.90 44.09
CA TRP D 395 -36.70 -64.79 44.65
C TRP D 395 -37.11 -63.78 43.59
N VAL D 396 -38.36 -63.35 43.67
CA VAL D 396 -38.91 -62.37 42.72
C VAL D 396 -39.47 -61.20 43.55
N PRO D 397 -39.30 -59.96 43.08
CA PRO D 397 -39.86 -58.83 43.80
C PRO D 397 -41.37 -58.74 43.69
N GLN D 398 -42.03 -58.86 44.83
CA GLN D 398 -43.47 -58.62 44.93
C GLN D 398 -43.75 -57.13 44.70
N SER D 399 -45.00 -56.82 44.37
CA SER D 399 -45.42 -55.42 44.18
C SER D 399 -45.29 -54.59 45.45
N SER D 400 -45.67 -55.21 46.57
CA SER D 400 -45.67 -54.53 47.87
C SER D 400 -44.26 -54.32 48.46
N ASP D 401 -43.24 -54.91 47.83
CA ASP D 401 -41.85 -54.74 48.29
C ASP D 401 -41.26 -53.35 48.07
N PHE D 402 -41.64 -52.68 47.00
CA PHE D 402 -41.06 -51.37 46.65
C PHE D 402 -41.41 -50.26 47.67
N LEU D 403 -40.39 -49.58 48.18
CA LEU D 403 -40.59 -48.44 49.07
C LEU D 403 -41.08 -47.28 48.22
N HIS D 404 -42.17 -46.66 48.66
CA HIS D 404 -42.81 -45.56 47.93
C HIS D 404 -43.07 -45.92 46.46
N GLY D 405 -43.35 -47.19 46.22
CA GLY D 405 -43.65 -47.69 44.87
C GLY D 405 -42.49 -47.65 43.87
N ARG D 406 -41.33 -47.18 44.32
CA ARG D 406 -40.19 -46.90 43.43
C ARG D 406 -38.92 -47.72 43.72
N TRP D 407 -38.69 -48.09 44.98
CA TRP D 407 -37.33 -48.47 45.43
C TRP D 407 -37.19 -49.85 46.09
N LEU D 408 -36.13 -50.55 45.73
CA LEU D 408 -35.63 -51.70 46.49
C LEU D 408 -34.23 -51.36 46.97
N VAL D 409 -33.87 -51.87 48.14
CA VAL D 409 -32.54 -51.69 48.68
C VAL D 409 -31.88 -53.04 48.83
N LEU D 410 -30.89 -53.31 47.99
CA LEU D 410 -30.09 -54.53 48.05
C LEU D 410 -28.86 -54.31 48.93
N ARG D 411 -28.42 -55.36 49.60
CA ARG D 411 -27.22 -55.29 50.42
C ARG D 411 -26.47 -56.60 50.47
N ARG D 412 -25.16 -56.55 50.32
CA ARG D 412 -24.29 -57.71 50.58
C ARG D 412 -23.48 -57.45 51.84
N GLY D 413 -23.33 -58.48 52.66
CA GLY D 413 -22.72 -58.32 53.99
C GLY D 413 -23.43 -57.25 54.82
N LYS D 414 -22.65 -56.43 55.52
CA LYS D 414 -23.18 -55.32 56.32
C LYS D 414 -22.66 -53.97 55.83
N ARG D 415 -22.00 -53.96 54.67
CA ARG D 415 -21.19 -52.81 54.22
C ARG D 415 -21.50 -52.29 52.81
N SER D 416 -21.92 -53.17 51.90
CA SER D 416 -22.06 -52.79 50.48
C SER D 416 -23.52 -52.80 50.07
N ILE D 417 -24.00 -51.68 49.56
CA ILE D 417 -25.40 -51.58 49.13
C ILE D 417 -25.57 -51.00 47.73
N ALA D 418 -26.63 -51.43 47.07
CA ALA D 418 -27.01 -50.89 45.77
C ALA D 418 -28.52 -50.80 45.73
N GLY D 419 -29.03 -49.94 44.86
CA GLY D 419 -30.47 -49.71 44.75
C GLY D 419 -31.09 -50.29 43.51
N VAL D 420 -32.41 -50.28 43.47
CA VAL D 420 -33.17 -50.72 42.29
C VAL D 420 -34.40 -49.82 42.11
N GLU D 421 -34.43 -49.09 40.99
CA GLU D 421 -35.52 -48.14 40.69
C GLU D 421 -36.50 -48.68 39.65
N ARG D 422 -37.75 -48.82 40.07
CA ARG D 422 -38.86 -49.19 39.17
C ARG D 422 -39.12 -48.06 38.15
N ILE D 423 -39.36 -48.43 36.90
CA ILE D 423 -39.50 -47.48 35.78
C ILE D 423 -40.69 -47.86 34.87
N GLY D 424 -41.21 -46.87 34.16
CA GLY D 424 -42.28 -47.08 33.18
C GLY D 424 -41.98 -46.45 31.84
#